data_6TVT
#
_entry.id   6TVT
#
_cell.length_a   70.014
_cell.length_b   211.830
_cell.length_c   82.224
_cell.angle_alpha   90.000
_cell.angle_beta   104.700
_cell.angle_gamma   90.000
#
_symmetry.space_group_name_H-M   'P 1 21 1'
#
loop_
_entity.id
_entity.type
_entity.pdbx_description
1 polymer 'Hemagglutinin HA1'
2 polymer 'Hemagglutinin HA2'
3 branched 'N-acetyl-alpha-neuraminic acid-(2-6)-beta-D-galactopyranose'
4 branched 2-acetamido-2-deoxy-beta-D-glucopyranose-(1-4)-2-acetamido-2-deoxy-beta-D-glucopyranose
5 branched 'N-acetyl-alpha-neuraminic acid-(2-6)-beta-D-galactopyranose-(1-4)-2-acetamido-2-deoxy-beta-D-glucopyranose'
6 non-polymer 'CALCIUM ION'
7 non-polymer 2-acetamido-2-deoxy-beta-D-glucopyranose
8 water water
#
loop_
_entity_poly.entity_id
_entity_poly.type
_entity_poly.pdbx_seq_one_letter_code
_entity_poly.pdbx_strand_id
1 'polypeptide(L)'
;DPDKICLGHHAVANGTIVKTLTNEQEEVTNATETVESTSLNRLCMKGRNHKDLGNCHPIGMLIGTPACDLHLTGTWDTLI
ERKNAIAYCYPGATVNEEALRQKIMESGGISKINTGFTYGSSINSAGTTKACMRNGGNSFYAELKWLVSKNKGQNFPQTT
NTYRNADTAEHLIMWGIHHPSSTQEKNDLYGTQSLSISVGSSTYKNNFVPVVGARPQVNGLSRIDFHWTLVQPGDKITFS
HNGGLIAPSRVSKLIGRGLGIQSEAPIDNSCESKCFWRGGSINTRLPFQNLSPRTVGQCPKYVNKKSLMLATGMRNVPEL
VQGR
;
A,C,E
2 'polypeptide(L)'
;GLFGAIAGFIENGWEGMVDGWYGFRHQNAQGTGQAADYKSTQAAIDQITGKLNRIIKKTNTEFESIESEFSEIDHQIGNV
INWTKDSITDIWTYQAELLVAMENQHTIDMADSEMLNLYERVRKQLRQNAEEDGKGCFEIYHACDDSCMESIRNNTYDHS
QYREEALLNRLNINPVK
;
B,D,F
#
loop_
_chem_comp.id
_chem_comp.type
_chem_comp.name
_chem_comp.formula
CA non-polymer 'CALCIUM ION' 'Ca 2'
GAL D-saccharide, beta linking beta-D-galactopyranose 'C6 H12 O6'
NAG D-saccharide, beta linking 2-acetamido-2-deoxy-beta-D-glucopyranose 'C8 H15 N O6'
SIA D-saccharide, alpha linking 'N-acetyl-alpha-neuraminic acid' 'C11 H19 N O9'
#
# COMPACT_ATOMS: atom_id res chain seq x y z
N ASP A 1 30.41 58.61 8.97
CA ASP A 1 29.85 59.66 9.87
C ASP A 1 28.67 59.17 10.75
N PRO A 2 27.61 58.59 10.14
CA PRO A 2 26.47 58.16 10.97
C PRO A 2 26.72 56.84 11.69
N ASP A 3 26.04 56.63 12.82
CA ASP A 3 26.10 55.37 13.57
C ASP A 3 25.31 54.30 12.82
N LYS A 4 25.64 53.03 13.09
CA LYS A 4 25.02 51.90 12.40
C LYS A 4 24.50 50.85 13.36
N ILE A 5 23.38 50.23 13.00
CA ILE A 5 22.91 48.99 13.61
C ILE A 5 22.62 48.00 12.48
N CYS A 6 23.21 46.82 12.58
CA CYS A 6 23.18 45.81 11.52
C CYS A 6 22.42 44.59 11.97
N LEU A 7 21.51 44.12 11.12
CA LEU A 7 20.77 42.88 11.37
C LEU A 7 21.49 41.74 10.67
N GLY A 8 21.50 40.58 11.33
CA GLY A 8 22.16 39.40 10.78
C GLY A 8 21.72 38.11 11.43
N HIS A 9 22.33 37.02 10.98
CA HIS A 9 22.00 35.67 11.43
C HIS A 9 23.27 34.85 11.62
N HIS A 10 23.16 33.77 12.37
CA HIS A 10 24.34 32.95 12.69
C HIS A 10 24.74 32.03 11.52
N ALA A 11 25.97 31.55 11.60
CA ALA A 11 26.50 30.56 10.65
C ALA A 11 27.49 29.65 11.36
N VAL A 12 27.86 28.56 10.69
CA VAL A 12 28.85 27.61 11.20
C VAL A 12 29.91 27.34 10.15
N ALA A 13 31.09 26.91 10.60
CA ALA A 13 32.19 26.60 9.70
C ALA A 13 31.89 25.34 8.89
N ASN A 14 31.50 24.28 9.58
CA ASN A 14 31.17 22.99 8.97
C ASN A 14 29.65 22.80 8.88
N GLY A 15 29.09 23.19 7.73
CA GLY A 15 27.67 22.97 7.43
C GLY A 15 27.42 21.57 6.93
N THR A 16 26.14 21.23 6.75
CA THR A 16 25.73 19.89 6.28
C THR A 16 24.74 19.99 5.11
N ILE A 17 24.87 19.06 4.17
CA ILE A 17 24.10 19.08 2.92
C ILE A 17 22.75 18.38 3.09
N VAL A 18 21.68 19.02 2.58
CA VAL A 18 20.35 18.43 2.55
C VAL A 18 19.69 18.64 1.19
N LYS A 19 18.66 17.83 0.91
CA LYS A 19 17.85 17.96 -0.30
C LYS A 19 16.60 18.78 -0.02
N THR A 20 16.28 19.70 -0.91
CA THR A 20 15.01 20.44 -0.86
C THR A 20 14.20 20.06 -2.10
N LEU A 21 13.01 20.65 -2.24
CA LEU A 21 12.20 20.48 -3.45
C LEU A 21 12.92 20.99 -4.70
N THR A 22 13.76 22.00 -4.52
CA THR A 22 14.40 22.70 -5.62
C THR A 22 15.93 22.53 -5.76
N ASN A 23 16.59 21.95 -4.75
CA ASN A 23 18.06 21.88 -4.72
C ASN A 23 18.55 20.55 -4.13
N GLU A 24 19.45 19.89 -4.85
CA GLU A 24 20.11 18.67 -4.39
C GLU A 24 21.22 18.95 -3.35
N GLN A 25 21.94 20.05 -3.50
CA GLN A 25 23.14 20.36 -2.71
C GLN A 25 22.97 21.63 -1.87
N GLU A 26 21.97 21.63 -0.98
CA GLU A 26 21.67 22.79 -0.14
C GLU A 26 22.37 22.66 1.21
N GLU A 27 23.23 23.63 1.54
CA GLU A 27 23.97 23.62 2.80
C GLU A 27 23.19 24.35 3.90
N VAL A 28 23.01 23.67 5.03
CA VAL A 28 22.30 24.24 6.18
C VAL A 28 23.19 24.17 7.43
N THR A 29 22.80 24.91 8.47
CA THR A 29 23.59 24.98 9.70
C THR A 29 23.58 23.67 10.49
N ASN A 30 22.44 22.97 10.46
CA ASN A 30 22.30 21.69 11.15
C ASN A 30 21.22 20.83 10.50
N ALA A 31 21.39 19.51 10.60
CA ALA A 31 20.40 18.54 10.11
C ALA A 31 20.42 17.27 10.94
N THR A 32 19.38 16.45 10.80
CA THR A 32 19.24 15.21 11.56
C THR A 32 18.71 14.07 10.66
N GLU A 33 19.17 12.86 10.94
CA GLU A 33 18.88 11.68 10.13
C GLU A 33 17.45 11.18 10.37
N THR A 34 16.76 10.77 9.30
CA THR A 34 15.40 10.18 9.40
C THR A 34 15.35 8.67 9.10
N VAL A 35 16.41 8.12 8.50
CA VAL A 35 16.48 6.69 8.17
C VAL A 35 17.52 6.00 9.06
N GLU A 36 17.09 5.00 9.82
CA GLU A 36 18.00 4.23 10.67
C GLU A 36 18.72 3.17 9.83
N SER A 37 20.04 3.10 9.96
CA SER A 37 20.88 2.15 9.22
C SER A 37 21.74 1.23 10.10
N THR A 38 21.45 1.17 11.40
CA THR A 38 22.18 0.34 12.36
C THR A 38 21.20 -0.40 13.26
N SER A 39 21.51 -1.66 13.56
CA SER A 39 20.67 -2.52 14.38
C SER A 39 21.47 -3.13 15.51
N LEU A 40 20.81 -3.35 16.65
CA LEU A 40 21.37 -4.15 17.73
C LEU A 40 21.24 -5.62 17.33
N ASN A 41 22.35 -6.37 17.36
CA ASN A 41 22.34 -7.80 17.00
C ASN A 41 21.97 -8.67 18.20
N ARG A 42 20.82 -8.34 18.81
CA ARG A 42 20.33 -8.97 20.03
C ARG A 42 18.81 -8.79 20.10
N LEU A 43 18.11 -9.79 20.62
CA LEU A 43 16.67 -9.70 20.83
C LEU A 43 16.39 -9.03 22.17
N CYS A 44 15.92 -7.78 22.12
CA CYS A 44 15.66 -6.97 23.32
C CYS A 44 14.34 -7.34 23.97
N MET A 45 14.38 -8.20 24.99
CA MET A 45 13.19 -8.78 25.62
C MET A 45 12.81 -8.20 26.99
N LYS A 46 13.31 -7.01 27.34
CA LYS A 46 12.95 -6.38 28.63
C LYS A 46 11.47 -5.98 28.63
N GLY A 47 10.78 -6.31 29.72
CA GLY A 47 9.35 -6.06 29.84
C GLY A 47 8.47 -6.97 28.99
N ARG A 48 8.98 -8.17 28.68
CA ARG A 48 8.24 -9.16 27.89
C ARG A 48 8.30 -10.54 28.53
N ASN A 49 7.13 -11.13 28.78
CA ASN A 49 7.03 -12.53 29.16
C ASN A 49 7.32 -13.38 27.92
N HIS A 50 8.60 -13.69 27.71
CA HIS A 50 9.06 -14.37 26.48
C HIS A 50 9.44 -15.83 26.70
N LYS A 51 9.46 -16.57 25.58
CA LYS A 51 9.91 -17.97 25.55
C LYS A 51 10.87 -18.14 24.37
N ASP A 52 12.14 -18.38 24.67
CA ASP A 52 13.11 -18.80 23.67
C ASP A 52 13.02 -20.31 23.55
N LEU A 53 12.55 -20.79 22.40
CA LEU A 53 12.41 -22.23 22.16
C LEU A 53 13.76 -22.94 21.97
N GLY A 54 14.76 -22.22 21.49
CA GLY A 54 16.10 -22.79 21.28
C GLY A 54 16.09 -23.82 20.18
N ASN A 55 16.36 -25.08 20.56
CA ASN A 55 16.38 -26.20 19.60
C ASN A 55 14.97 -26.77 19.33
N CYS A 56 13.97 -26.34 20.10
CA CYS A 56 12.58 -26.81 19.94
C CYS A 56 11.85 -26.08 18.80
N HIS A 57 11.23 -26.84 17.91
CA HIS A 57 10.35 -26.30 16.86
C HIS A 57 8.93 -26.18 17.43
N PRO A 58 8.17 -25.12 17.05
CA PRO A 58 6.81 -24.90 17.58
C PRO A 58 5.87 -26.11 17.52
N ILE A 59 5.87 -26.85 16.42
CA ILE A 59 5.05 -28.06 16.27
C ILE A 59 5.44 -29.15 17.29
N GLY A 60 6.73 -29.24 17.62
CA GLY A 60 7.21 -30.15 18.67
C GLY A 60 6.60 -29.94 20.04
N MET A 61 6.14 -28.73 20.34
CA MET A 61 5.39 -28.44 21.58
C MET A 61 4.07 -29.19 21.64
N LEU A 62 3.37 -29.28 20.49
CA LEU A 62 2.06 -29.92 20.42
C LEU A 62 2.13 -31.45 20.53
N ILE A 63 3.14 -32.05 19.91
CA ILE A 63 3.31 -33.51 19.88
C ILE A 63 4.20 -34.05 21.00
N GLY A 64 5.18 -33.25 21.44
CA GLY A 64 6.00 -33.57 22.60
C GLY A 64 7.30 -34.28 22.27
N THR A 65 8.06 -33.68 21.36
CA THR A 65 9.40 -34.16 20.99
C THR A 65 10.35 -33.94 22.19
N PRO A 66 11.33 -34.85 22.41
CA PRO A 66 12.30 -34.71 23.50
C PRO A 66 12.93 -33.32 23.66
N ALA A 67 13.27 -32.68 22.55
CA ALA A 67 13.83 -31.32 22.56
C ALA A 67 12.87 -30.24 23.08
N CYS A 68 11.57 -30.53 23.04
CA CYS A 68 10.52 -29.61 23.52
C CYS A 68 9.94 -29.95 24.90
N ASP A 69 10.65 -30.72 25.72
CA ASP A 69 10.15 -31.11 27.06
C ASP A 69 9.96 -29.92 28.01
N LEU A 70 10.80 -28.90 27.88
CA LEU A 70 10.69 -27.68 28.67
C LEU A 70 9.64 -26.68 28.15
N HIS A 71 9.05 -26.94 26.98
CA HIS A 71 8.10 -26.03 26.33
C HIS A 71 6.76 -26.71 25.97
N LEU A 72 6.34 -27.70 26.74
CA LEU A 72 5.06 -28.40 26.51
C LEU A 72 3.87 -27.57 26.97
N THR A 73 4.05 -26.77 28.02
CA THR A 73 3.03 -25.84 28.51
C THR A 73 3.68 -24.50 28.86
N GLY A 74 2.83 -23.47 28.98
CA GLY A 74 3.27 -22.15 29.41
C GLY A 74 2.41 -21.02 28.88
N THR A 75 2.81 -19.81 29.24
CA THR A 75 2.23 -18.58 28.70
C THR A 75 3.36 -17.66 28.25
N TRP A 76 3.06 -16.82 27.26
CA TRP A 76 4.03 -15.87 26.73
C TRP A 76 3.33 -14.77 25.94
N ASP A 77 3.96 -13.59 25.88
CA ASP A 77 3.56 -12.55 24.93
C ASP A 77 4.41 -12.57 23.64
N THR A 78 5.60 -13.17 23.73
CA THR A 78 6.53 -13.28 22.60
C THR A 78 7.12 -14.69 22.52
N LEU A 79 7.05 -15.31 21.34
CA LEU A 79 7.60 -16.64 21.11
C LEU A 79 8.71 -16.56 20.06
N ILE A 80 9.89 -17.07 20.40
CA ILE A 80 11.09 -16.95 19.56
C ILE A 80 11.48 -18.32 18.99
N GLU A 81 11.46 -18.43 17.66
CA GLU A 81 11.85 -19.64 16.94
C GLU A 81 13.26 -19.46 16.37
N ARG A 82 14.04 -20.54 16.37
CA ARG A 82 15.44 -20.52 15.87
C ARG A 82 15.59 -21.39 14.63
N LYS A 83 16.73 -21.25 13.96
CA LYS A 83 17.04 -22.00 12.75
C LYS A 83 17.40 -23.45 13.08
N ASN A 84 17.04 -24.37 12.18
CA ASN A 84 17.27 -25.82 12.33
C ASN A 84 16.66 -26.39 13.63
N ALA A 85 15.48 -25.90 13.98
CA ALA A 85 14.78 -26.34 15.19
C ALA A 85 14.13 -27.71 14.94
N ILE A 86 14.22 -28.59 15.93
CA ILE A 86 13.78 -29.98 15.80
C ILE A 86 12.29 -30.10 16.14
N ALA A 87 11.50 -30.55 15.16
CA ALA A 87 10.08 -30.87 15.36
C ALA A 87 9.86 -32.38 15.52
N TYR A 88 10.57 -33.20 14.75
CA TYR A 88 10.31 -34.64 14.67
C TYR A 88 11.57 -35.46 15.00
N CYS A 89 11.53 -36.20 16.10
CA CYS A 89 12.60 -37.13 16.47
C CYS A 89 12.58 -38.38 15.58
N TYR A 90 11.38 -38.91 15.34
CA TYR A 90 11.18 -40.01 14.38
C TYR A 90 10.96 -39.42 12.98
N PRO A 91 11.48 -40.08 11.91
CA PRO A 91 11.29 -39.54 10.56
C PRO A 91 9.82 -39.32 10.17
N GLY A 92 9.54 -38.25 9.44
CA GLY A 92 8.18 -37.88 9.05
C GLY A 92 7.98 -36.37 8.98
N ALA A 93 6.74 -35.98 8.73
CA ALA A 93 6.36 -34.57 8.64
C ALA A 93 4.86 -34.40 8.81
N THR A 94 4.45 -33.16 9.10
CA THR A 94 3.04 -32.84 9.30
C THR A 94 2.40 -32.37 8.00
N VAL A 95 1.18 -32.83 7.74
CA VAL A 95 0.38 -32.36 6.61
C VAL A 95 -0.19 -30.99 7.00
N ASN A 96 -0.03 -30.01 6.11
CA ASN A 96 -0.40 -28.61 6.37
C ASN A 96 0.48 -28.05 7.52
N GLU A 97 1.79 -28.20 7.35
CA GLU A 97 2.78 -27.90 8.40
C GLU A 97 2.92 -26.41 8.68
N GLU A 98 3.07 -25.62 7.62
CA GLU A 98 3.29 -24.18 7.73
C GLU A 98 2.10 -23.45 8.35
N ALA A 99 0.89 -23.88 8.02
CA ALA A 99 -0.34 -23.32 8.61
C ALA A 99 -0.41 -23.56 10.13
N LEU A 100 0.04 -24.73 10.56
CA LEU A 100 0.11 -25.07 11.99
C LEU A 100 1.18 -24.25 12.72
N ARG A 101 2.38 -24.19 12.14
CA ARG A 101 3.49 -23.41 12.71
C ARG A 101 3.11 -21.94 12.89
N GLN A 102 2.47 -21.36 11.87
CA GLN A 102 1.97 -19.99 11.94
C GLN A 102 0.96 -19.82 13.09
N LYS A 103 0.00 -20.74 13.18
CA LYS A 103 -1.04 -20.70 14.23
C LYS A 103 -0.47 -20.75 15.64
N ILE A 104 0.59 -21.53 15.85
CA ILE A 104 1.27 -21.61 17.15
C ILE A 104 2.04 -20.31 17.46
N MET A 105 2.72 -19.77 16.46
CA MET A 105 3.48 -18.52 16.62
C MET A 105 2.62 -17.26 16.79
N GLU A 106 1.34 -17.34 16.44
CA GLU A 106 0.37 -16.26 16.72
C GLU A 106 -0.18 -16.31 18.14
N SER A 107 -0.21 -17.49 18.76
CA SER A 107 -0.76 -17.66 20.11
C SER A 107 0.11 -17.04 21.20
N GLY A 108 -0.48 -16.92 22.39
CA GLY A 108 0.20 -16.39 23.57
C GLY A 108 0.26 -17.38 24.72
N GLY A 109 0.51 -18.64 24.40
CA GLY A 109 0.58 -19.71 25.40
C GLY A 109 -0.06 -21.01 24.94
N ILE A 110 0.16 -22.07 25.70
CA ILE A 110 -0.39 -23.39 25.41
C ILE A 110 -0.67 -24.17 26.70
N SER A 111 -1.79 -24.89 26.71
CA SER A 111 -2.17 -25.80 27.80
C SER A 111 -2.64 -27.12 27.22
N LYS A 112 -2.48 -28.20 27.99
CA LYS A 112 -2.76 -29.56 27.54
C LYS A 112 -3.95 -30.16 28.29
N ILE A 113 -4.82 -30.86 27.56
CA ILE A 113 -5.99 -31.53 28.12
C ILE A 113 -5.96 -33.01 27.69
N ASN A 114 -6.26 -33.90 28.62
CA ASN A 114 -6.18 -35.35 28.36
C ASN A 114 -7.37 -35.85 27.54
N THR A 115 -7.09 -36.72 26.57
CA THR A 115 -8.13 -37.33 25.74
C THR A 115 -8.89 -38.42 26.49
N GLY A 116 -8.20 -39.16 27.35
CA GLY A 116 -8.79 -40.28 28.09
C GLY A 116 -9.02 -41.51 27.22
N PHE A 117 -8.12 -41.73 26.27
CA PHE A 117 -8.22 -42.86 25.34
C PHE A 117 -7.74 -44.14 26.02
N THR A 118 -8.65 -45.11 26.13
CA THR A 118 -8.35 -46.43 26.70
C THR A 118 -8.38 -47.48 25.59
N TYR A 119 -7.55 -48.51 25.74
CA TYR A 119 -7.38 -49.55 24.71
C TYR A 119 -7.52 -50.95 25.31
N GLY A 120 -7.77 -51.93 24.44
CA GLY A 120 -7.97 -53.32 24.86
C GLY A 120 -6.69 -54.02 25.30
N SER A 121 -6.85 -55.26 25.77
CA SER A 121 -5.73 -56.08 26.25
C SER A 121 -4.75 -56.49 25.14
N SER A 122 -5.25 -56.65 23.92
CA SER A 122 -4.43 -57.03 22.77
C SER A 122 -3.64 -55.87 22.13
N ILE A 123 -3.87 -54.62 22.59
CA ILE A 123 -3.14 -53.45 22.11
C ILE A 123 -2.07 -53.01 23.12
N ASN A 124 -0.81 -53.03 22.68
CA ASN A 124 0.30 -52.41 23.42
C ASN A 124 0.35 -50.94 23.06
N SER A 125 0.07 -50.07 24.03
CA SER A 125 0.03 -48.61 23.83
C SER A 125 1.35 -47.90 24.15
N ALA A 126 2.33 -48.61 24.72
CA ALA A 126 3.60 -48.02 25.16
C ALA A 126 4.75 -48.35 24.20
N GLY A 127 4.53 -48.10 22.91
CA GLY A 127 5.56 -48.32 21.89
C GLY A 127 6.58 -47.19 21.89
N THR A 128 7.86 -47.54 21.87
CA THR A 128 8.97 -46.58 21.96
C THR A 128 9.93 -46.80 20.78
N THR A 129 10.98 -45.97 20.71
CA THR A 129 11.99 -46.06 19.66
C THR A 129 13.29 -45.37 20.04
N LYS A 130 14.39 -45.83 19.47
CA LYS A 130 15.73 -45.26 19.70
C LYS A 130 15.93 -43.89 19.04
N ALA A 131 15.09 -43.54 18.06
CA ALA A 131 15.12 -42.22 17.42
C ALA A 131 14.72 -41.10 18.38
N CYS A 132 13.77 -41.38 19.27
CA CYS A 132 13.29 -40.43 20.28
C CYS A 132 13.83 -40.81 21.66
N MET A 133 15.09 -40.47 21.93
CA MET A 133 15.73 -40.74 23.22
C MET A 133 15.26 -39.74 24.27
N ARG A 134 14.81 -40.26 25.42
CA ARG A 134 14.45 -39.43 26.57
C ARG A 134 15.08 -40.04 27.83
N ASN A 135 15.79 -39.20 28.58
CA ASN A 135 16.53 -39.59 29.79
C ASN A 135 17.64 -40.62 29.46
N GLY A 136 17.38 -41.92 29.64
CA GLY A 136 18.37 -42.97 29.43
C GLY A 136 18.13 -43.76 28.15
N GLY A 137 16.97 -44.41 28.08
CA GLY A 137 16.64 -45.34 27.00
C GLY A 137 15.64 -44.83 25.99
N ASN A 138 14.95 -45.76 25.34
CA ASN A 138 14.00 -45.45 24.26
C ASN A 138 12.71 -44.85 24.80
N SER A 139 12.12 -43.95 24.00
CA SER A 139 10.89 -43.25 24.38
C SER A 139 10.09 -42.87 23.13
N PHE A 140 9.09 -42.00 23.30
CA PHE A 140 8.23 -41.58 22.19
C PHE A 140 7.71 -40.17 22.42
N TYR A 141 7.12 -39.58 21.38
CA TYR A 141 6.41 -38.29 21.48
C TYR A 141 5.48 -38.31 22.68
N ALA A 142 5.74 -37.43 23.64
CA ALA A 142 5.05 -37.41 24.95
C ALA A 142 3.53 -37.35 24.86
N GLU A 143 3.01 -36.57 23.90
CA GLU A 143 1.57 -36.34 23.78
C GLU A 143 0.84 -37.36 22.89
N LEU A 144 1.56 -38.35 22.35
CA LEU A 144 0.99 -39.36 21.47
C LEU A 144 1.34 -40.76 21.97
N LYS A 145 0.70 -41.77 21.39
CA LYS A 145 0.92 -43.17 21.75
C LYS A 145 1.04 -44.05 20.50
N TRP A 146 2.15 -44.78 20.39
CA TRP A 146 2.34 -45.75 19.31
C TRP A 146 1.60 -47.03 19.68
N LEU A 147 0.45 -47.25 19.04
CA LEU A 147 -0.40 -48.41 19.29
C LEU A 147 0.01 -49.55 18.37
N VAL A 148 0.39 -50.69 18.97
CA VAL A 148 0.73 -51.91 18.23
C VAL A 148 0.10 -53.13 18.89
N SER A 149 0.10 -54.26 18.18
CA SER A 149 -0.42 -55.52 18.72
C SER A 149 0.53 -56.05 19.81
N LYS A 150 -0.05 -56.61 20.87
CA LYS A 150 0.72 -57.13 22.01
C LYS A 150 1.52 -58.37 21.60
N ASN A 151 0.85 -59.31 20.94
CA ASN A 151 1.49 -60.51 20.38
C ASN A 151 2.00 -60.20 18.97
N LYS A 152 3.24 -60.60 18.69
CA LYS A 152 3.89 -60.33 17.40
C LYS A 152 3.26 -61.19 16.31
N GLY A 153 2.72 -60.54 15.27
CA GLY A 153 2.05 -61.22 14.16
C GLY A 153 0.53 -61.15 14.18
N GLN A 154 -0.05 -61.00 15.37
CA GLN A 154 -1.50 -61.00 15.54
C GLN A 154 -2.14 -59.73 14.96
N ASN A 155 -3.40 -59.86 14.53
CA ASN A 155 -4.16 -58.75 13.97
C ASN A 155 -4.55 -57.74 15.06
N PHE A 156 -4.30 -56.46 14.77
CA PHE A 156 -4.68 -55.36 15.66
C PHE A 156 -6.20 -55.20 15.61
N PRO A 157 -6.87 -55.17 16.78
CA PRO A 157 -8.34 -55.20 16.79
C PRO A 157 -9.00 -53.92 16.30
N GLN A 158 -10.23 -54.04 15.81
CA GLN A 158 -11.02 -52.89 15.35
C GLN A 158 -11.41 -52.02 16.55
N THR A 159 -10.70 -50.91 16.73
CA THR A 159 -10.83 -50.05 17.91
C THR A 159 -11.58 -48.76 17.55
N THR A 160 -12.33 -48.25 18.53
CA THR A 160 -13.07 -46.99 18.38
C THR A 160 -12.75 -46.09 19.58
N ASN A 161 -12.22 -44.90 19.30
CA ASN A 161 -11.87 -43.91 20.34
C ASN A 161 -12.52 -42.58 20.00
N THR A 162 -13.16 -41.97 21.00
CA THR A 162 -13.88 -40.71 20.84
C THR A 162 -13.46 -39.70 21.90
N TYR A 163 -13.17 -38.47 21.47
CA TYR A 163 -12.86 -37.35 22.38
C TYR A 163 -13.98 -36.31 22.31
N ARG A 164 -14.44 -35.86 23.49
CA ARG A 164 -15.46 -34.82 23.62
C ARG A 164 -14.80 -33.53 24.11
N ASN A 165 -15.05 -32.43 23.39
CA ASN A 165 -14.57 -31.10 23.79
C ASN A 165 -15.46 -30.56 24.90
N ALA A 166 -14.98 -30.65 26.14
CA ALA A 166 -15.73 -30.19 27.32
C ALA A 166 -15.45 -28.74 27.73
N ASP A 167 -14.54 -28.07 27.02
CA ASP A 167 -14.16 -26.68 27.33
C ASP A 167 -14.95 -25.69 26.47
N THR A 168 -15.04 -24.45 26.93
CA THR A 168 -15.72 -23.37 26.21
C THR A 168 -14.98 -22.92 24.95
N ALA A 169 -13.65 -23.00 24.97
CA ALA A 169 -12.80 -22.66 23.81
C ALA A 169 -12.50 -23.88 22.96
N GLU A 170 -12.11 -23.64 21.70
CA GLU A 170 -11.75 -24.72 20.76
C GLU A 170 -10.41 -25.36 21.12
N HIS A 171 -10.27 -26.64 20.78
CA HIS A 171 -9.04 -27.40 21.01
C HIS A 171 -8.42 -27.86 19.69
N LEU A 172 -7.10 -28.03 19.71
CA LEU A 172 -6.32 -28.50 18.57
C LEU A 172 -5.89 -29.94 18.83
N ILE A 173 -6.36 -30.87 18.00
CA ILE A 173 -6.05 -32.30 18.15
C ILE A 173 -5.11 -32.74 17.02
N MET A 174 -4.10 -33.53 17.37
CA MET A 174 -3.12 -34.07 16.42
C MET A 174 -3.07 -35.59 16.54
N TRP A 175 -2.82 -36.25 15.41
CA TRP A 175 -2.58 -37.69 15.38
C TRP A 175 -1.62 -38.03 14.25
N GLY A 176 -1.00 -39.21 14.34
CA GLY A 176 -0.05 -39.68 13.34
C GLY A 176 -0.53 -40.93 12.62
N ILE A 177 0.11 -41.22 11.50
CA ILE A 177 -0.15 -42.44 10.72
C ILE A 177 1.19 -43.09 10.40
N HIS A 178 1.41 -44.30 10.90
CA HIS A 178 2.66 -45.04 10.62
C HIS A 178 2.63 -45.58 9.20
N HIS A 179 3.74 -45.42 8.48
CA HIS A 179 3.93 -45.94 7.13
C HIS A 179 5.11 -46.92 7.17
N PRO A 180 4.85 -48.23 7.43
CA PRO A 180 5.95 -49.21 7.61
C PRO A 180 6.89 -49.35 6.41
N SER A 181 8.13 -49.72 6.71
CA SER A 181 9.19 -49.84 5.69
C SER A 181 9.00 -51.04 4.76
N SER A 182 8.66 -52.19 5.33
CA SER A 182 8.44 -53.44 4.58
C SER A 182 7.19 -54.18 5.03
N THR A 183 6.77 -55.16 4.23
CA THR A 183 5.60 -55.99 4.53
C THR A 183 5.83 -56.94 5.71
N GLN A 184 7.09 -57.29 5.99
CA GLN A 184 7.46 -58.07 7.17
C GLN A 184 7.19 -57.28 8.46
N GLU A 185 7.62 -56.02 8.47
CA GLU A 185 7.38 -55.09 9.58
C GLU A 185 5.89 -54.82 9.77
N LYS A 186 5.18 -54.57 8.67
CA LYS A 186 3.72 -54.42 8.64
C LYS A 186 2.99 -55.55 9.37
N ASN A 187 3.36 -56.79 9.08
CA ASN A 187 2.73 -57.98 9.68
C ASN A 187 3.06 -58.16 11.17
N ASP A 188 4.30 -57.87 11.54
CA ASP A 188 4.75 -58.03 12.94
C ASP A 188 4.01 -57.11 13.92
N LEU A 189 3.77 -55.86 13.51
CA LEU A 189 3.16 -54.85 14.38
C LEU A 189 1.63 -54.89 14.37
N TYR A 190 1.04 -54.93 13.17
CA TYR A 190 -0.42 -54.80 12.99
C TYR A 190 -1.14 -56.03 12.41
N GLY A 191 -0.40 -57.07 12.01
CA GLY A 191 -0.98 -58.27 11.40
C GLY A 191 -1.14 -58.17 9.90
N THR A 192 -1.63 -59.26 9.31
CA THR A 192 -1.78 -59.38 7.85
C THR A 192 -3.02 -58.69 7.23
N GLN A 193 -3.95 -58.24 8.08
CA GLN A 193 -5.19 -57.58 7.61
C GLN A 193 -4.93 -56.25 6.90
N SER A 194 -5.90 -55.83 6.09
CA SER A 194 -5.87 -54.54 5.41
C SER A 194 -6.26 -53.44 6.40
N LEU A 195 -5.48 -52.35 6.43
CA LEU A 195 -5.65 -51.27 7.41
C LEU A 195 -6.46 -50.11 6.85
N SER A 196 -7.21 -49.45 7.73
CA SER A 196 -8.02 -48.27 7.37
C SER A 196 -8.30 -47.42 8.62
N ILE A 197 -7.54 -46.32 8.76
CA ILE A 197 -7.72 -45.39 9.86
C ILE A 197 -8.66 -44.27 9.40
N SER A 198 -9.88 -44.29 9.92
CA SER A 198 -10.90 -43.29 9.59
C SER A 198 -11.06 -42.30 10.75
N VAL A 199 -11.09 -41.01 10.41
CA VAL A 199 -11.28 -39.92 11.38
C VAL A 199 -12.52 -39.13 10.97
N GLY A 200 -13.41 -38.86 11.92
CA GLY A 200 -14.68 -38.20 11.63
C GLY A 200 -15.20 -37.33 12.77
N SER A 201 -15.86 -36.22 12.41
CA SER A 201 -16.49 -35.31 13.35
C SER A 201 -17.62 -34.55 12.64
N SER A 202 -18.18 -33.52 13.28
CA SER A 202 -19.16 -32.64 12.63
C SER A 202 -18.53 -31.82 11.50
N THR A 203 -17.36 -31.25 11.77
CA THR A 203 -16.62 -30.44 10.78
C THR A 203 -15.74 -31.30 9.89
N TYR A 204 -14.87 -32.09 10.50
CA TYR A 204 -13.81 -32.84 9.80
C TYR A 204 -14.24 -34.26 9.41
N LYS A 205 -13.70 -34.74 8.29
CA LYS A 205 -13.87 -36.12 7.86
C LYS A 205 -12.76 -36.53 6.88
N ASN A 206 -12.09 -37.65 7.15
CA ASN A 206 -10.98 -38.14 6.31
C ASN A 206 -10.69 -39.62 6.59
N ASN A 207 -10.09 -40.29 5.61
CA ASN A 207 -9.66 -41.68 5.73
C ASN A 207 -8.18 -41.80 5.33
N PHE A 208 -7.44 -42.66 6.04
CA PHE A 208 -6.01 -42.85 5.82
C PHE A 208 -5.68 -44.34 5.68
N VAL A 209 -4.71 -44.65 4.82
CA VAL A 209 -4.27 -46.03 4.56
C VAL A 209 -2.72 -46.10 4.54
N PRO A 210 -2.12 -46.84 5.50
CA PRO A 210 -0.66 -47.04 5.52
C PRO A 210 -0.08 -47.67 4.25
N VAL A 211 0.76 -46.93 3.55
CA VAL A 211 1.54 -47.45 2.41
C VAL A 211 2.77 -48.19 2.95
N VAL A 212 3.10 -49.31 2.30
CA VAL A 212 4.23 -50.16 2.71
C VAL A 212 5.40 -49.94 1.74
N GLY A 213 6.47 -49.33 2.24
CA GLY A 213 7.65 -49.03 1.42
C GLY A 213 8.58 -48.02 2.05
N LEU A 221 13.85 -46.34 11.27
CA LEU A 221 14.07 -46.37 9.82
C LEU A 221 12.75 -46.67 9.08
N SER A 222 11.75 -45.84 9.34
CA SER A 222 10.46 -45.89 8.64
C SER A 222 9.87 -44.46 8.58
N ARG A 223 8.56 -44.29 8.74
CA ARG A 223 7.96 -42.96 8.71
C ARG A 223 6.63 -42.86 9.48
N ILE A 224 6.43 -41.73 10.14
CA ILE A 224 5.18 -41.39 10.83
C ILE A 224 4.77 -39.97 10.41
N ASP A 225 3.80 -39.87 9.49
CA ASP A 225 3.25 -38.58 9.06
C ASP A 225 2.15 -38.14 10.00
N PHE A 226 2.11 -36.84 10.31
CA PHE A 226 1.15 -36.27 11.26
C PHE A 226 0.05 -35.48 10.55
N HIS A 227 -1.12 -35.44 11.18
CA HIS A 227 -2.27 -34.67 10.69
C HIS A 227 -2.92 -33.95 11.86
N TRP A 228 -3.77 -32.96 11.57
CA TRP A 228 -4.41 -32.17 12.61
C TRP A 228 -5.70 -31.49 12.16
N THR A 229 -6.53 -31.12 13.13
CA THR A 229 -7.75 -30.35 12.90
C THR A 229 -8.23 -29.70 14.21
N LEU A 230 -9.16 -28.76 14.09
CA LEU A 230 -9.72 -28.04 15.24
C LEU A 230 -11.03 -28.67 15.68
N VAL A 231 -11.11 -29.04 16.96
CA VAL A 231 -12.35 -29.56 17.56
C VAL A 231 -13.09 -28.41 18.23
N GLN A 232 -14.32 -28.15 17.78
CA GLN A 232 -15.12 -27.03 18.29
C GLN A 232 -15.72 -27.38 19.67
N PRO A 233 -16.14 -26.35 20.45
CA PRO A 233 -16.73 -26.59 21.77
C PRO A 233 -18.04 -27.41 21.72
N GLY A 234 -18.08 -28.52 22.47
CA GLY A 234 -19.24 -29.41 22.49
C GLY A 234 -19.17 -30.59 21.52
N ASP A 235 -18.57 -30.37 20.35
CA ASP A 235 -18.51 -31.38 19.29
C ASP A 235 -17.58 -32.55 19.66
N LYS A 236 -17.91 -33.73 19.16
CA LYS A 236 -17.10 -34.94 19.35
C LYS A 236 -16.33 -35.30 18.08
N ILE A 237 -15.20 -35.98 18.25
CA ILE A 237 -14.38 -36.47 17.14
C ILE A 237 -14.04 -37.94 17.38
N THR A 238 -14.27 -38.76 16.35
CA THR A 238 -14.15 -40.22 16.45
C THR A 238 -12.97 -40.74 15.62
N PHE A 239 -12.25 -41.73 16.18
CA PHE A 239 -11.14 -42.40 15.51
C PHE A 239 -11.44 -43.89 15.39
N SER A 240 -11.76 -44.34 14.17
CA SER A 240 -11.95 -45.76 13.87
C SER A 240 -10.70 -46.29 13.17
N HIS A 241 -10.07 -47.30 13.76
CA HIS A 241 -8.78 -47.82 13.26
C HIS A 241 -8.57 -49.29 13.61
N ASN A 242 -7.72 -49.95 12.83
CA ASN A 242 -7.36 -51.36 13.05
C ASN A 242 -5.85 -51.57 12.88
N GLY A 243 -5.07 -50.62 13.41
CA GLY A 243 -3.61 -50.62 13.32
C GLY A 243 -3.11 -49.54 12.39
N GLY A 244 -1.99 -48.90 12.77
CA GLY A 244 -1.39 -47.81 12.00
C GLY A 244 -1.56 -46.43 12.62
N LEU A 245 -2.57 -46.27 13.47
CA LEU A 245 -2.83 -44.99 14.14
C LEU A 245 -1.80 -44.74 15.25
N ILE A 246 -1.28 -43.51 15.27
CA ILE A 246 -0.51 -42.99 16.40
C ILE A 246 -1.44 -42.01 17.11
N ALA A 247 -2.13 -42.50 18.14
CA ALA A 247 -3.25 -41.78 18.75
C ALA A 247 -2.79 -40.78 19.82
N PRO A 248 -3.52 -39.65 19.96
CA PRO A 248 -3.17 -38.66 20.98
C PRO A 248 -3.62 -39.05 22.39
N SER A 249 -2.72 -38.90 23.36
CA SER A 249 -3.06 -39.00 24.78
C SER A 249 -3.54 -37.66 25.32
N ARG A 250 -3.05 -36.55 24.75
CA ARG A 250 -3.52 -35.20 25.09
C ARG A 250 -3.76 -34.34 23.84
N VAL A 251 -4.63 -33.33 23.99
CA VAL A 251 -4.86 -32.30 22.97
C VAL A 251 -4.40 -30.94 23.50
N SER A 252 -4.19 -29.99 22.58
CA SER A 252 -3.67 -28.66 22.91
C SER A 252 -4.77 -27.61 22.86
N LYS A 253 -4.60 -26.54 23.65
CA LYS A 253 -5.45 -25.36 23.60
C LYS A 253 -4.56 -24.12 23.52
N LEU A 254 -4.62 -23.41 22.39
CA LEU A 254 -3.83 -22.20 22.19
C LEU A 254 -4.48 -21.04 22.93
N ILE A 255 -3.76 -20.47 23.88
CA ILE A 255 -4.28 -19.43 24.77
C ILE A 255 -3.91 -18.04 24.22
N GLY A 256 -4.93 -17.26 23.87
CA GLY A 256 -4.77 -15.84 23.56
C GLY A 256 -3.94 -15.54 22.33
N ARG A 257 -3.11 -14.49 22.44
CA ARG A 257 -2.35 -13.94 21.31
C ARG A 257 -0.94 -13.54 21.73
N GLY A 258 0.00 -13.60 20.77
CA GLY A 258 1.39 -13.22 21.01
C GLY A 258 2.15 -12.93 19.72
N LEU A 259 3.37 -12.42 19.88
CA LEU A 259 4.22 -12.02 18.75
C LEU A 259 5.24 -13.11 18.42
N GLY A 260 5.17 -13.65 17.21
CA GLY A 260 6.13 -14.66 16.74
C GLY A 260 7.36 -14.02 16.11
N ILE A 261 8.55 -14.39 16.61
CA ILE A 261 9.82 -13.92 16.06
C ILE A 261 10.65 -15.10 15.57
N GLN A 262 11.20 -14.98 14.37
CA GLN A 262 12.17 -15.93 13.82
C GLN A 262 13.49 -15.20 13.67
N SER A 263 14.51 -15.63 14.43
CA SER A 263 15.79 -14.93 14.48
C SER A 263 16.92 -15.83 15.01
N GLU A 264 18.15 -15.46 14.63
CA GLU A 264 19.37 -16.14 15.10
C GLU A 264 20.13 -15.35 16.19
N ALA A 265 19.68 -14.12 16.48
CA ALA A 265 20.37 -13.24 17.43
C ALA A 265 20.09 -13.66 18.88
N PRO A 266 21.12 -13.55 19.77
CA PRO A 266 20.93 -13.96 21.17
C PRO A 266 19.99 -13.04 21.98
N ILE A 267 19.52 -13.55 23.11
CA ILE A 267 18.56 -12.84 23.96
C ILE A 267 19.28 -11.75 24.77
N ASP A 268 18.57 -10.66 25.03
CA ASP A 268 19.06 -9.58 25.90
C ASP A 268 17.90 -9.02 26.71
N ASN A 269 17.88 -9.33 28.01
CA ASN A 269 16.78 -8.93 28.90
C ASN A 269 16.98 -7.54 29.53
N SER A 270 18.06 -6.84 29.19
CA SER A 270 18.34 -5.50 29.71
C SER A 270 17.70 -4.38 28.87
N CYS A 271 17.77 -4.51 27.55
CA CYS A 271 17.16 -3.54 26.62
C CYS A 271 15.73 -3.91 26.26
N GLU A 272 14.91 -2.88 25.99
CA GLU A 272 13.52 -3.04 25.55
C GLU A 272 13.40 -2.69 24.07
N SER A 273 12.43 -3.29 23.38
CA SER A 273 12.17 -3.01 21.96
C SER A 273 10.76 -3.44 21.52
N LYS A 274 10.27 -2.81 20.47
CA LYS A 274 8.98 -3.14 19.86
C LYS A 274 9.07 -3.61 18.40
N CYS A 275 10.28 -3.67 17.82
CA CYS A 275 10.48 -4.05 16.43
C CYS A 275 11.63 -5.06 16.33
N PHE A 276 11.41 -6.13 15.56
CA PHE A 276 12.36 -7.23 15.44
C PHE A 276 12.48 -7.73 14.00
N TRP A 277 13.66 -8.23 13.66
CA TRP A 277 13.92 -8.87 12.37
C TRP A 277 14.89 -10.05 12.60
N ARG A 278 15.26 -10.73 11.52
CA ARG A 278 16.14 -11.92 11.59
C ARG A 278 17.47 -11.63 12.30
N GLY A 279 18.05 -10.48 11.96
CA GLY A 279 19.33 -10.03 12.53
C GLY A 279 19.30 -9.51 13.96
N GLY A 280 18.14 -9.05 14.43
CA GLY A 280 18.01 -8.60 15.83
C GLY A 280 16.85 -7.64 16.10
N SER A 281 17.13 -6.59 16.86
CA SER A 281 16.13 -5.60 17.27
C SER A 281 16.43 -4.23 16.64
N ILE A 282 15.37 -3.48 16.38
CA ILE A 282 15.46 -2.11 15.84
C ILE A 282 14.80 -1.18 16.86
N ASN A 283 15.63 -0.46 17.61
CA ASN A 283 15.18 0.33 18.77
C ASN A 283 14.92 1.81 18.50
N THR A 284 15.01 2.25 17.25
CA THR A 284 14.95 3.67 16.90
C THR A 284 13.64 4.36 17.19
N ARG A 285 13.75 5.68 17.40
CA ARG A 285 12.61 6.61 17.38
C ARG A 285 12.40 7.23 15.99
N LEU A 286 13.35 7.01 15.08
CA LEU A 286 13.27 7.50 13.69
C LEU A 286 12.14 6.83 12.90
N PRO A 287 11.49 7.57 11.98
CA PRO A 287 10.32 7.08 11.24
C PRO A 287 10.63 6.02 10.17
N PHE A 288 11.86 5.98 9.66
CA PHE A 288 12.24 5.09 8.55
C PHE A 288 13.47 4.26 8.87
N GLN A 289 13.72 3.26 8.04
CA GLN A 289 14.67 2.19 8.33
C GLN A 289 15.09 1.50 7.01
N ASN A 290 16.38 1.14 6.88
CA ASN A 290 16.89 0.47 5.67
C ASN A 290 17.62 -0.87 5.92
N LEU A 291 17.40 -1.44 7.09
CA LEU A 291 18.04 -2.70 7.49
C LEU A 291 17.41 -3.92 6.82
N SER A 292 16.08 -4.00 6.84
CA SER A 292 15.36 -5.14 6.27
C SER A 292 13.89 -4.83 5.98
N PRO A 293 13.35 -5.38 4.86
CA PRO A 293 11.91 -5.29 4.59
C PRO A 293 11.06 -6.31 5.36
N ARG A 294 11.69 -7.31 6.00
CA ARG A 294 10.99 -8.30 6.81
C ARG A 294 11.17 -8.00 8.29
N THR A 295 10.19 -7.29 8.86
CA THR A 295 10.17 -6.96 10.28
C THR A 295 8.84 -7.34 10.91
N VAL A 296 8.83 -7.44 12.23
CA VAL A 296 7.61 -7.76 13.00
C VAL A 296 7.48 -6.83 14.22
N GLY A 297 6.24 -6.53 14.56
CA GLY A 297 5.92 -5.64 15.69
C GLY A 297 5.53 -4.25 15.24
N GLN A 298 5.84 -3.26 16.08
CA GLN A 298 5.59 -1.85 15.78
C GLN A 298 6.90 -1.23 15.28
N CYS A 299 7.02 -1.07 13.97
CA CYS A 299 8.32 -0.81 13.32
C CYS A 299 8.37 0.51 12.54
N PRO A 300 9.59 1.06 12.34
CA PRO A 300 9.77 2.11 11.34
C PRO A 300 9.61 1.51 9.93
N LYS A 301 9.09 2.30 9.00
CA LYS A 301 8.79 1.80 7.67
C LYS A 301 10.06 1.64 6.84
N TYR A 302 10.17 0.51 6.14
CA TYR A 302 11.34 0.24 5.30
C TYR A 302 11.35 1.14 4.06
N VAL A 303 12.53 1.66 3.72
CA VAL A 303 12.72 2.51 2.53
C VAL A 303 14.02 2.12 1.80
N ASN A 304 14.06 2.36 0.49
CA ASN A 304 15.25 2.13 -0.34
C ASN A 304 16.14 3.37 -0.37
N LYS A 305 16.66 3.76 0.80
CA LYS A 305 17.52 4.93 0.93
C LYS A 305 18.57 4.71 2.01
N LYS A 306 19.81 5.12 1.72
CA LYS A 306 20.90 5.08 2.70
C LYS A 306 20.72 6.14 3.78
N SER A 307 20.40 7.36 3.35
CA SER A 307 20.24 8.51 4.24
C SER A 307 19.19 9.50 3.71
N LEU A 308 18.50 10.16 4.64
CA LEU A 308 17.59 11.27 4.32
C LEU A 308 17.67 12.31 5.43
N MET A 309 18.47 13.36 5.20
CA MET A 309 18.72 14.37 6.22
C MET A 309 17.63 15.42 6.26
N LEU A 310 17.04 15.59 7.45
CA LEU A 310 16.02 16.60 7.71
C LEU A 310 16.70 17.84 8.29
N ALA A 311 16.47 18.99 7.67
CA ALA A 311 17.09 20.25 8.11
C ALA A 311 16.50 20.71 9.43
N THR A 312 17.38 21.08 10.36
CA THR A 312 16.99 21.61 11.68
C THR A 312 17.57 23.02 11.86
N GLY A 313 17.78 23.73 10.76
CA GLY A 313 18.37 25.06 10.79
C GLY A 313 18.32 25.75 9.44
N MET A 314 18.69 27.04 9.45
CA MET A 314 18.67 27.88 8.25
C MET A 314 19.78 27.52 7.26
N ARG A 315 19.76 28.17 6.09
CA ARG A 315 20.87 28.11 5.13
C ARG A 315 22.17 28.59 5.79
N ASN A 316 23.24 27.83 5.60
CA ASN A 316 24.55 28.20 6.11
C ASN A 316 25.27 29.03 5.06
N VAL A 317 25.52 30.31 5.37
CA VAL A 317 26.21 31.23 4.47
C VAL A 317 27.46 31.74 5.22
N PRO A 318 28.57 30.99 5.13
CA PRO A 318 29.76 31.30 5.94
C PRO A 318 30.64 32.42 5.37
N GLU A 319 31.67 32.78 6.13
CA GLU A 319 32.73 33.71 5.68
C GLU A 319 32.19 35.08 5.30
N GLY B 1 16.54 33.51 -1.66
CA GLY B 1 15.37 32.71 -1.20
C GLY B 1 14.07 33.50 -1.18
N LEU B 2 12.98 32.85 -0.78
CA LEU B 2 11.63 33.43 -0.86
C LEU B 2 11.51 34.83 -0.26
N PHE B 3 12.07 35.04 0.93
CA PHE B 3 11.94 36.32 1.63
C PHE B 3 13.16 37.25 1.46
N GLY B 4 14.18 36.78 0.74
CA GLY B 4 15.24 37.65 0.24
C GLY B 4 16.27 38.17 1.23
N ALA B 5 16.23 37.71 2.48
CA ALA B 5 17.16 38.17 3.52
C ALA B 5 18.37 37.22 3.63
N ILE B 6 18.13 35.98 4.06
CA ILE B 6 19.20 34.99 4.24
C ILE B 6 19.63 34.47 2.87
N ALA B 7 20.94 34.55 2.60
CA ALA B 7 21.52 34.32 1.27
C ALA B 7 20.95 35.29 0.22
N GLY B 8 20.61 36.50 0.68
CA GLY B 8 19.99 37.53 -0.16
C GLY B 8 20.69 38.86 0.12
N PHE B 9 19.94 39.86 0.58
CA PHE B 9 20.52 41.19 0.85
C PHE B 9 21.48 41.20 2.06
N ILE B 10 21.28 40.29 3.02
CA ILE B 10 22.28 40.01 4.04
C ILE B 10 23.34 39.11 3.40
N GLU B 11 24.56 39.63 3.26
CA GLU B 11 25.62 38.98 2.46
C GLU B 11 26.03 37.60 2.98
N ASN B 12 26.15 37.48 4.30
CA ASN B 12 26.54 36.22 4.94
C ASN B 12 26.15 36.17 6.41
N GLY B 13 26.25 34.98 6.99
CA GLY B 13 26.01 34.78 8.42
C GLY B 13 27.22 35.13 9.28
N TRP B 14 27.00 35.21 10.58
CA TRP B 14 28.04 35.51 11.56
C TRP B 14 28.42 34.25 12.35
N GLU B 15 29.63 33.76 12.13
CA GLU B 15 30.15 32.61 12.90
C GLU B 15 30.39 32.97 14.37
N GLY B 16 30.73 34.23 14.64
CA GLY B 16 30.93 34.73 15.99
C GLY B 16 29.68 34.82 16.87
N MET B 17 28.49 34.80 16.26
CA MET B 17 27.24 34.75 17.02
C MET B 17 26.93 33.31 17.41
N VAL B 18 27.15 32.99 18.70
CA VAL B 18 26.95 31.63 19.23
C VAL B 18 25.76 31.50 20.20
N ASP B 19 25.17 32.61 20.61
CA ASP B 19 24.08 32.63 21.61
C ASP B 19 22.68 32.92 21.01
N GLY B 20 22.55 32.76 19.69
CA GLY B 20 21.28 33.00 19.02
C GLY B 20 21.34 32.78 17.52
N TRP B 21 20.16 32.70 16.90
CA TRP B 21 20.02 32.47 15.46
C TRP B 21 20.03 33.79 14.71
N TYR B 22 19.37 34.80 15.28
CA TYR B 22 19.32 36.16 14.72
C TYR B 22 19.77 37.16 15.77
N GLY B 23 20.31 38.29 15.33
CA GLY B 23 20.75 39.32 16.26
C GLY B 23 21.22 40.63 15.66
N PHE B 24 21.87 41.43 16.50
CA PHE B 24 22.28 42.79 16.19
C PHE B 24 23.78 42.95 16.33
N ARG B 25 24.38 43.69 15.40
CA ARG B 25 25.71 44.26 15.58
C ARG B 25 25.59 45.76 15.38
N HIS B 26 26.26 46.55 16.20
CA HIS B 26 26.20 48.01 16.07
C HIS B 26 27.59 48.66 16.08
N GLN B 27 27.62 49.90 15.60
CA GLN B 27 28.81 50.74 15.61
C GLN B 27 28.39 52.15 16.01
N ASN B 28 29.06 52.70 17.03
CA ASN B 28 28.86 54.07 17.46
C ASN B 28 30.20 54.67 17.91
N ALA B 29 30.18 55.89 18.47
CA ALA B 29 31.41 56.54 18.95
C ALA B 29 32.17 55.68 19.96
N GLN B 30 31.45 55.19 20.97
CA GLN B 30 32.01 54.30 22.00
C GLN B 30 32.82 53.12 21.45
N GLY B 31 32.27 52.46 20.43
CA GLY B 31 32.92 51.30 19.81
C GLY B 31 31.91 50.40 19.11
N THR B 32 31.98 49.10 19.37
CA THR B 32 31.08 48.11 18.77
C THR B 32 30.50 47.18 19.83
N GLY B 33 29.47 46.44 19.43
CA GLY B 33 28.83 45.44 20.29
C GLY B 33 28.02 44.44 19.50
N GLN B 34 27.69 43.32 20.14
CA GLN B 34 26.88 42.27 19.54
C GLN B 34 25.88 41.72 20.57
N ALA B 35 24.68 41.39 20.11
CA ALA B 35 23.64 40.82 20.98
C ALA B 35 22.61 40.05 20.16
N ALA B 36 22.17 38.91 20.71
CA ALA B 36 21.20 38.04 20.05
C ALA B 36 19.78 38.48 20.36
N ASP B 37 18.88 38.31 19.39
CA ASP B 37 17.45 38.54 19.59
C ASP B 37 16.78 37.22 19.99
N TYR B 38 16.20 37.21 21.19
CA TYR B 38 15.60 36.02 21.78
C TYR B 38 14.29 35.61 21.08
N LYS B 39 13.41 36.59 20.89
CA LYS B 39 12.06 36.37 20.34
C LYS B 39 12.07 35.71 18.96
N SER B 40 12.91 36.21 18.06
CA SER B 40 13.02 35.66 16.71
C SER B 40 13.71 34.30 16.68
N THR B 41 14.73 34.14 17.53
CA THR B 41 15.45 32.85 17.66
C THR B 41 14.52 31.74 18.11
N GLN B 42 13.77 31.98 19.18
CA GLN B 42 12.83 30.99 19.73
C GLN B 42 11.65 30.70 18.80
N ALA B 43 11.19 31.70 18.06
CA ALA B 43 10.14 31.51 17.06
C ALA B 43 10.57 30.49 15.99
N ALA B 44 11.82 30.62 15.53
CA ALA B 44 12.39 29.68 14.57
C ALA B 44 12.65 28.29 15.17
N ILE B 45 13.16 28.25 16.40
CA ILE B 45 13.46 26.98 17.09
C ILE B 45 12.20 26.20 17.45
N ASP B 46 11.17 26.90 17.95
CA ASP B 46 9.89 26.27 18.31
C ASP B 46 9.18 25.63 17.11
N GLN B 47 9.25 26.28 15.95
CA GLN B 47 8.67 25.74 14.71
C GLN B 47 9.38 24.47 14.23
N ILE B 48 10.71 24.46 14.31
CA ILE B 48 11.52 23.28 13.97
C ILE B 48 11.30 22.14 14.97
N THR B 49 11.21 22.47 16.26
CA THR B 49 10.84 21.48 17.29
C THR B 49 9.48 20.86 17.01
N GLY B 50 8.52 21.68 16.56
CA GLY B 50 7.21 21.21 16.13
C GLY B 50 7.25 20.21 14.98
N LYS B 51 8.12 20.46 14.00
CA LYS B 51 8.33 19.53 12.88
C LYS B 51 8.91 18.19 13.33
N LEU B 52 9.93 18.25 14.20
CA LEU B 52 10.56 17.05 14.74
C LEU B 52 9.59 16.17 15.54
N ASN B 53 8.71 16.81 16.32
CA ASN B 53 7.69 16.08 17.09
C ASN B 53 6.74 15.29 16.18
N ARG B 54 6.34 15.89 15.07
CA ARG B 54 5.45 15.24 14.10
C ARG B 54 6.16 14.19 13.24
N ILE B 55 7.38 14.49 12.80
CA ILE B 55 8.11 13.64 11.85
C ILE B 55 8.85 12.48 12.53
N ILE B 56 9.53 12.75 13.64
CA ILE B 56 10.34 11.72 14.32
C ILE B 56 9.44 10.84 15.19
N LYS B 57 8.73 9.92 14.52
CA LYS B 57 7.84 8.97 15.19
C LYS B 57 7.47 7.82 14.25
N LYS B 58 6.93 6.74 14.83
CA LYS B 58 6.44 5.60 14.06
C LYS B 58 4.99 5.32 14.43
N THR B 59 4.34 4.50 13.62
CA THR B 59 2.94 4.11 13.86
C THR B 59 2.88 3.05 14.95
N ASN B 60 1.74 2.97 15.62
CA ASN B 60 1.52 1.97 16.68
C ASN B 60 0.93 0.63 16.19
N THR B 61 0.79 0.48 14.87
CA THR B 61 0.19 -0.71 14.27
C THR B 61 1.07 -1.94 14.47
N GLU B 62 0.46 -3.03 14.95
CA GLU B 62 1.15 -4.29 15.21
C GLU B 62 1.16 -5.11 13.93
N PHE B 63 2.36 -5.44 13.43
CA PHE B 63 2.53 -6.24 12.21
C PHE B 63 3.11 -7.61 12.58
N GLU B 64 2.51 -8.66 12.03
CA GLU B 64 2.98 -10.03 12.23
C GLU B 64 3.64 -10.54 10.95
N SER B 65 4.37 -11.64 11.08
CA SER B 65 5.11 -12.22 9.95
C SER B 65 4.16 -12.86 8.93
N ILE B 66 4.37 -12.55 7.66
CA ILE B 66 3.72 -13.26 6.54
C ILE B 66 4.74 -13.99 5.65
N GLU B 67 6.03 -13.93 6.00
CA GLU B 67 7.11 -14.61 5.30
C GLU B 67 7.93 -15.38 6.32
N SER B 68 8.03 -16.70 6.16
CA SER B 68 8.85 -17.53 7.04
C SER B 68 10.34 -17.36 6.73
N GLU B 69 11.13 -17.14 7.78
CA GLU B 69 12.59 -16.97 7.65
C GLU B 69 13.31 -18.29 7.37
N PHE B 70 12.83 -19.38 8.00
CA PHE B 70 13.52 -20.67 7.99
C PHE B 70 12.89 -21.79 7.16
N SER B 71 11.64 -21.61 6.70
CA SER B 71 10.96 -22.61 5.87
C SER B 71 10.47 -22.01 4.55
N GLU B 72 10.14 -22.89 3.61
CA GLU B 72 9.71 -22.47 2.27
C GLU B 72 8.28 -21.94 2.27
N ILE B 73 7.97 -21.18 1.22
CA ILE B 73 6.64 -20.63 0.96
C ILE B 73 6.24 -21.00 -0.46
N ASP B 74 4.95 -21.18 -0.71
CA ASP B 74 4.44 -21.43 -2.07
C ASP B 74 4.87 -20.28 -2.99
N HIS B 75 5.31 -20.63 -4.20
CA HIS B 75 5.93 -19.66 -5.10
C HIS B 75 4.98 -18.55 -5.57
N GLN B 76 3.70 -18.90 -5.76
CA GLN B 76 2.70 -17.94 -6.20
C GLN B 76 2.39 -16.92 -5.11
N ILE B 77 2.07 -17.40 -3.91
CA ILE B 77 1.76 -16.51 -2.78
C ILE B 77 3.00 -15.71 -2.35
N GLY B 78 4.18 -16.32 -2.45
CA GLY B 78 5.44 -15.62 -2.24
C GLY B 78 5.67 -14.47 -3.21
N ASN B 79 5.29 -14.67 -4.47
CA ASN B 79 5.36 -13.61 -5.48
C ASN B 79 4.33 -12.49 -5.24
N VAL B 80 3.13 -12.85 -4.79
CA VAL B 80 2.11 -11.87 -4.43
C VAL B 80 2.57 -11.02 -3.23
N ILE B 81 3.17 -11.66 -2.23
CA ILE B 81 3.71 -10.97 -1.06
C ILE B 81 4.88 -10.05 -1.45
N ASN B 82 5.78 -10.56 -2.29
CA ASN B 82 6.91 -9.77 -2.80
C ASN B 82 6.48 -8.56 -3.63
N TRP B 83 5.47 -8.74 -4.48
CA TRP B 83 4.92 -7.63 -5.26
C TRP B 83 4.31 -6.56 -4.37
N THR B 84 3.53 -6.99 -3.37
CA THR B 84 2.88 -6.09 -2.42
C THR B 84 3.90 -5.33 -1.56
N LYS B 85 4.92 -6.04 -1.07
CA LYS B 85 5.96 -5.41 -0.23
C LYS B 85 6.79 -4.38 -1.00
N ASP B 86 7.20 -4.72 -2.23
CA ASP B 86 7.92 -3.79 -3.10
C ASP B 86 7.09 -2.57 -3.49
N SER B 87 5.78 -2.77 -3.70
CA SER B 87 4.87 -1.66 -3.99
C SER B 87 4.69 -0.72 -2.78
N ILE B 88 4.53 -1.30 -1.59
CA ILE B 88 4.44 -0.54 -0.34
C ILE B 88 5.75 0.22 -0.05
N THR B 89 6.89 -0.45 -0.29
CA THR B 89 8.21 0.15 -0.10
C THR B 89 8.49 1.32 -1.07
N ASP B 90 8.07 1.17 -2.34
CA ASP B 90 8.15 2.27 -3.30
C ASP B 90 7.33 3.49 -2.88
N ILE B 91 6.16 3.26 -2.28
CA ILE B 91 5.32 4.35 -1.76
C ILE B 91 5.99 5.06 -0.58
N TRP B 92 6.48 4.30 0.39
CA TRP B 92 7.14 4.88 1.58
C TRP B 92 8.47 5.56 1.27
N THR B 93 9.23 5.02 0.31
CA THR B 93 10.46 5.65 -0.17
C THR B 93 10.15 6.99 -0.84
N TYR B 94 9.11 7.00 -1.68
CA TYR B 94 8.65 8.22 -2.33
C TYR B 94 8.10 9.24 -1.33
N GLN B 95 7.29 8.78 -0.38
CA GLN B 95 6.74 9.65 0.68
C GLN B 95 7.82 10.26 1.57
N ALA B 96 8.81 9.45 1.95
CA ALA B 96 9.92 9.91 2.78
C ALA B 96 10.75 10.99 2.08
N GLU B 97 11.06 10.76 0.80
CA GLU B 97 11.78 11.74 -0.02
C GLU B 97 11.01 13.04 -0.21
N LEU B 98 9.70 12.94 -0.47
CA LEU B 98 8.85 14.11 -0.63
C LEU B 98 8.70 14.89 0.68
N LEU B 99 8.43 14.17 1.77
CA LEU B 99 8.30 14.76 3.10
C LEU B 99 9.52 15.63 3.43
N VAL B 100 10.69 15.02 3.41
CA VAL B 100 11.92 15.68 3.84
C VAL B 100 12.29 16.85 2.91
N ALA B 101 12.13 16.66 1.60
CA ALA B 101 12.38 17.72 0.63
C ALA B 101 11.44 18.92 0.82
N MET B 102 10.17 18.64 1.06
CA MET B 102 9.15 19.67 1.31
C MET B 102 9.40 20.41 2.64
N GLU B 103 9.71 19.64 3.68
CA GLU B 103 9.99 20.21 5.01
C GLU B 103 11.27 21.05 5.02
N ASN B 104 12.30 20.59 4.31
CA ASN B 104 13.57 21.32 4.21
C ASN B 104 13.38 22.66 3.50
N GLN B 105 12.60 22.65 2.42
CA GLN B 105 12.25 23.88 1.69
C GLN B 105 11.53 24.87 2.60
N HIS B 106 10.57 24.37 3.37
CA HIS B 106 9.78 25.19 4.29
C HIS B 106 10.61 25.73 5.47
N THR B 107 11.48 24.89 6.03
CA THR B 107 12.36 25.26 7.15
C THR B 107 13.31 26.41 6.77
N ILE B 108 13.92 26.29 5.59
CA ILE B 108 14.83 27.31 5.05
C ILE B 108 14.11 28.65 4.83
N ASP B 109 12.92 28.59 4.22
CA ASP B 109 12.13 29.78 3.93
C ASP B 109 11.50 30.38 5.19
N MET B 110 11.10 29.54 6.14
CA MET B 110 10.62 29.99 7.44
C MET B 110 11.70 30.77 8.18
N ALA B 111 12.92 30.22 8.20
CA ALA B 111 14.07 30.88 8.84
C ALA B 111 14.41 32.22 8.16
N ASP B 112 14.31 32.24 6.83
CA ASP B 112 14.47 33.46 6.03
C ASP B 112 13.42 34.52 6.40
N SER B 113 12.18 34.08 6.61
CA SER B 113 11.09 35.00 6.96
C SER B 113 11.26 35.64 8.35
N GLU B 114 11.74 34.86 9.32
CA GLU B 114 11.99 35.40 10.67
C GLU B 114 13.09 36.46 10.68
N MET B 115 14.10 36.30 9.81
CA MET B 115 15.13 37.32 9.60
C MET B 115 14.52 38.61 9.04
N LEU B 116 13.66 38.48 8.04
CA LEU B 116 12.98 39.62 7.42
C LEU B 116 11.98 40.31 8.37
N ASN B 117 11.26 39.52 9.17
CA ASN B 117 10.32 40.08 10.16
C ASN B 117 11.04 40.89 11.23
N LEU B 118 12.22 40.44 11.64
CA LEU B 118 13.06 41.20 12.58
C LEU B 118 13.58 42.49 11.95
N TYR B 119 14.04 42.40 10.70
CA TYR B 119 14.50 43.55 9.93
C TYR B 119 13.39 44.61 9.75
N GLU B 120 12.20 44.17 9.37
CA GLU B 120 11.05 45.06 9.19
C GLU B 120 10.59 45.72 10.50
N ARG B 121 10.67 44.97 11.60
CA ARG B 121 10.33 45.50 12.93
C ARG B 121 11.25 46.67 13.31
N VAL B 122 12.55 46.52 13.04
CA VAL B 122 13.55 47.55 13.36
C VAL B 122 13.41 48.78 12.45
N ARG B 123 13.13 48.55 11.15
CA ARG B 123 12.89 49.63 10.19
C ARG B 123 11.76 50.56 10.66
N LYS B 124 10.65 49.97 11.10
CA LYS B 124 9.48 50.72 11.54
C LYS B 124 9.69 51.46 12.88
N GLN B 125 10.47 50.86 13.78
CA GLN B 125 10.88 51.53 15.04
C GLN B 125 11.62 52.83 14.77
N LEU B 126 12.66 52.73 13.95
CA LEU B 126 13.55 53.85 13.65
C LEU B 126 12.84 54.95 12.86
N ARG B 127 11.89 54.56 12.02
CA ARG B 127 10.97 55.48 11.33
C ARG B 127 11.74 56.42 10.38
N GLN B 128 11.81 57.72 10.68
CA GLN B 128 12.53 58.68 9.83
C GLN B 128 13.89 59.09 10.41
N ASN B 129 14.34 58.38 11.45
CA ASN B 129 15.63 58.65 12.07
C ASN B 129 16.78 57.86 11.44
N ALA B 130 16.47 56.91 10.57
CA ALA B 130 17.49 56.09 9.90
C ALA B 130 17.14 55.83 8.44
N GLU B 131 18.12 55.30 7.70
CA GLU B 131 17.95 54.87 6.31
C GLU B 131 18.61 53.52 6.10
N GLU B 132 18.07 52.76 5.15
CA GLU B 132 18.56 51.41 4.84
C GLU B 132 19.76 51.51 3.91
N ASP B 133 20.83 50.78 4.21
CA ASP B 133 22.03 50.74 3.35
C ASP B 133 21.96 49.67 2.25
N GLY B 134 21.00 48.74 2.36
CA GLY B 134 20.80 47.68 1.37
C GLY B 134 21.52 46.36 1.65
N LYS B 135 22.29 46.32 2.75
CA LYS B 135 23.05 45.14 3.15
C LYS B 135 22.57 44.58 4.50
N GLY B 136 21.37 44.99 4.93
CA GLY B 136 20.81 44.56 6.22
C GLY B 136 21.08 45.49 7.41
N CYS B 137 21.76 46.61 7.18
CA CYS B 137 22.03 47.59 8.24
C CYS B 137 21.20 48.86 8.08
N PHE B 138 21.09 49.61 9.17
CA PHE B 138 20.44 50.92 9.19
C PHE B 138 21.44 51.98 9.62
N GLU B 139 21.71 52.95 8.74
CA GLU B 139 22.52 54.12 9.11
C GLU B 139 21.65 55.09 9.89
N ILE B 140 21.95 55.23 11.17
CA ILE B 140 21.18 56.07 12.11
C ILE B 140 21.77 57.48 12.09
N TYR B 141 20.93 58.48 11.88
CA TYR B 141 21.39 59.87 11.67
C TYR B 141 21.39 60.73 12.96
N HIS B 142 21.69 60.10 14.10
CA HIS B 142 21.91 60.81 15.35
C HIS B 142 22.88 60.02 16.23
N ALA B 143 23.43 60.67 17.24
CA ALA B 143 24.31 60.01 18.20
C ALA B 143 23.51 58.95 18.96
N CYS B 144 23.90 57.69 18.80
CA CYS B 144 23.17 56.54 19.33
C CYS B 144 24.09 55.71 20.22
N ASP B 145 24.12 56.04 21.51
CA ASP B 145 24.97 55.35 22.49
C ASP B 145 24.44 53.95 22.83
N ASP B 146 25.20 53.20 23.64
CA ASP B 146 24.82 51.83 24.03
C ASP B 146 23.43 51.71 24.65
N SER B 147 23.05 52.68 25.46
CA SER B 147 21.70 52.74 26.04
C SER B 147 20.63 52.89 24.95
N CYS B 148 20.90 53.75 23.97
CA CYS B 148 20.00 53.95 22.84
C CYS B 148 19.96 52.73 21.91
N MET B 149 21.11 52.10 21.69
CA MET B 149 21.18 50.84 20.94
C MET B 149 20.40 49.73 21.62
N GLU B 150 20.52 49.65 22.96
CA GLU B 150 19.76 48.68 23.76
C GLU B 150 18.25 48.87 23.62
N SER B 151 17.81 50.13 23.59
CA SER B 151 16.37 50.44 23.43
C SER B 151 15.81 50.01 22.08
N ILE B 152 16.63 50.05 21.03
CA ILE B 152 16.25 49.56 19.70
C ILE B 152 16.08 48.03 19.76
N ARG B 153 17.03 47.34 20.37
CA ARG B 153 16.98 45.89 20.54
C ARG B 153 15.81 45.43 21.43
N ASN B 154 15.53 46.19 22.50
CA ASN B 154 14.46 45.86 23.46
C ASN B 154 13.08 46.41 23.08
N ASN B 155 12.95 47.06 21.93
CA ASN B 155 11.67 47.60 21.43
C ASN B 155 11.10 48.74 22.32
N THR B 156 11.99 49.56 22.88
CA THR B 156 11.61 50.73 23.69
C THR B 156 12.20 52.04 23.13
N TYR B 157 12.63 52.01 21.86
CA TYR B 157 13.16 53.19 21.18
C TYR B 157 12.01 54.10 20.79
N ASP B 158 12.08 55.36 21.20
CA ASP B 158 11.08 56.37 20.84
C ASP B 158 11.69 57.28 19.77
N HIS B 159 11.13 57.22 18.56
CA HIS B 159 11.65 58.00 17.43
C HIS B 159 11.49 59.52 17.60
N SER B 160 10.47 59.94 18.37
CA SER B 160 10.19 61.36 18.62
C SER B 160 11.33 62.12 19.31
N GLN B 161 12.05 61.44 20.20
CA GLN B 161 13.15 62.05 20.95
C GLN B 161 14.31 62.55 20.06
N TYR B 162 14.57 61.85 18.97
CA TYR B 162 15.70 62.14 18.08
C TYR B 162 15.30 62.65 16.69
N ARG B 163 14.00 62.90 16.48
CA ARG B 163 13.46 63.20 15.15
C ARG B 163 13.99 64.49 14.53
N GLU B 164 14.01 65.57 15.33
CA GLU B 164 14.49 66.88 14.85
C GLU B 164 15.97 66.85 14.51
N GLU B 165 16.78 66.24 15.38
CA GLU B 165 18.21 66.05 15.13
C GLU B 165 18.47 65.18 13.89
N ALA B 166 17.70 64.11 13.74
CA ALA B 166 17.88 63.16 12.65
C ALA B 166 17.53 63.73 11.28
N LEU B 167 16.36 64.37 11.18
CA LEU B 167 15.91 64.99 9.93
C LEU B 167 16.86 66.05 9.40
N LEU B 168 17.44 66.85 10.30
CA LEU B 168 18.44 67.87 9.93
C LEU B 168 19.70 67.24 9.35
N ASN B 169 20.18 66.16 9.97
CA ASN B 169 21.34 65.41 9.48
C ASN B 169 21.09 64.73 8.13
N ARG B 170 19.88 64.21 7.93
CA ARG B 170 19.49 63.55 6.67
C ARG B 170 19.40 64.52 5.49
N LEU B 171 18.81 65.70 5.72
CA LEU B 171 18.70 66.73 4.68
C LEU B 171 20.04 67.41 4.39
N ASN B 172 20.82 67.67 5.43
CA ASN B 172 22.17 68.26 5.33
C ASN B 172 22.16 69.64 4.66
N ASP C 1 9.16 66.81 -13.46
CA ASP C 1 9.74 66.08 -14.64
C ASP C 1 10.73 64.95 -14.27
N PRO C 2 10.30 63.99 -13.42
CA PRO C 2 11.24 62.95 -13.01
C PRO C 2 11.37 61.82 -14.05
N ASP C 3 12.58 61.27 -14.16
CA ASP C 3 12.82 60.09 -15.01
C ASP C 3 12.23 58.84 -14.36
N LYS C 4 12.07 57.77 -15.15
CA LYS C 4 11.44 56.53 -14.67
C LYS C 4 12.29 55.29 -14.96
N ILE C 5 12.21 54.32 -14.05
CA ILE C 5 12.67 52.96 -14.29
C ILE C 5 11.58 52.01 -13.75
N CYS C 6 11.10 51.12 -14.61
CA CYS C 6 9.98 50.23 -14.31
C CYS C 6 10.45 48.79 -14.24
N LEU C 7 10.11 48.10 -13.15
CA LEU C 7 10.38 46.66 -13.02
C LEU C 7 9.19 45.91 -13.61
N GLY C 8 9.47 44.74 -14.18
CA GLY C 8 8.43 43.91 -14.76
C GLY C 8 8.89 42.50 -15.07
N HIS C 9 7.93 41.69 -15.53
CA HIS C 9 8.17 40.28 -15.85
C HIS C 9 7.60 39.96 -17.22
N HIS C 10 8.05 38.85 -17.80
CA HIS C 10 7.62 38.45 -19.14
C HIS C 10 6.22 37.83 -19.14
N ALA C 11 5.67 37.69 -20.34
CA ALA C 11 4.41 37.00 -20.57
C ALA C 11 4.38 36.42 -21.98
N VAL C 12 3.37 35.60 -22.26
CA VAL C 12 3.17 35.00 -23.57
C VAL C 12 1.71 35.12 -24.00
N ALA C 13 1.48 35.09 -25.32
CA ALA C 13 0.13 35.17 -25.87
C ALA C 13 -0.64 33.88 -25.60
N ASN C 14 0.00 32.74 -25.89
CA ASN C 14 -0.59 31.42 -25.68
C ASN C 14 -0.06 30.79 -24.39
N GLY C 15 -0.78 31.02 -23.29
CA GLY C 15 -0.49 30.39 -22.01
C GLY C 15 -1.06 28.98 -21.94
N THR C 16 -0.79 28.30 -20.82
CA THR C 16 -1.28 26.92 -20.60
C THR C 16 -1.86 26.78 -19.19
N ILE C 17 -2.92 25.99 -19.08
CA ILE C 17 -3.66 25.83 -17.82
C ILE C 17 -3.04 24.70 -16.99
N VAL C 18 -2.87 24.96 -15.69
CA VAL C 18 -2.42 23.97 -14.72
C VAL C 18 -3.27 24.05 -13.45
N LYS C 19 -3.21 22.99 -12.64
CA LYS C 19 -3.91 22.94 -11.36
C LYS C 19 -2.94 23.24 -10.21
N THR C 20 -3.42 24.01 -9.23
CA THR C 20 -2.67 24.31 -8.01
C THR C 20 -3.47 23.80 -6.81
N LEU C 21 -2.98 24.08 -5.60
CA LEU C 21 -3.71 23.73 -4.38
C LEU C 21 -5.05 24.47 -4.26
N THR C 22 -5.11 25.71 -4.76
CA THR C 22 -6.23 26.61 -4.56
C THR C 22 -7.03 26.97 -5.83
N ASN C 23 -6.60 26.47 -6.99
CA ASN C 23 -7.17 26.90 -8.28
C ASN C 23 -7.06 25.79 -9.33
N GLU C 24 -8.20 25.43 -9.92
CA GLU C 24 -8.26 24.44 -11.00
C GLU C 24 -7.83 24.99 -12.36
N GLN C 25 -8.06 26.29 -12.59
CA GLN C 25 -7.86 26.92 -13.91
C GLN C 25 -6.81 28.03 -13.82
N GLU C 26 -5.59 27.67 -13.40
CA GLU C 26 -4.48 28.62 -13.24
C GLU C 26 -3.65 28.66 -14.52
N GLU C 27 -3.53 29.85 -15.12
CA GLU C 27 -2.78 30.04 -16.36
C GLU C 27 -1.33 30.38 -16.06
N VAL C 28 -0.40 29.64 -16.68
CA VAL C 28 1.04 29.86 -16.53
C VAL C 28 1.70 30.01 -17.90
N THR C 29 2.95 30.49 -17.91
CA THR C 29 3.68 30.76 -19.16
C THR C 29 4.09 29.49 -19.91
N ASN C 30 4.34 28.41 -19.17
CA ASN C 30 4.73 27.13 -19.76
C ASN C 30 4.45 26.00 -18.77
N ALA C 31 4.25 24.79 -19.30
CA ALA C 31 4.09 23.59 -18.47
C ALA C 31 4.51 22.35 -19.24
N THR C 32 4.65 21.23 -18.52
CA THR C 32 5.02 19.95 -19.13
C THR C 32 4.23 18.79 -18.52
N GLU C 33 4.03 17.77 -19.34
CA GLU C 33 3.24 16.59 -18.96
C GLU C 33 4.04 15.67 -18.04
N THR C 34 3.37 15.09 -17.04
CA THR C 34 3.96 14.08 -16.14
C THR C 34 3.38 12.66 -16.29
N VAL C 35 2.24 12.52 -16.96
CA VAL C 35 1.61 11.22 -17.20
C VAL C 35 1.79 10.80 -18.66
N GLU C 36 2.44 9.65 -18.88
CA GLU C 36 2.57 9.08 -20.22
C GLU C 36 1.25 8.42 -20.64
N SER C 37 0.76 8.78 -21.82
CA SER C 37 -0.49 8.22 -22.36
C SER C 37 -0.33 7.38 -23.64
N THR C 38 0.86 7.36 -24.24
CA THR C 38 1.09 6.62 -25.48
C THR C 38 2.03 5.43 -25.24
N SER C 39 1.76 4.33 -25.95
CA SER C 39 2.57 3.12 -25.91
C SER C 39 2.96 2.71 -27.32
N LEU C 40 4.11 2.06 -27.44
CA LEU C 40 4.54 1.44 -28.69
C LEU C 40 3.95 0.04 -28.74
N ASN C 41 3.25 -0.31 -29.82
CA ASN C 41 2.63 -1.64 -29.98
C ASN C 41 3.66 -2.67 -30.47
N ARG C 42 4.79 -2.74 -29.77
CA ARG C 42 5.91 -3.61 -30.12
C ARG C 42 6.65 -3.97 -28.83
N LEU C 43 7.32 -5.13 -28.84
CA LEU C 43 8.22 -5.51 -27.73
C LEU C 43 9.63 -5.05 -28.07
N CYS C 44 10.06 -3.98 -27.40
CA CYS C 44 11.37 -3.36 -27.65
C CYS C 44 12.48 -4.18 -27.01
N MET C 45 13.14 -5.02 -27.81
CA MET C 45 14.11 -6.01 -27.32
C MET C 45 15.58 -5.70 -27.61
N LYS C 46 15.93 -4.43 -27.87
CA LYS C 46 17.33 -4.06 -28.11
C LYS C 46 18.14 -4.18 -26.82
N GLY C 47 19.32 -4.77 -26.92
CA GLY C 47 20.20 -5.00 -25.78
C GLY C 47 19.74 -6.11 -24.84
N ARG C 48 18.87 -7.00 -25.34
CA ARG C 48 18.31 -8.10 -24.54
C ARG C 48 18.47 -9.41 -25.29
N ASN C 49 19.15 -10.37 -24.66
CA ASN C 49 19.20 -11.75 -25.14
C ASN C 49 17.83 -12.39 -24.85
N HIS C 50 16.89 -12.19 -25.78
CA HIS C 50 15.49 -12.60 -25.58
C HIS C 50 15.18 -13.95 -26.21
N LYS C 51 14.15 -14.61 -25.69
CA LYS C 51 13.62 -15.86 -26.26
C LYS C 51 12.12 -15.69 -26.48
N ASP C 52 11.70 -15.74 -27.74
CA ASP C 52 10.28 -15.79 -28.10
C ASP C 52 9.87 -17.26 -28.16
N LEU C 53 9.03 -17.68 -27.22
CA LEU C 53 8.58 -19.06 -27.13
C LEU C 53 7.57 -19.44 -28.22
N GLY C 54 6.86 -18.46 -28.76
CA GLY C 54 5.89 -18.68 -29.83
C GLY C 54 4.74 -19.57 -29.39
N ASN C 55 4.65 -20.75 -29.98
CA ASN C 55 3.61 -21.73 -29.66
C ASN C 55 3.92 -22.55 -28.38
N CYS C 56 5.15 -22.45 -27.88
CA CYS C 56 5.59 -23.20 -26.69
C CYS C 56 5.20 -22.52 -25.37
N HIS C 57 4.51 -23.25 -24.50
CA HIS C 57 4.21 -22.80 -23.14
C HIS C 57 5.44 -23.09 -22.25
N PRO C 58 5.76 -22.19 -21.29
CA PRO C 58 6.92 -22.38 -20.40
C PRO C 58 7.04 -23.76 -19.73
N ILE C 59 5.93 -24.30 -19.23
CA ILE C 59 5.89 -25.65 -18.62
C ILE C 59 6.25 -26.74 -19.64
N GLY C 60 5.88 -26.55 -20.90
CA GLY C 60 6.26 -27.45 -21.99
C GLY C 60 7.76 -27.60 -22.22
N MET C 61 8.54 -26.59 -21.82
CA MET C 61 10.01 -26.65 -21.90
C MET C 61 10.61 -27.69 -20.96
N LEU C 62 9.98 -27.88 -19.79
CA LEU C 62 10.49 -28.78 -18.76
C LEU C 62 10.16 -30.24 -19.04
N ILE C 63 8.94 -30.51 -19.51
CA ILE C 63 8.48 -31.87 -19.83
C ILE C 63 8.77 -32.29 -21.29
N GLY C 64 8.88 -31.31 -22.19
CA GLY C 64 9.31 -31.57 -23.56
C GLY C 64 8.19 -31.93 -24.51
N THR C 65 7.20 -31.05 -24.59
CA THR C 65 6.12 -31.16 -25.57
C THR C 65 6.69 -30.90 -26.97
N PRO C 66 6.16 -31.57 -28.02
CA PRO C 66 6.67 -31.36 -29.39
C PRO C 66 6.79 -29.91 -29.83
N ALA C 67 5.83 -29.07 -29.45
CA ALA C 67 5.89 -27.62 -29.71
C ALA C 67 7.11 -26.91 -29.11
N CYS C 68 7.66 -27.48 -28.03
CA CYS C 68 8.82 -26.93 -27.32
C CYS C 68 10.17 -27.62 -27.64
N ASP C 69 10.25 -28.37 -28.73
CA ASP C 69 11.50 -29.09 -29.08
C ASP C 69 12.71 -28.17 -29.31
N LEU C 70 12.45 -26.94 -29.79
CA LEU C 70 13.51 -25.95 -29.99
C LEU C 70 13.78 -25.07 -28.75
N HIS C 71 13.05 -25.31 -27.65
CA HIS C 71 13.20 -24.53 -26.41
C HIS C 71 13.42 -25.45 -25.19
N LEU C 72 14.04 -26.61 -25.38
CA LEU C 72 14.31 -27.55 -24.29
C LEU C 72 15.47 -27.10 -23.40
N THR C 73 16.43 -26.38 -23.98
CA THR C 73 17.51 -25.73 -23.23
C THR C 73 17.75 -24.32 -23.78
N GLY C 74 18.52 -23.53 -23.04
CA GLY C 74 18.92 -22.19 -23.48
C GLY C 74 19.20 -21.24 -22.34
N THR C 75 19.66 -20.04 -22.71
CA THR C 75 19.86 -18.93 -21.78
C THR C 75 19.21 -17.67 -22.34
N TRP C 76 18.80 -16.77 -21.45
CA TRP C 76 18.08 -15.55 -21.83
C TRP C 76 18.01 -14.58 -20.64
N ASP C 77 17.83 -13.30 -20.92
CA ASP C 77 17.48 -12.32 -19.88
C ASP C 77 16.00 -11.90 -19.93
N THR C 78 15.31 -12.29 -21.01
CA THR C 78 13.89 -11.95 -21.21
C THR C 78 13.19 -13.14 -21.88
N LEU C 79 12.07 -13.58 -21.30
CA LEU C 79 11.31 -14.72 -21.82
C LEU C 79 9.91 -14.24 -22.18
N ILE C 80 9.53 -14.45 -23.45
CA ILE C 80 8.25 -13.96 -23.97
C ILE C 80 7.30 -15.14 -24.22
N GLU C 81 6.15 -15.12 -23.53
CA GLU C 81 5.10 -16.13 -23.68
C GLU C 81 3.96 -15.54 -24.51
N ARG C 82 3.37 -16.37 -25.37
CA ARG C 82 2.26 -15.96 -26.26
C ARG C 82 0.94 -16.60 -25.87
N LYS C 83 -0.14 -16.10 -26.47
CA LYS C 83 -1.49 -16.60 -26.22
C LYS C 83 -1.71 -17.98 -26.84
N ASN C 84 -2.51 -18.81 -26.17
CA ASN C 84 -2.83 -20.18 -26.60
C ASN C 84 -1.57 -21.06 -26.80
N ALA C 85 -0.56 -20.85 -25.96
CA ALA C 85 0.68 -21.62 -26.02
C ALA C 85 0.43 -23.03 -25.45
N ILE C 86 1.04 -24.03 -26.08
CA ILE C 86 0.78 -25.44 -25.77
C ILE C 86 1.77 -25.95 -24.71
N ALA C 87 1.21 -26.43 -23.59
CA ALA C 87 1.97 -27.11 -22.53
C ALA C 87 1.82 -28.63 -22.59
N TYR C 88 0.59 -29.11 -22.82
CA TYR C 88 0.27 -30.54 -22.77
C TYR C 88 -0.34 -31.04 -24.09
N CYS C 89 0.32 -32.01 -24.71
CA CYS C 89 -0.20 -32.68 -25.90
C CYS C 89 -1.23 -33.74 -25.52
N TYR C 90 -0.91 -34.54 -24.51
CA TYR C 90 -1.85 -35.51 -23.93
C TYR C 90 -2.76 -34.78 -22.91
N PRO C 91 -4.02 -35.23 -22.75
CA PRO C 91 -4.89 -34.60 -21.73
C PRO C 91 -4.35 -34.66 -20.30
N GLY C 92 -4.60 -33.59 -19.54
CA GLY C 92 -4.14 -33.48 -18.15
C GLY C 92 -3.71 -32.08 -17.78
N ALA C 93 -3.21 -31.92 -16.56
CA ALA C 93 -2.74 -30.63 -16.05
C ALA C 93 -1.68 -30.81 -14.96
N THR C 94 -1.00 -29.73 -14.61
CA THR C 94 0.02 -29.74 -13.56
C THR C 94 -0.56 -29.24 -12.24
N VAL C 95 -0.18 -29.89 -11.13
CA VAL C 95 -0.54 -29.43 -9.79
C VAL C 95 0.41 -28.27 -9.42
N ASN C 96 -0.16 -27.19 -8.88
CA ASN C 96 0.54 -25.92 -8.65
C ASN C 96 1.14 -25.40 -9.98
N GLU C 97 0.25 -25.24 -10.96
CA GLU C 97 0.62 -24.90 -12.34
C GLU C 97 1.13 -23.48 -12.48
N GLU C 98 0.37 -22.52 -11.95
CA GLU C 98 0.71 -21.10 -12.04
C GLU C 98 2.00 -20.77 -11.27
N ALA C 99 2.20 -21.43 -10.13
CA ALA C 99 3.45 -21.34 -9.39
C ALA C 99 4.65 -21.76 -10.24
N LEU C 100 4.51 -22.88 -10.94
CA LEU C 100 5.56 -23.41 -11.82
C LEU C 100 5.85 -22.48 -13.01
N ARG C 101 4.79 -21.95 -13.63
CA ARG C 101 4.92 -21.03 -14.76
C ARG C 101 5.68 -19.75 -14.35
N GLN C 102 5.29 -19.17 -13.22
CA GLN C 102 5.95 -17.97 -12.71
C GLN C 102 7.43 -18.21 -12.39
N LYS C 103 7.74 -19.38 -11.84
CA LYS C 103 9.12 -19.75 -11.53
C LYS C 103 9.99 -19.84 -12.80
N ILE C 104 9.43 -20.39 -13.88
CA ILE C 104 10.12 -20.48 -15.17
C ILE C 104 10.29 -19.08 -15.79
N MET C 105 9.25 -18.26 -15.67
CA MET C 105 9.26 -16.90 -16.22
C MET C 105 10.16 -15.90 -15.45
N GLU C 106 10.63 -16.29 -14.25
CA GLU C 106 11.67 -15.55 -13.52
C GLU C 106 13.10 -15.98 -13.85
N SER C 107 13.26 -17.16 -14.47
CA SER C 107 14.59 -17.72 -14.72
C SER C 107 15.30 -17.01 -15.87
N GLY C 108 16.62 -17.18 -15.93
CA GLY C 108 17.44 -16.68 -17.02
C GLY C 108 17.99 -17.79 -17.91
N GLY C 109 17.31 -18.93 -17.97
CA GLY C 109 17.76 -20.08 -18.75
C GLY C 109 17.37 -21.41 -18.15
N ILE C 110 17.47 -22.46 -18.97
CA ILE C 110 17.20 -23.83 -18.56
C ILE C 110 18.30 -24.73 -19.13
N SER C 111 18.84 -25.60 -18.29
CA SER C 111 19.71 -26.71 -18.73
C SER C 111 19.12 -28.02 -18.25
N LYS C 112 19.53 -29.11 -18.89
CA LYS C 112 18.98 -30.43 -18.63
C LYS C 112 20.07 -31.42 -18.21
N ILE C 113 19.73 -32.26 -17.22
CA ILE C 113 20.63 -33.30 -16.71
C ILE C 113 19.89 -34.64 -16.77
N ASN C 114 20.58 -35.68 -17.23
CA ASN C 114 19.98 -37.02 -17.31
C ASN C 114 19.74 -37.59 -15.92
N THR C 115 18.61 -38.25 -15.74
CA THR C 115 18.34 -39.04 -14.54
C THR C 115 19.08 -40.38 -14.60
N GLY C 116 19.19 -40.96 -15.80
CA GLY C 116 19.81 -42.26 -16.00
C GLY C 116 18.97 -43.43 -15.51
N PHE C 117 17.66 -43.22 -15.37
CA PHE C 117 16.75 -44.22 -14.82
C PHE C 117 16.65 -45.43 -15.74
N THR C 118 16.78 -46.63 -15.15
CA THR C 118 16.72 -47.89 -15.88
C THR C 118 15.56 -48.74 -15.38
N TYR C 119 15.04 -49.59 -16.26
CA TYR C 119 13.89 -50.45 -15.97
C TYR C 119 14.14 -51.84 -16.52
N GLY C 120 13.58 -52.85 -15.85
CA GLY C 120 13.77 -54.24 -16.24
C GLY C 120 13.12 -54.59 -17.57
N SER C 121 13.41 -55.79 -18.05
CA SER C 121 12.87 -56.29 -19.34
C SER C 121 11.34 -56.47 -19.33
N SER C 122 10.75 -56.62 -18.16
CA SER C 122 9.28 -56.68 -18.00
C SER C 122 8.56 -55.35 -18.27
N ILE C 123 9.28 -54.22 -18.29
CA ILE C 123 8.70 -52.90 -18.52
C ILE C 123 9.02 -52.37 -19.94
N ASN C 124 7.98 -51.91 -20.63
CA ASN C 124 8.13 -51.14 -21.87
C ASN C 124 8.16 -49.66 -21.49
N SER C 125 9.36 -49.06 -21.54
CA SER C 125 9.53 -47.64 -21.20
C SER C 125 9.27 -46.68 -22.36
N ALA C 126 9.14 -47.21 -23.59
CA ALA C 126 8.97 -46.39 -24.80
C ALA C 126 7.50 -46.30 -25.24
N GLY C 127 6.60 -46.03 -24.30
CA GLY C 127 5.18 -45.85 -24.59
C GLY C 127 4.93 -44.52 -25.28
N THR C 128 4.08 -44.55 -26.32
CA THR C 128 3.78 -43.36 -27.13
C THR C 128 2.26 -43.18 -27.28
N THR C 129 1.86 -42.08 -27.92
CA THR C 129 0.44 -41.76 -28.10
C THR C 129 0.20 -40.89 -29.34
N LYS C 130 -1.00 -41.03 -29.92
CA LYS C 130 -1.42 -40.24 -31.09
C LYS C 130 -1.64 -38.75 -30.74
N ALA C 131 -1.94 -38.46 -29.48
CA ALA C 131 -2.11 -37.08 -29.02
C ALA C 131 -0.82 -36.26 -29.08
N CYS C 132 0.34 -36.93 -28.96
CA CYS C 132 1.66 -36.28 -28.99
C CYS C 132 2.44 -36.73 -30.23
N MET C 133 2.24 -36.01 -31.34
CA MET C 133 2.87 -36.35 -32.61
C MET C 133 4.21 -35.64 -32.78
N ARG C 134 5.22 -36.37 -33.28
CA ARG C 134 6.54 -35.83 -33.59
C ARG C 134 7.07 -36.54 -34.85
N ASN C 135 7.46 -35.75 -35.85
CA ASN C 135 7.94 -36.25 -37.15
C ASN C 135 6.93 -37.17 -37.86
N GLY C 136 5.65 -36.82 -37.78
CA GLY C 136 4.57 -37.59 -38.39
C GLY C 136 4.39 -39.00 -37.85
N GLY C 137 4.60 -39.17 -36.55
CA GLY C 137 4.49 -40.48 -35.89
C GLY C 137 4.18 -40.35 -34.40
N ASN C 138 3.59 -41.39 -33.83
CA ASN C 138 3.23 -41.41 -32.42
C ASN C 138 4.47 -41.28 -31.52
N SER C 139 4.42 -40.34 -30.59
CA SER C 139 5.56 -40.02 -29.72
C SER C 139 5.08 -39.71 -28.29
N PHE C 140 5.97 -39.17 -27.47
CA PHE C 140 5.65 -38.81 -26.09
C PHE C 140 6.48 -37.60 -25.66
N TYR C 141 6.14 -37.03 -24.52
CA TYR C 141 6.93 -35.96 -23.87
C TYR C 141 8.40 -36.35 -23.85
N ALA C 142 9.26 -35.53 -24.46
CA ALA C 142 10.67 -35.85 -24.67
C ALA C 142 11.50 -36.06 -23.40
N GLU C 143 11.11 -35.39 -22.31
CA GLU C 143 11.84 -35.47 -21.03
C GLU C 143 11.23 -36.48 -20.06
N LEU C 144 10.17 -37.18 -20.49
CA LEU C 144 9.49 -38.19 -19.67
C LEU C 144 9.40 -39.50 -20.44
N LYS C 145 8.96 -40.56 -19.75
CA LYS C 145 8.79 -41.87 -20.36
C LYS C 145 7.55 -42.57 -19.79
N TRP C 146 6.65 -42.97 -20.70
CA TRP C 146 5.45 -43.71 -20.32
C TRP C 146 5.82 -45.19 -20.12
N LEU C 147 5.87 -45.61 -18.86
CA LEU C 147 6.23 -46.97 -18.49
C LEU C 147 4.96 -47.82 -18.45
N VAL C 148 4.95 -48.93 -19.20
CA VAL C 148 3.86 -49.92 -19.17
C VAL C 148 4.44 -51.34 -19.19
N SER C 149 3.58 -52.32 -18.94
CA SER C 149 3.98 -53.72 -18.99
C SER C 149 4.30 -54.14 -20.43
N LYS C 150 5.38 -54.90 -20.61
CA LYS C 150 5.78 -55.41 -21.93
C LYS C 150 4.71 -56.34 -22.50
N ASN C 151 4.20 -57.24 -21.65
CA ASN C 151 3.11 -58.14 -22.00
C ASN C 151 1.79 -57.59 -21.46
N LYS C 152 0.76 -57.53 -22.30
CA LYS C 152 -0.55 -57.00 -21.92
C LYS C 152 -1.23 -57.91 -20.90
N GLY C 153 -1.75 -57.31 -19.82
CA GLY C 153 -2.42 -58.05 -18.74
C GLY C 153 -1.54 -58.37 -17.54
N GLN C 154 -0.22 -58.41 -17.75
CA GLN C 154 0.74 -58.81 -16.71
C GLN C 154 0.97 -57.69 -15.70
N ASN C 155 1.32 -58.06 -14.47
CA ASN C 155 1.59 -57.10 -13.41
C ASN C 155 2.90 -56.35 -13.66
N PHE C 156 2.83 -55.02 -13.54
CA PHE C 156 4.00 -54.15 -13.62
C PHE C 156 4.87 -54.41 -12.38
N PRO C 157 6.18 -54.71 -12.57
CA PRO C 157 7.00 -55.10 -11.42
C PRO C 157 7.30 -53.94 -10.47
N GLN C 158 7.51 -54.26 -9.20
CA GLN C 158 7.86 -53.26 -8.19
C GLN C 158 9.23 -52.69 -8.53
N THR C 159 9.26 -51.38 -8.82
CA THR C 159 10.45 -50.71 -9.35
C THR C 159 10.87 -49.56 -8.43
N THR C 160 12.18 -49.35 -8.32
CA THR C 160 12.75 -48.30 -7.48
C THR C 160 13.77 -47.52 -8.30
N ASN C 161 13.59 -46.20 -8.37
CA ASN C 161 14.47 -45.30 -9.13
C ASN C 161 14.81 -44.08 -8.29
N THR C 162 16.10 -43.83 -8.08
CA THR C 162 16.57 -42.71 -7.26
C THR C 162 17.49 -41.81 -8.09
N TYR C 163 17.21 -40.50 -8.05
CA TYR C 163 18.06 -39.48 -8.67
C TYR C 163 18.79 -38.69 -7.59
N ARG C 164 20.11 -38.59 -7.71
CA ARG C 164 20.94 -37.76 -6.83
C ARG C 164 21.32 -36.46 -7.55
N ASN C 165 21.12 -35.33 -6.88
CA ASN C 165 21.58 -34.04 -7.38
C ASN C 165 23.08 -33.90 -7.08
N ALA C 166 23.90 -34.14 -8.10
CA ALA C 166 25.36 -34.00 -8.00
C ALA C 166 25.86 -32.55 -8.20
N ASP C 167 24.99 -31.68 -8.71
CA ASP C 167 25.34 -30.27 -8.98
C ASP C 167 25.35 -29.47 -7.68
N THR C 168 25.96 -28.28 -7.74
CA THR C 168 25.99 -27.33 -6.60
C THR C 168 24.74 -26.43 -6.49
N ALA C 169 23.82 -26.51 -7.46
CA ALA C 169 22.57 -25.75 -7.43
C ALA C 169 21.37 -26.69 -7.44
N GLU C 170 20.22 -26.18 -7.01
CA GLU C 170 18.98 -26.97 -6.95
C GLU C 170 18.47 -27.32 -8.35
N HIS C 171 17.91 -28.52 -8.48
CA HIS C 171 17.31 -29.00 -9.73
C HIS C 171 15.80 -29.15 -9.57
N LEU C 172 15.08 -28.92 -10.66
CA LEU C 172 13.63 -29.05 -10.70
C LEU C 172 13.27 -30.36 -11.38
N ILE C 173 12.65 -31.28 -10.64
CA ILE C 173 12.26 -32.60 -11.16
C ILE C 173 10.74 -32.66 -11.33
N MET C 174 10.30 -33.17 -12.48
CA MET C 174 8.89 -33.33 -12.80
C MET C 174 8.57 -34.79 -13.11
N TRP C 175 7.34 -35.18 -12.84
CA TRP C 175 6.83 -36.49 -13.23
C TRP C 175 5.33 -36.43 -13.40
N GLY C 176 4.75 -37.52 -13.92
CA GLY C 176 3.31 -37.61 -14.15
C GLY C 176 2.69 -38.87 -13.57
N ILE C 177 1.40 -38.80 -13.27
CA ILE C 177 0.61 -39.95 -12.83
C ILE C 177 -0.46 -40.18 -13.88
N HIS C 178 -0.41 -41.32 -14.56
CA HIS C 178 -1.45 -41.71 -15.52
C HIS C 178 -2.68 -42.18 -14.76
N HIS C 179 -3.83 -41.59 -15.07
CA HIS C 179 -5.12 -41.96 -14.50
C HIS C 179 -5.94 -42.63 -15.62
N PRO C 180 -5.95 -43.99 -15.65
CA PRO C 180 -6.59 -44.68 -16.79
C PRO C 180 -8.10 -44.47 -16.93
N SER C 181 -8.59 -44.63 -18.15
CA SER C 181 -10.01 -44.44 -18.48
C SER C 181 -10.93 -45.45 -17.79
N SER C 182 -10.56 -46.73 -17.85
CA SER C 182 -11.38 -47.83 -17.35
C SER C 182 -10.54 -48.89 -16.62
N THR C 183 -11.23 -49.83 -15.98
CA THR C 183 -10.58 -50.96 -15.30
C THR C 183 -9.88 -51.90 -16.28
N GLN C 184 -10.47 -52.09 -17.47
CA GLN C 184 -9.86 -52.89 -18.53
C GLN C 184 -8.50 -52.32 -18.96
N GLU C 185 -8.47 -51.02 -19.25
CA GLU C 185 -7.25 -50.32 -19.65
C GLU C 185 -6.18 -50.39 -18.56
N LYS C 186 -6.59 -50.13 -17.31
CA LYS C 186 -5.70 -50.22 -16.15
C LYS C 186 -5.07 -51.62 -16.02
N ASN C 187 -5.88 -52.66 -16.20
CA ASN C 187 -5.39 -54.04 -16.15
C ASN C 187 -4.52 -54.42 -17.34
N ASP C 188 -4.80 -53.87 -18.52
CA ASP C 188 -3.97 -54.12 -19.71
C ASP C 188 -2.55 -53.57 -19.58
N LEU C 189 -2.44 -52.33 -19.12
CA LEU C 189 -1.15 -51.64 -19.04
C LEU C 189 -0.34 -52.00 -17.79
N TYR C 190 -1.01 -52.09 -16.63
CA TYR C 190 -0.32 -52.25 -15.33
C TYR C 190 -0.71 -53.52 -14.55
N GLY C 191 -1.55 -54.38 -15.13
CA GLY C 191 -1.97 -55.62 -14.46
C GLY C 191 -3.07 -55.43 -13.42
N THR C 192 -3.51 -56.55 -12.86
CA THR C 192 -4.62 -56.58 -11.91
C THR C 192 -4.30 -56.03 -10.50
N GLN C 193 -3.01 -55.99 -10.14
CA GLN C 193 -2.57 -55.55 -8.81
C GLN C 193 -2.99 -54.12 -8.47
N SER C 194 -3.11 -53.83 -7.17
CA SER C 194 -3.39 -52.47 -6.68
C SER C 194 -2.15 -51.60 -6.85
N LEU C 195 -2.35 -50.38 -7.35
CA LEU C 195 -1.25 -49.49 -7.74
C LEU C 195 -0.95 -48.44 -6.67
N SER C 196 0.32 -48.08 -6.55
CA SER C 196 0.78 -47.08 -5.59
C SER C 196 2.13 -46.50 -6.00
N ILE C 197 2.20 -45.18 -6.17
CA ILE C 197 3.43 -44.48 -6.50
C ILE C 197 3.84 -43.60 -5.33
N SER C 198 5.01 -43.86 -4.77
CA SER C 198 5.59 -43.06 -3.69
C SER C 198 6.78 -42.27 -4.21
N VAL C 199 6.82 -40.98 -3.88
CA VAL C 199 7.94 -40.11 -4.21
C VAL C 199 8.43 -39.47 -2.91
N GLY C 200 9.71 -39.60 -2.62
CA GLY C 200 10.28 -39.15 -1.35
C GLY C 200 11.70 -38.66 -1.43
N SER C 201 11.97 -37.56 -0.72
CA SER C 201 13.32 -37.02 -0.53
C SER C 201 13.41 -36.48 0.91
N SER C 202 14.48 -35.74 1.23
CA SER C 202 14.59 -35.08 2.53
C SER C 202 13.54 -33.97 2.72
N THR C 203 13.35 -33.16 1.69
CA THR C 203 12.45 -31.99 1.74
C THR C 203 11.04 -32.22 1.18
N TYR C 204 10.74 -33.45 0.74
CA TYR C 204 9.46 -33.75 0.07
C TYR C 204 9.03 -35.20 0.28
N LYS C 205 7.73 -35.40 0.45
CA LYS C 205 7.13 -36.74 0.51
C LYS C 205 5.68 -36.69 0.03
N ASN C 206 5.30 -37.66 -0.79
CA ASN C 206 3.92 -37.77 -1.28
C ASN C 206 3.63 -39.18 -1.80
N ASN C 207 2.35 -39.56 -1.77
CA ASN C 207 1.87 -40.85 -2.27
C ASN C 207 0.74 -40.60 -3.26
N PHE C 208 0.79 -41.30 -4.40
CA PHE C 208 -0.21 -41.15 -5.47
C PHE C 208 -0.85 -42.49 -5.81
N VAL C 209 -2.18 -42.47 -5.99
CA VAL C 209 -2.96 -43.64 -6.39
C VAL C 209 -3.73 -43.27 -7.66
N PRO C 210 -3.47 -43.98 -8.79
CA PRO C 210 -4.24 -43.75 -10.02
C PRO C 210 -5.76 -43.93 -9.85
N VAL C 211 -6.50 -42.86 -10.13
CA VAL C 211 -7.96 -42.87 -10.09
C VAL C 211 -8.48 -43.43 -11.41
N VAL C 212 -9.40 -44.39 -11.32
CA VAL C 212 -9.94 -45.10 -12.48
C VAL C 212 -11.43 -44.86 -12.60
N LEU C 221 -11.82 -38.98 -19.98
CA LEU C 221 -11.61 -40.39 -19.70
C LEU C 221 -10.20 -40.65 -19.13
N SER C 222 -9.19 -40.56 -19.99
CA SER C 222 -7.79 -40.79 -19.61
C SER C 222 -7.06 -39.46 -19.50
N ARG C 223 -6.12 -39.36 -18.55
CA ARG C 223 -5.37 -38.14 -18.31
C ARG C 223 -4.05 -38.40 -17.58
N ILE C 224 -3.01 -37.63 -17.95
CA ILE C 224 -1.71 -37.66 -17.27
C ILE C 224 -1.54 -36.33 -16.55
N ASP C 225 -1.74 -36.33 -15.24
CA ASP C 225 -1.54 -35.14 -14.40
C ASP C 225 -0.11 -35.09 -13.88
N PHE C 226 0.49 -33.90 -13.93
CA PHE C 226 1.90 -33.71 -13.59
C PHE C 226 2.10 -33.12 -12.21
N HIS C 227 3.23 -33.48 -11.59
CA HIS C 227 3.63 -32.98 -10.29
C HIS C 227 5.10 -32.58 -10.36
N TRP C 228 5.55 -31.76 -9.41
CA TRP C 228 6.93 -31.29 -9.40
C TRP C 228 7.43 -30.91 -8.00
N THR C 229 8.74 -30.95 -7.84
CA THR C 229 9.41 -30.45 -6.65
C THR C 229 10.87 -30.10 -6.95
N LEU C 230 11.54 -29.49 -5.97
CA LEU C 230 12.95 -29.13 -6.09
C LEU C 230 13.82 -30.11 -5.31
N VAL C 231 14.92 -30.55 -5.93
CA VAL C 231 15.92 -31.39 -5.28
C VAL C 231 17.14 -30.52 -4.98
N GLN C 232 17.47 -30.38 -3.70
CA GLN C 232 18.59 -29.54 -3.27
C GLN C 232 19.93 -30.24 -3.54
N PRO C 233 21.04 -29.47 -3.59
CA PRO C 233 22.37 -30.06 -3.84
C PRO C 233 22.74 -31.17 -2.85
N GLY C 234 23.13 -32.34 -3.38
CA GLY C 234 23.49 -33.50 -2.56
C GLY C 234 22.35 -34.43 -2.17
N ASP C 235 21.11 -33.92 -2.18
CA ASP C 235 19.94 -34.69 -1.76
C ASP C 235 19.48 -35.66 -2.85
N LYS C 236 18.82 -36.74 -2.43
CA LYS C 236 18.33 -37.79 -3.32
C LYS C 236 16.81 -37.83 -3.29
N ILE C 237 16.20 -38.05 -4.46
CA ILE C 237 14.75 -38.24 -4.57
C ILE C 237 14.47 -39.64 -5.14
N THR C 238 13.64 -40.41 -4.44
CA THR C 238 13.38 -41.81 -4.77
C THR C 238 11.93 -42.01 -5.23
N PHE C 239 11.76 -42.72 -6.34
CA PHE C 239 10.46 -43.10 -6.86
C PHE C 239 10.25 -44.61 -6.65
N SER C 240 9.23 -44.97 -5.86
CA SER C 240 8.83 -46.37 -5.68
C SER C 240 7.45 -46.55 -6.30
N HIS C 241 7.34 -47.46 -7.26
CA HIS C 241 6.15 -47.56 -8.11
C HIS C 241 5.93 -48.96 -8.70
N ASN C 242 4.67 -49.29 -8.96
CA ASN C 242 4.28 -50.57 -9.55
C ASN C 242 3.23 -50.39 -10.66
N GLY C 243 3.39 -49.33 -11.47
CA GLY C 243 2.48 -49.01 -12.57
C GLY C 243 1.76 -47.70 -12.32
N GLY C 244 1.71 -46.84 -13.35
CA GLY C 244 1.06 -45.54 -13.27
C GLY C 244 2.00 -44.34 -13.32
N LEU C 245 3.28 -44.56 -13.01
CA LEU C 245 4.27 -43.49 -13.03
C LEU C 245 4.68 -43.13 -14.46
N ILE C 246 4.68 -41.84 -14.75
CA ILE C 246 5.29 -41.29 -15.96
C ILE C 246 6.62 -40.70 -15.47
N ALA C 247 7.67 -41.50 -15.56
CA ALA C 247 8.95 -41.20 -14.92
C ALA C 247 9.81 -40.25 -15.77
N PRO C 248 10.61 -39.39 -15.11
CA PRO C 248 11.50 -38.48 -15.85
C PRO C 248 12.76 -39.17 -16.37
N SER C 249 13.11 -38.88 -17.63
CA SER C 249 14.40 -39.25 -18.20
C SER C 249 15.42 -38.14 -17.99
N ARG C 250 14.96 -36.89 -17.90
CA ARG C 250 15.81 -35.74 -17.57
C ARG C 250 15.15 -34.83 -16.53
N VAL C 251 15.98 -34.10 -15.78
CA VAL C 251 15.51 -33.05 -14.87
C VAL C 251 16.05 -31.70 -15.33
N SER C 252 15.47 -30.62 -14.81
CA SER C 252 15.80 -29.26 -15.23
C SER C 252 16.57 -28.51 -14.15
N LYS C 253 17.43 -27.58 -14.57
CA LYS C 253 18.02 -26.60 -13.68
C LYS C 253 17.70 -25.21 -14.22
N LEU C 254 17.03 -24.40 -13.40
CA LEU C 254 16.73 -23.01 -13.74
C LEU C 254 17.94 -22.14 -13.41
N ILE C 255 18.46 -21.45 -14.43
CA ILE C 255 19.73 -20.72 -14.35
C ILE C 255 19.46 -19.22 -14.20
N GLY C 256 19.94 -18.63 -13.10
CA GLY C 256 19.97 -17.17 -12.95
C GLY C 256 18.62 -16.50 -12.90
N ARG C 257 18.56 -15.28 -13.44
CA ARG C 257 17.37 -14.43 -13.37
C ARG C 257 17.04 -13.82 -14.74
N GLY C 258 15.75 -13.63 -14.99
CA GLY C 258 15.26 -13.02 -16.23
C GLY C 258 13.86 -12.46 -16.08
N LEU C 259 13.48 -11.60 -17.04
CA LEU C 259 12.18 -10.93 -17.03
C LEU C 259 11.17 -11.67 -17.88
N GLY C 260 10.05 -12.08 -17.28
CA GLY C 260 8.97 -12.76 -17.99
C GLY C 260 7.94 -11.77 -18.52
N ILE C 261 7.59 -11.92 -19.80
CA ILE C 261 6.62 -11.04 -20.48
C ILE C 261 5.53 -11.89 -21.14
N GLN C 262 4.27 -11.51 -20.92
CA GLN C 262 3.12 -12.11 -21.61
C GLN C 262 2.49 -11.05 -22.52
N SER C 263 2.55 -11.30 -23.84
CA SER C 263 2.08 -10.33 -24.83
C SER C 263 1.95 -10.97 -26.22
N GLU C 264 1.01 -10.45 -27.02
CA GLU C 264 0.88 -10.83 -28.44
C GLU C 264 1.58 -9.84 -29.38
N ALA C 265 2.21 -8.79 -28.84
CA ALA C 265 2.86 -7.76 -29.66
C ALA C 265 4.14 -8.28 -30.32
N PRO C 266 4.43 -7.82 -31.55
CA PRO C 266 5.62 -8.29 -32.28
C PRO C 266 6.92 -7.72 -31.73
N ILE C 267 8.02 -8.42 -31.95
CA ILE C 267 9.34 -8.02 -31.43
C ILE C 267 10.00 -7.00 -32.37
N ASP C 268 10.66 -6.01 -31.77
CA ASP C 268 11.43 -5.00 -32.49
C ASP C 268 12.79 -4.85 -31.79
N ASN C 269 13.87 -5.17 -32.53
CA ASN C 269 15.24 -5.06 -32.01
C ASN C 269 15.89 -3.68 -32.21
N SER C 270 15.12 -2.69 -32.68
CA SER C 270 15.62 -1.33 -32.89
C SER C 270 15.49 -0.45 -31.64
N CYS C 271 14.36 -0.54 -30.94
CA CYS C 271 14.08 0.27 -29.75
C CYS C 271 14.46 -0.45 -28.46
N GLU C 272 14.74 0.33 -27.41
CA GLU C 272 15.00 -0.18 -26.05
C GLU C 272 13.81 0.13 -25.14
N SER C 273 13.63 -0.72 -24.11
CA SER C 273 12.62 -0.47 -23.07
C SER C 273 12.90 -1.27 -21.80
N LYS C 274 12.58 -0.67 -20.66
CA LYS C 274 12.66 -1.35 -19.36
C LYS C 274 11.27 -1.71 -18.80
N CYS C 275 10.20 -1.27 -19.46
CA CYS C 275 8.83 -1.51 -19.01
C CYS C 275 7.99 -2.12 -20.14
N PHE C 276 7.23 -3.17 -19.82
CA PHE C 276 6.43 -3.90 -20.80
C PHE C 276 5.04 -4.23 -20.25
N TRP C 277 4.10 -4.44 -21.16
CA TRP C 277 2.74 -4.87 -20.83
C TRP C 277 2.17 -5.69 -21.99
N ARG C 278 0.93 -6.17 -21.85
CA ARG C 278 0.27 -6.98 -22.88
C ARG C 278 0.27 -6.28 -24.25
N GLY C 279 -0.09 -5.00 -24.24
CA GLY C 279 -0.13 -4.17 -25.44
C GLY C 279 1.19 -3.79 -26.08
N GLY C 280 2.30 -3.86 -25.34
CA GLY C 280 3.63 -3.61 -25.90
C GLY C 280 4.66 -3.08 -24.91
N SER C 281 5.29 -1.95 -25.26
CA SER C 281 6.37 -1.36 -24.46
C SER C 281 6.08 0.09 -24.08
N ILE C 282 6.67 0.53 -22.96
CA ILE C 282 6.54 1.90 -22.45
C ILE C 282 7.95 2.44 -22.22
N ASN C 283 8.41 3.30 -23.14
CA ASN C 283 9.78 3.81 -23.15
C ASN C 283 9.95 5.17 -22.45
N THR C 284 8.88 5.73 -21.90
CA THR C 284 8.87 7.09 -21.36
C THR C 284 9.86 7.35 -20.20
N ARG C 285 10.28 8.61 -20.09
CA ARG C 285 11.05 9.09 -18.95
C ARG C 285 10.16 9.69 -17.85
N LEU C 286 8.85 9.78 -18.11
CA LEU C 286 7.91 10.42 -17.20
C LEU C 286 7.59 9.53 -15.99
N PRO C 287 7.27 10.14 -14.83
CA PRO C 287 7.06 9.38 -13.59
C PRO C 287 5.79 8.52 -13.55
N PHE C 288 4.73 8.98 -14.22
CA PHE C 288 3.43 8.31 -14.18
C PHE C 288 3.00 7.86 -15.57
N GLN C 289 1.93 7.05 -15.60
CA GLN C 289 1.49 6.38 -16.82
C GLN C 289 0.03 5.93 -16.66
N ASN C 290 -0.76 6.02 -17.72
CA ASN C 290 -2.20 5.68 -17.67
C ASN C 290 -2.66 4.58 -18.66
N LEU C 291 -1.71 3.82 -19.19
CA LEU C 291 -2.00 2.75 -20.15
C LEU C 291 -2.57 1.50 -19.48
N SER C 292 -1.88 1.00 -18.46
CA SER C 292 -2.28 -0.24 -17.78
C SER C 292 -1.70 -0.39 -16.38
N PRO C 293 -2.48 -0.97 -15.44
CA PRO C 293 -1.93 -1.34 -14.12
C PRO C 293 -1.08 -2.62 -14.17
N ARG C 294 -1.34 -3.51 -15.12
CA ARG C 294 -0.55 -4.72 -15.32
C ARG C 294 0.69 -4.43 -16.18
N THR C 295 1.80 -4.12 -15.52
CA THR C 295 3.09 -3.93 -16.20
C THR C 295 4.17 -4.77 -15.54
N VAL C 296 5.27 -4.97 -16.28
CA VAL C 296 6.44 -5.71 -15.77
C VAL C 296 7.72 -4.94 -16.09
N GLY C 297 8.70 -5.08 -15.20
CA GLY C 297 9.99 -4.41 -15.34
C GLY C 297 10.11 -3.19 -14.45
N GLN C 298 10.85 -2.19 -14.92
CA GLN C 298 11.04 -0.92 -14.20
C GLN C 298 10.14 0.12 -14.84
N CYS C 299 9.01 0.39 -14.20
CA CYS C 299 7.90 1.10 -14.84
C CYS C 299 7.52 2.40 -14.14
N PRO C 300 6.95 3.36 -14.91
CA PRO C 300 6.22 4.46 -14.27
C PRO C 300 4.98 3.92 -13.57
N LYS C 301 4.57 4.57 -12.49
CA LYS C 301 3.45 4.11 -11.68
C LYS C 301 2.13 4.41 -12.37
N TYR C 302 1.19 3.46 -12.31
CA TYR C 302 -0.12 3.62 -12.93
C TYR C 302 -0.99 4.59 -12.16
N VAL C 303 -1.67 5.49 -12.87
CA VAL C 303 -2.59 6.47 -12.29
C VAL C 303 -3.88 6.56 -13.11
N ASN C 304 -5.01 6.81 -12.43
CA ASN C 304 -6.30 7.04 -13.08
C ASN C 304 -6.44 8.52 -13.47
N LYS C 305 -5.62 8.95 -14.43
CA LYS C 305 -5.58 10.35 -14.89
C LYS C 305 -5.19 10.42 -16.36
N LYS C 306 -5.89 11.25 -17.14
CA LYS C 306 -5.51 11.51 -18.53
C LYS C 306 -4.25 12.38 -18.64
N SER C 307 -4.16 13.38 -17.76
CA SER C 307 -3.08 14.38 -17.83
C SER C 307 -2.86 15.07 -16.47
N LEU C 308 -1.60 15.34 -16.15
CA LEU C 308 -1.21 16.16 -14.99
C LEU C 308 -0.09 17.10 -15.39
N MET C 309 -0.43 18.37 -15.61
CA MET C 309 0.53 19.35 -16.10
C MET C 309 1.30 20.01 -14.96
N LEU C 310 2.63 19.91 -15.04
CA LEU C 310 3.55 20.52 -14.09
C LEU C 310 4.01 21.86 -14.64
N ALA C 311 3.84 22.93 -13.85
CA ALA C 311 4.18 24.27 -14.27
C ALA C 311 5.70 24.44 -14.33
N THR C 312 6.19 25.01 -15.43
CA THR C 312 7.60 25.32 -15.61
C THR C 312 7.77 26.83 -15.83
N GLY C 313 6.91 27.63 -15.21
CA GLY C 313 6.92 29.07 -15.38
C GLY C 313 5.91 29.80 -14.51
N MET C 314 6.07 31.11 -14.43
CA MET C 314 5.22 31.99 -13.62
C MET C 314 3.79 32.10 -14.14
N ARG C 315 2.94 32.78 -13.38
CA ARG C 315 1.59 33.15 -13.83
C ARG C 315 1.67 33.99 -15.11
N ASN C 316 0.88 33.61 -16.11
CA ASN C 316 0.79 34.37 -17.36
C ASN C 316 -0.25 35.46 -17.17
N VAL C 317 0.19 36.71 -17.21
CA VAL C 317 -0.69 37.88 -17.09
C VAL C 317 -0.53 38.71 -18.36
N PRO C 318 -1.33 38.41 -19.40
CA PRO C 318 -1.14 39.05 -20.71
C PRO C 318 -1.57 40.52 -20.76
N GLU C 319 -1.08 41.23 -21.77
CA GLU C 319 -1.33 42.66 -21.92
C GLU C 319 -2.76 42.93 -22.40
N GLY D 1 -1.16 37.12 -5.59
CA GLY D 1 -0.43 35.96 -5.01
C GLY D 1 0.29 36.28 -3.72
N LEU D 2 1.08 35.33 -3.22
CA LEU D 2 1.70 35.41 -1.89
C LEU D 2 2.59 36.64 -1.67
N PHE D 3 3.40 36.99 -2.67
CA PHE D 3 4.34 38.10 -2.53
C PHE D 3 3.86 39.40 -3.19
N GLY D 4 2.71 39.34 -3.87
CA GLY D 4 1.98 40.53 -4.27
C GLY D 4 2.52 41.32 -5.45
N ALA D 5 3.47 40.76 -6.20
CA ALA D 5 4.07 41.45 -7.34
C ALA D 5 3.46 40.96 -8.65
N ILE D 6 3.67 39.68 -8.97
CA ILE D 6 3.16 39.08 -10.22
C ILE D 6 1.67 38.83 -10.04
N ALA D 7 0.87 39.38 -10.97
CA ALA D 7 -0.59 39.47 -10.82
C ALA D 7 -1.00 40.21 -9.53
N GLY D 8 -0.19 41.20 -9.16
CA GLY D 8 -0.39 42.01 -7.95
C GLY D 8 -0.18 43.47 -8.29
N PHE D 9 0.78 44.13 -7.63
CA PHE D 9 1.04 45.56 -7.91
C PHE D 9 1.63 45.82 -9.30
N ILE D 10 2.22 44.81 -9.92
CA ILE D 10 2.54 44.84 -11.36
C ILE D 10 1.28 44.40 -12.09
N GLU D 11 0.74 45.29 -12.93
CA GLU D 11 -0.58 45.09 -13.57
C GLU D 11 -0.59 43.92 -14.57
N ASN D 12 0.50 43.78 -15.33
CA ASN D 12 0.62 42.69 -16.30
C ASN D 12 2.07 42.45 -16.74
N GLY D 13 2.29 41.31 -17.37
CA GLY D 13 3.60 40.96 -17.92
C GLY D 13 3.84 41.60 -19.28
N TRP D 14 5.09 41.52 -19.74
CA TRP D 14 5.51 42.09 -21.01
C TRP D 14 5.75 41.01 -22.07
N GLU D 15 4.93 40.97 -23.10
CA GLU D 15 5.10 40.02 -24.21
C GLU D 15 6.33 40.33 -25.08
N GLY D 16 6.72 41.60 -25.13
CA GLY D 16 7.91 42.04 -25.86
C GLY D 16 9.24 41.53 -25.30
N MET D 17 9.27 41.25 -24.00
CA MET D 17 10.48 40.73 -23.34
C MET D 17 10.64 39.23 -23.60
N VAL D 18 11.50 38.89 -24.56
CA VAL D 18 11.73 37.49 -24.97
C VAL D 18 13.10 36.92 -24.56
N ASP D 19 14.00 37.77 -24.03
CA ASP D 19 15.35 37.34 -23.62
C ASP D 19 15.52 37.26 -22.09
N GLY D 20 14.41 37.14 -21.36
CA GLY D 20 14.45 37.03 -19.91
C GLY D 20 13.08 36.90 -19.28
N TRP D 21 13.07 36.52 -18.01
CA TRP D 21 11.85 36.35 -17.21
C TRP D 21 11.49 37.63 -16.47
N TYR D 22 12.50 38.34 -15.98
CA TYR D 22 12.34 39.61 -15.30
C TYR D 22 13.24 40.65 -15.96
N GLY D 23 12.87 41.92 -15.85
CA GLY D 23 13.69 42.99 -16.41
C GLY D 23 13.23 44.40 -16.13
N PHE D 24 13.80 45.35 -16.88
CA PHE D 24 13.62 46.77 -16.66
C PHE D 24 13.14 47.47 -17.93
N ARG D 25 12.28 48.47 -17.78
CA ARG D 25 11.93 49.41 -18.84
C ARG D 25 12.13 50.82 -18.29
N HIS D 26 12.92 51.64 -18.97
CA HIS D 26 13.25 52.98 -18.48
C HIS D 26 12.72 54.10 -19.39
N GLN D 27 12.79 55.32 -18.86
CA GLN D 27 12.40 56.53 -19.59
C GLN D 27 13.22 57.72 -19.11
N ASN D 28 13.91 58.38 -20.04
CA ASN D 28 14.70 59.58 -19.75
C ASN D 28 14.70 60.52 -20.97
N ALA D 29 15.54 61.55 -20.94
CA ALA D 29 15.67 62.49 -22.07
C ALA D 29 16.06 61.82 -23.39
N GLN D 30 16.98 60.87 -23.32
CA GLN D 30 17.46 60.13 -24.52
C GLN D 30 16.41 59.22 -25.16
N GLY D 31 15.40 58.79 -24.39
CA GLY D 31 14.28 57.98 -24.90
C GLY D 31 13.91 56.85 -23.97
N THR D 32 13.30 55.80 -24.54
CA THR D 32 12.93 54.59 -23.79
C THR D 32 13.79 53.41 -24.21
N GLY D 33 13.80 52.38 -23.37
CA GLY D 33 14.55 51.15 -23.64
C GLY D 33 14.08 49.98 -22.78
N GLN D 34 14.61 48.79 -23.07
CA GLN D 34 14.27 47.57 -22.34
C GLN D 34 15.51 46.70 -22.15
N ALA D 35 15.59 46.01 -21.02
CA ALA D 35 16.68 45.08 -20.73
C ALA D 35 16.25 44.04 -19.70
N ALA D 36 16.70 42.80 -19.90
CA ALA D 36 16.39 41.68 -19.00
C ALA D 36 17.42 41.55 -17.90
N ASP D 37 16.99 41.12 -16.72
CA ASP D 37 17.87 40.83 -15.59
C ASP D 37 18.27 39.35 -15.63
N TYR D 38 19.56 39.09 -15.74
CA TYR D 38 20.09 37.72 -15.87
C TYR D 38 20.01 36.94 -14.56
N LYS D 39 20.40 37.57 -13.45
CA LYS D 39 20.51 36.90 -12.15
C LYS D 39 19.17 36.39 -11.62
N SER D 40 18.14 37.23 -11.66
CA SER D 40 16.80 36.85 -11.21
C SER D 40 16.14 35.83 -12.13
N THR D 41 16.40 35.94 -13.43
CA THR D 41 15.90 35.00 -14.43
C THR D 41 16.48 33.59 -14.21
N GLN D 42 17.80 33.51 -14.05
CA GLN D 42 18.47 32.23 -13.79
C GLN D 42 18.10 31.64 -12.44
N ALA D 43 17.90 32.48 -11.43
CA ALA D 43 17.45 32.02 -10.11
C ALA D 43 16.13 31.27 -10.19
N ALA D 44 15.18 31.80 -10.97
CA ALA D 44 13.90 31.14 -11.20
C ALA D 44 14.04 29.87 -12.06
N ILE D 45 14.80 29.95 -13.14
CA ILE D 45 15.00 28.82 -14.07
C ILE D 45 15.74 27.65 -13.42
N ASP D 46 16.80 27.94 -12.66
CA ASP D 46 17.57 26.92 -11.95
C ASP D 46 16.72 26.18 -10.91
N GLN D 47 15.83 26.91 -10.25
CA GLN D 47 14.92 26.32 -9.28
C GLN D 47 13.87 25.40 -9.92
N ILE D 48 13.36 25.79 -11.08
CA ILE D 48 12.43 24.95 -11.86
C ILE D 48 13.14 23.72 -12.44
N THR D 49 14.37 23.91 -12.91
CA THR D 49 15.20 22.81 -13.39
C THR D 49 15.46 21.76 -12.29
N GLY D 50 15.65 22.24 -11.06
CA GLY D 50 15.81 21.36 -9.89
C GLY D 50 14.59 20.50 -9.60
N LYS D 51 13.40 21.11 -9.68
CA LYS D 51 12.13 20.38 -9.53
C LYS D 51 11.94 19.29 -10.58
N LEU D 52 12.27 19.61 -11.84
CA LEU D 52 12.15 18.66 -12.95
C LEU D 52 13.09 17.46 -12.77
N ASN D 53 14.33 17.73 -12.35
CA ASN D 53 15.31 16.67 -12.06
C ASN D 53 14.81 15.67 -11.00
N ARG D 54 14.08 16.18 -10.01
CA ARG D 54 13.55 15.34 -8.92
C ARG D 54 12.24 14.63 -9.31
N ILE D 55 11.35 15.31 -10.02
CA ILE D 55 10.01 14.79 -10.35
C ILE D 55 10.03 13.89 -11.58
N ILE D 56 10.75 14.30 -12.64
CA ILE D 56 10.77 13.55 -13.90
C ILE D 56 11.75 12.37 -13.78
N LYS D 57 11.29 11.31 -13.11
CA LYS D 57 12.05 10.07 -12.94
C LYS D 57 11.16 8.95 -12.41
N LYS D 58 11.67 7.72 -12.49
CA LYS D 58 10.95 6.53 -12.01
C LYS D 58 11.82 5.74 -11.04
N THR D 59 11.19 4.80 -10.33
CA THR D 59 11.92 3.91 -9.43
C THR D 59 12.63 2.84 -10.25
N ASN D 60 13.74 2.32 -9.71
CA ASN D 60 14.50 1.25 -10.35
C ASN D 60 14.10 -0.15 -9.85
N THR D 61 12.98 -0.24 -9.11
CA THR D 61 12.47 -1.52 -8.61
C THR D 61 11.92 -2.37 -9.76
N GLU D 62 12.47 -3.56 -9.92
CA GLU D 62 11.99 -4.53 -10.92
C GLU D 62 10.74 -5.23 -10.38
N PHE D 63 9.62 -5.05 -11.06
CA PHE D 63 8.37 -5.75 -10.73
C PHE D 63 8.13 -6.88 -11.71
N GLU D 64 7.70 -8.03 -11.18
CA GLU D 64 7.32 -9.19 -11.99
C GLU D 64 5.80 -9.24 -12.09
N SER D 65 5.31 -10.06 -13.01
CA SER D 65 3.88 -10.30 -13.15
C SER D 65 3.38 -11.25 -12.06
N ILE D 66 2.27 -10.87 -11.42
CA ILE D 66 1.56 -11.75 -10.48
C ILE D 66 0.14 -12.10 -10.98
N GLU D 67 -0.18 -11.72 -12.23
CA GLU D 67 -1.46 -12.02 -12.86
C GLU D 67 -1.20 -12.53 -14.27
N SER D 68 -1.69 -13.73 -14.58
CA SER D 68 -1.55 -14.30 -15.92
C SER D 68 -2.49 -13.61 -16.91
N GLU D 69 -1.92 -13.19 -18.03
CA GLU D 69 -2.71 -12.60 -19.13
C GLU D 69 -3.52 -13.67 -19.90
N PHE D 70 -2.94 -14.87 -20.06
CA PHE D 70 -3.49 -15.89 -20.96
C PHE D 70 -4.14 -17.11 -20.28
N SER D 71 -4.19 -17.13 -18.95
CA SER D 71 -4.86 -18.21 -18.20
C SER D 71 -5.55 -17.69 -16.95
N GLU D 72 -6.51 -18.45 -16.44
CA GLU D 72 -7.30 -18.05 -15.27
C GLU D 72 -6.48 -18.21 -13.97
N ILE D 73 -6.49 -17.16 -13.16
CA ILE D 73 -5.83 -17.15 -11.86
C ILE D 73 -6.81 -17.75 -10.85
N ASP D 74 -6.28 -18.29 -9.75
CA ASP D 74 -7.11 -18.73 -8.63
C ASP D 74 -8.02 -17.58 -8.18
N HIS D 75 -9.31 -17.89 -7.99
CA HIS D 75 -10.34 -16.89 -7.72
C HIS D 75 -10.11 -16.11 -6.42
N GLN D 76 -9.69 -16.82 -5.36
CA GLN D 76 -9.39 -16.19 -4.07
C GLN D 76 -8.19 -15.24 -4.16
N ILE D 77 -7.09 -15.74 -4.71
CA ILE D 77 -5.85 -14.97 -4.86
C ILE D 77 -6.05 -13.80 -5.85
N GLY D 78 -6.82 -14.03 -6.91
CA GLY D 78 -7.17 -12.99 -7.87
C GLY D 78 -7.93 -11.79 -7.30
N ASN D 79 -8.85 -12.06 -6.38
CA ASN D 79 -9.60 -11.00 -5.68
C ASN D 79 -8.71 -10.15 -4.78
N VAL D 80 -7.76 -10.80 -4.10
CA VAL D 80 -6.81 -10.12 -3.21
C VAL D 80 -5.88 -9.22 -4.03
N ILE D 81 -5.36 -9.75 -5.13
CA ILE D 81 -4.49 -8.99 -6.04
C ILE D 81 -5.25 -7.78 -6.61
N ASN D 82 -6.49 -8.00 -7.04
CA ASN D 82 -7.34 -6.91 -7.54
C ASN D 82 -7.61 -5.82 -6.49
N TRP D 83 -7.87 -6.22 -5.25
CA TRP D 83 -8.07 -5.26 -4.15
C TRP D 83 -6.78 -4.47 -3.88
N THR D 84 -5.66 -5.19 -3.87
CA THR D 84 -4.36 -4.58 -3.61
C THR D 84 -3.93 -3.61 -4.72
N LYS D 85 -4.05 -4.03 -5.98
CA LYS D 85 -3.68 -3.19 -7.13
C LYS D 85 -4.51 -1.90 -7.22
N ASP D 86 -5.82 -2.03 -7.01
CA ASP D 86 -6.72 -0.86 -7.01
C ASP D 86 -6.43 0.09 -5.83
N SER D 87 -6.05 -0.47 -4.69
CA SER D 87 -5.63 0.34 -3.53
C SER D 87 -4.32 1.08 -3.80
N ILE D 88 -3.37 0.40 -4.45
CA ILE D 88 -2.08 1.00 -4.82
C ILE D 88 -2.27 2.11 -5.87
N THR D 89 -3.16 1.87 -6.83
CA THR D 89 -3.50 2.87 -7.86
C THR D 89 -4.15 4.13 -7.28
N ASP D 90 -5.05 3.96 -6.31
CA ASP D 90 -5.66 5.10 -5.61
C ASP D 90 -4.63 5.93 -4.84
N ILE D 91 -3.63 5.28 -4.24
CA ILE D 91 -2.55 5.97 -3.53
C ILE D 91 -1.70 6.79 -4.50
N TRP D 92 -1.22 6.16 -5.57
CA TRP D 92 -0.38 6.84 -6.57
C TRP D 92 -1.10 7.94 -7.33
N THR D 93 -2.38 7.73 -7.66
CA THR D 93 -3.20 8.75 -8.29
C THR D 93 -3.33 9.97 -7.38
N TYR D 94 -3.62 9.71 -6.11
CA TYR D 94 -3.71 10.76 -5.09
C TYR D 94 -2.37 11.49 -4.91
N GLN D 95 -1.29 10.73 -4.81
CA GLN D 95 0.06 11.31 -4.65
C GLN D 95 0.50 12.16 -5.85
N ALA D 96 0.18 11.70 -7.06
CA ALA D 96 0.51 12.43 -8.29
C ALA D 96 -0.24 13.76 -8.37
N GLU D 97 -1.53 13.73 -8.06
CA GLU D 97 -2.36 14.94 -8.04
C GLU D 97 -1.89 15.94 -6.98
N LEU D 98 -1.60 15.46 -5.77
CA LEU D 98 -1.10 16.30 -4.68
C LEU D 98 0.29 16.87 -4.97
N LEU D 99 1.19 16.04 -5.48
CA LEU D 99 2.55 16.47 -5.85
C LEU D 99 2.49 17.67 -6.79
N VAL D 100 1.82 17.49 -7.92
CA VAL D 100 1.79 18.48 -8.99
C VAL D 100 1.05 19.76 -8.55
N ALA D 101 -0.05 19.59 -7.81
CA ALA D 101 -0.78 20.74 -7.26
C ALA D 101 0.07 21.57 -6.28
N MET D 102 0.82 20.87 -5.42
CA MET D 102 1.72 21.52 -4.46
C MET D 102 2.89 22.21 -5.14
N GLU D 103 3.51 21.52 -6.09
CA GLU D 103 4.66 22.06 -6.84
C GLU D 103 4.29 23.27 -7.69
N ASN D 104 3.12 23.22 -8.33
CA ASN D 104 2.61 24.34 -9.13
C ASN D 104 2.35 25.57 -8.28
N GLN D 105 1.80 25.37 -7.09
CA GLN D 105 1.61 26.46 -6.13
C GLN D 105 2.95 27.09 -5.72
N HIS D 106 3.94 26.25 -5.41
CA HIS D 106 5.27 26.73 -5.04
C HIS D 106 6.01 27.41 -6.20
N THR D 107 5.90 26.85 -7.41
CA THR D 107 6.55 27.41 -8.60
C THR D 107 6.08 28.83 -8.89
N ILE D 108 4.75 29.02 -8.86
CA ILE D 108 4.10 30.32 -9.08
C ILE D 108 4.54 31.35 -8.03
N ASP D 109 4.51 30.96 -6.76
CA ASP D 109 4.88 31.85 -5.66
C ASP D 109 6.39 32.13 -5.59
N MET D 110 7.20 31.13 -5.94
CA MET D 110 8.65 31.31 -6.06
C MET D 110 8.99 32.39 -7.10
N ALA D 111 8.37 32.30 -8.28
CA ALA D 111 8.57 33.28 -9.35
C ALA D 111 8.11 34.68 -8.93
N ASP D 112 7.00 34.74 -8.19
CA ASP D 112 6.48 35.98 -7.61
C ASP D 112 7.50 36.61 -6.63
N SER D 113 8.13 35.76 -5.80
CA SER D 113 9.13 36.24 -4.84
C SER D 113 10.40 36.78 -5.50
N GLU D 114 10.82 36.16 -6.60
CA GLU D 114 11.99 36.65 -7.36
C GLU D 114 11.73 38.02 -8.00
N MET D 115 10.48 38.25 -8.45
CA MET D 115 10.08 39.59 -8.91
C MET D 115 10.17 40.61 -7.78
N LEU D 116 9.64 40.26 -6.61
CA LEU D 116 9.68 41.13 -5.43
C LEU D 116 11.11 41.41 -4.94
N ASN D 117 11.98 40.40 -4.97
CA ASN D 117 13.36 40.54 -4.52
C ASN D 117 14.19 41.46 -5.42
N LEU D 118 13.96 41.40 -6.74
CA LEU D 118 14.56 42.34 -7.68
C LEU D 118 14.08 43.78 -7.43
N TYR D 119 12.76 43.92 -7.25
CA TYR D 119 12.14 45.21 -6.95
C TYR D 119 12.69 45.83 -5.66
N GLU D 120 12.77 45.02 -4.60
CA GLU D 120 13.32 45.46 -3.30
C GLU D 120 14.81 45.82 -3.38
N ARG D 121 15.56 45.07 -4.19
CA ARG D 121 16.98 45.36 -4.41
C ARG D 121 17.19 46.74 -5.05
N VAL D 122 16.34 47.09 -6.02
CA VAL D 122 16.41 48.38 -6.70
C VAL D 122 15.96 49.53 -5.78
N ARG D 123 14.93 49.30 -4.97
CA ARG D 123 14.43 50.30 -4.02
C ARG D 123 15.55 50.77 -3.07
N LYS D 124 16.23 49.81 -2.45
CA LYS D 124 17.31 50.11 -1.50
C LYS D 124 18.54 50.73 -2.18
N GLN D 125 18.79 50.34 -3.42
CA GLN D 125 19.81 50.99 -4.27
C GLN D 125 19.55 52.50 -4.44
N LEU D 126 18.35 52.84 -4.88
CA LEU D 126 17.97 54.21 -5.15
C LEU D 126 17.86 55.05 -3.89
N ARG D 127 17.45 54.41 -2.78
CA ARG D 127 17.47 55.01 -1.44
C ARG D 127 16.53 56.24 -1.34
N GLN D 128 17.07 57.46 -1.23
CA GLN D 128 16.25 58.68 -1.11
C GLN D 128 16.22 59.49 -2.42
N ASN D 129 16.77 58.94 -3.50
CA ASN D 129 16.80 59.61 -4.80
C ASN D 129 15.56 59.33 -5.66
N ALA D 130 14.70 58.40 -5.21
CA ALA D 130 13.48 58.03 -5.96
C ALA D 130 12.32 57.71 -5.04
N GLU D 131 11.13 57.61 -5.64
CA GLU D 131 9.90 57.25 -4.93
C GLU D 131 9.10 56.21 -5.73
N GLU D 132 8.40 55.35 -5.00
CA GLU D 132 7.60 54.28 -5.60
C GLU D 132 6.28 54.85 -6.14
N ASP D 133 5.93 54.50 -7.37
CA ASP D 133 4.65 54.92 -7.96
C ASP D 133 3.48 53.95 -7.70
N GLY D 134 3.78 52.78 -7.13
CA GLY D 134 2.76 51.77 -6.80
C GLY D 134 2.47 50.75 -7.88
N LYS D 135 3.08 50.92 -9.06
CA LYS D 135 2.85 50.05 -10.23
C LYS D 135 4.10 49.26 -10.61
N GLY D 136 5.08 49.18 -9.70
CA GLY D 136 6.36 48.53 -9.96
C GLY D 136 7.42 49.41 -10.58
N CYS D 137 7.18 50.73 -10.64
CA CYS D 137 8.15 51.70 -11.17
C CYS D 137 8.65 52.63 -10.08
N PHE D 138 9.83 53.19 -10.32
CA PHE D 138 10.45 54.17 -9.43
C PHE D 138 10.61 55.49 -10.19
N GLU D 139 9.97 56.54 -9.69
CA GLU D 139 10.13 57.89 -10.24
C GLU D 139 11.41 58.49 -9.66
N ILE D 140 12.42 58.66 -10.52
CA ILE D 140 13.76 59.10 -10.11
C ILE D 140 13.81 60.63 -10.21
N TYR D 141 14.24 61.29 -9.12
CA TYR D 141 14.22 62.75 -9.02
C TYR D 141 15.54 63.44 -9.42
N HIS D 142 16.19 62.94 -10.47
CA HIS D 142 17.36 63.60 -11.05
C HIS D 142 17.56 63.16 -12.50
N ALA D 143 18.48 63.84 -13.19
CA ALA D 143 18.82 63.49 -14.57
C ALA D 143 19.53 62.13 -14.58
N CYS D 144 18.93 61.17 -15.27
CA CYS D 144 19.38 59.78 -15.26
C CYS D 144 19.53 59.27 -16.70
N ASP D 145 20.73 59.43 -17.25
CA ASP D 145 21.03 59.03 -18.64
C ASP D 145 21.17 57.50 -18.79
N ASP D 146 21.41 57.04 -20.01
CA ASP D 146 21.56 55.60 -20.30
C ASP D 146 22.64 54.91 -19.47
N SER D 147 23.75 55.60 -19.21
CA SER D 147 24.82 55.08 -18.35
C SER D 147 24.40 54.97 -16.88
N CYS D 148 23.61 55.94 -16.42
CA CYS D 148 23.06 55.91 -15.05
C CYS D 148 21.99 54.83 -14.89
N MET D 149 21.16 54.66 -15.92
CA MET D 149 20.17 53.58 -15.94
C MET D 149 20.86 52.21 -15.94
N GLU D 150 21.94 52.08 -16.71
CA GLU D 150 22.75 50.86 -16.74
C GLU D 150 23.31 50.49 -15.36
N SER D 151 23.78 51.50 -14.61
CA SER D 151 24.32 51.29 -13.26
C SER D 151 23.28 50.83 -12.24
N ILE D 152 22.02 51.22 -12.44
CA ILE D 152 20.90 50.73 -11.61
C ILE D 152 20.64 49.25 -11.92
N ARG D 153 20.63 48.90 -13.20
CA ARG D 153 20.45 47.51 -13.65
C ARG D 153 21.64 46.62 -13.26
N ASN D 154 22.85 47.16 -13.33
CA ASN D 154 24.09 46.43 -13.06
C ASN D 154 24.46 46.37 -11.56
N ASN D 155 23.69 47.06 -10.72
CA ASN D 155 23.92 47.10 -9.26
C ASN D 155 25.20 47.85 -8.87
N THR D 156 25.46 48.96 -9.57
CA THR D 156 26.59 49.86 -9.26
C THR D 156 26.17 51.34 -9.15
N TYR D 157 24.87 51.59 -8.93
CA TYR D 157 24.33 52.94 -8.78
C TYR D 157 24.71 53.47 -7.40
N ASP D 158 25.44 54.58 -7.36
CA ASP D 158 25.84 55.23 -6.12
C ASP D 158 24.85 56.35 -5.79
N HIS D 159 24.08 56.16 -4.72
CA HIS D 159 23.03 57.12 -4.34
C HIS D 159 23.57 58.50 -3.91
N SER D 160 24.74 58.52 -3.28
CA SER D 160 25.34 59.74 -2.73
C SER D 160 25.81 60.74 -3.80
N GLN D 161 26.04 60.27 -5.02
CA GLN D 161 26.42 61.14 -6.14
C GLN D 161 25.30 62.10 -6.54
N TYR D 162 24.05 61.62 -6.51
CA TYR D 162 22.88 62.39 -6.92
C TYR D 162 21.97 62.84 -5.76
N ARG D 163 22.37 62.56 -4.51
CA ARG D 163 21.51 62.76 -3.34
C ARG D 163 21.10 64.22 -3.12
N GLU D 164 22.06 65.14 -3.24
CA GLU D 164 21.81 66.57 -3.02
C GLU D 164 20.81 67.11 -4.03
N GLU D 165 21.06 66.83 -5.31
CA GLU D 165 20.15 67.20 -6.40
C GLU D 165 18.75 66.59 -6.20
N ALA D 166 18.71 65.31 -5.86
CA ALA D 166 17.46 64.56 -5.76
C ALA D 166 16.57 65.01 -4.60
N LEU D 167 17.16 65.27 -3.44
CA LEU D 167 16.41 65.75 -2.27
C LEU D 167 15.76 67.12 -2.51
N LEU D 168 16.47 68.00 -3.22
CA LEU D 168 15.92 69.31 -3.60
C LEU D 168 14.74 69.20 -4.58
N ASN D 169 14.85 68.30 -5.55
CA ASN D 169 13.77 68.06 -6.51
C ASN D 169 12.54 67.40 -5.88
N ARG D 170 12.75 66.53 -4.89
CA ARG D 170 11.65 65.88 -4.16
C ARG D 170 10.88 66.86 -3.28
N LEU D 171 11.60 67.71 -2.55
CA LEU D 171 10.99 68.72 -1.68
C LEU D 171 10.29 69.81 -2.49
N ASN D 172 10.99 70.33 -3.50
CA ASN D 172 10.42 71.23 -4.52
C ASN D 172 9.89 72.54 -3.92
N ASP E 1 -2.23 66.95 16.20
CA ASP E 1 -1.97 65.49 15.99
C ASP E 1 -2.32 65.06 14.56
N PRO E 2 -1.72 63.94 14.09
CA PRO E 2 -2.04 63.45 12.75
C PRO E 2 -3.29 62.56 12.72
N ASP E 3 -3.97 62.53 11.58
CA ASP E 3 -5.09 61.61 11.37
C ASP E 3 -4.53 60.21 11.07
N LYS E 4 -5.30 59.19 11.42
CA LYS E 4 -4.87 57.79 11.30
C LYS E 4 -5.75 56.96 10.39
N ILE E 5 -5.14 55.98 9.72
CA ILE E 5 -5.86 54.90 9.06
C ILE E 5 -5.14 53.58 9.41
N CYS E 6 -5.90 52.64 9.96
CA CYS E 6 -5.36 51.39 10.51
C CYS E 6 -5.84 50.18 9.71
N LEU E 7 -4.91 49.30 9.35
CA LEU E 7 -5.22 48.04 8.70
C LEU E 7 -5.40 46.96 9.76
N GLY E 8 -6.35 46.05 9.53
CA GLY E 8 -6.65 44.99 10.48
C GLY E 8 -7.48 43.86 9.90
N HIS E 9 -7.59 42.77 10.67
CA HIS E 9 -8.31 41.57 10.26
C HIS E 9 -9.38 41.21 11.28
N HIS E 10 -10.31 40.36 10.87
CA HIS E 10 -11.39 39.91 11.74
C HIS E 10 -10.91 38.86 12.74
N ALA E 11 -11.78 38.53 13.69
CA ALA E 11 -11.50 37.51 14.69
C ALA E 11 -12.81 37.03 15.32
N VAL E 12 -12.73 35.96 16.09
CA VAL E 12 -13.88 35.39 16.78
C VAL E 12 -13.58 35.14 18.25
N ALA E 13 -14.64 35.04 19.06
CA ALA E 13 -14.50 34.77 20.50
C ALA E 13 -14.06 33.32 20.72
N ASN E 14 -14.83 32.40 20.16
CA ASN E 14 -14.53 30.96 20.23
C ASN E 14 -13.87 30.49 18.93
N GLY E 15 -12.54 30.32 18.98
CA GLY E 15 -11.78 29.74 17.86
C GLY E 15 -11.79 28.23 17.89
N THR E 16 -11.12 27.62 16.91
CA THR E 16 -11.02 26.16 16.80
C THR E 16 -9.55 25.75 16.63
N ILE E 17 -9.16 24.67 17.30
CA ILE E 17 -7.78 24.20 17.29
C ILE E 17 -7.55 23.26 16.11
N VAL E 18 -6.48 23.53 15.35
CA VAL E 18 -6.06 22.68 14.23
C VAL E 18 -4.56 22.38 14.33
N LYS E 19 -4.13 21.34 13.61
CA LYS E 19 -2.72 20.99 13.52
C LYS E 19 -2.12 21.55 12.24
N THR E 20 -0.91 22.09 12.34
CA THR E 20 -0.13 22.54 11.20
C THR E 20 1.16 21.72 11.15
N LEU E 21 2.06 22.05 10.22
CA LEU E 21 3.38 21.40 10.15
C LEU E 21 4.26 21.70 11.38
N THR E 22 4.10 22.88 11.97
CA THR E 22 4.98 23.38 13.04
C THR E 22 4.30 23.53 14.41
N ASN E 23 3.01 23.22 14.52
CA ASN E 23 2.24 23.48 15.75
C ASN E 23 1.03 22.56 15.86
N GLU E 24 0.99 21.77 16.94
CA GLU E 24 -0.14 20.89 17.23
C GLU E 24 -1.37 21.62 17.80
N GLN E 25 -1.15 22.81 18.38
CA GLN E 25 -2.21 23.58 19.04
C GLN E 25 -2.33 25.00 18.44
N GLU E 26 -2.74 25.06 17.17
CA GLU E 26 -2.89 26.31 16.44
C GLU E 26 -4.36 26.72 16.36
N GLU E 27 -4.69 27.90 16.89
CA GLU E 27 -6.06 28.40 16.90
C GLU E 27 -6.37 29.17 15.61
N VAL E 28 -7.44 28.78 14.93
CA VAL E 28 -7.90 29.45 13.70
C VAL E 28 -9.37 29.87 13.85
N THR E 29 -9.84 30.74 12.93
CA THR E 29 -11.18 31.33 13.04
C THR E 29 -12.31 30.32 12.79
N ASN E 30 -12.11 29.43 11.81
CA ASN E 30 -12.97 28.26 11.63
C ASN E 30 -12.22 27.10 11.00
N ALA E 31 -12.73 25.89 11.23
CA ALA E 31 -12.22 24.68 10.60
C ALA E 31 -13.37 23.71 10.28
N THR E 32 -13.08 22.69 9.46
CA THR E 32 -14.07 21.69 9.07
C THR E 32 -13.49 20.28 9.12
N GLU E 33 -14.34 19.30 9.38
CA GLU E 33 -13.93 17.90 9.56
C GLU E 33 -13.64 17.23 8.23
N THR E 34 -12.59 16.40 8.20
CA THR E 34 -12.24 15.57 7.04
C THR E 34 -12.42 14.06 7.25
N VAL E 35 -12.57 13.61 8.49
CA VAL E 35 -12.77 12.20 8.83
C VAL E 35 -14.21 11.98 9.31
N GLU E 36 -14.99 11.22 8.55
CA GLU E 36 -16.37 10.90 8.92
C GLU E 36 -16.40 9.86 10.04
N SER E 37 -17.19 10.14 11.09
CA SER E 37 -17.34 9.23 12.23
C SER E 37 -18.75 8.65 12.42
N THR E 38 -19.72 9.08 11.60
CA THR E 38 -21.12 8.62 11.71
C THR E 38 -21.56 7.87 10.46
N SER E 39 -22.50 6.94 10.65
CA SER E 39 -23.04 6.12 9.57
C SER E 39 -24.56 5.99 9.71
N LEU E 40 -25.22 5.79 8.57
CA LEU E 40 -26.65 5.51 8.55
C LEU E 40 -26.84 4.01 8.74
N ASN E 41 -27.76 3.61 9.63
CA ASN E 41 -28.00 2.20 9.95
C ASN E 41 -29.07 1.60 9.02
N ARG E 42 -28.83 1.73 7.71
CA ARG E 42 -29.72 1.22 6.66
C ARG E 42 -28.88 0.86 5.43
N LEU E 43 -29.37 -0.06 4.62
CA LEU E 43 -28.80 -0.34 3.30
C LEU E 43 -29.57 0.47 2.25
N CYS E 44 -28.95 1.57 1.81
CA CYS E 44 -29.60 2.51 0.89
C CYS E 44 -29.54 1.98 -0.55
N MET E 45 -30.65 1.40 -1.01
CA MET E 45 -30.70 0.65 -2.28
C MET E 45 -31.48 1.36 -3.42
N LYS E 46 -31.57 2.68 -3.38
CA LYS E 46 -32.25 3.44 -4.44
C LYS E 46 -31.40 3.44 -5.72
N GLY E 47 -32.06 3.20 -6.86
CA GLY E 47 -31.37 3.11 -8.15
C GLY E 47 -30.57 1.82 -8.35
N ARG E 48 -30.89 0.79 -7.57
CA ARG E 48 -30.21 -0.51 -7.64
C ARG E 48 -31.22 -1.64 -7.75
N ASN E 49 -31.07 -2.47 -8.79
CA ASN E 49 -31.82 -3.73 -8.91
C ASN E 49 -31.19 -4.73 -7.93
N HIS E 50 -31.65 -4.69 -6.68
CA HIS E 50 -31.04 -5.44 -5.58
C HIS E 50 -31.84 -6.68 -5.19
N LYS E 51 -31.18 -7.60 -4.47
CA LYS E 51 -31.81 -8.81 -3.94
C LYS E 51 -31.36 -9.03 -2.49
N ASP E 52 -32.28 -8.82 -1.55
CA ASP E 52 -32.07 -9.20 -0.15
C ASP E 52 -32.43 -10.67 -0.01
N LEU E 53 -31.44 -11.49 0.32
CA LEU E 53 -31.65 -12.93 0.50
C LEU E 53 -32.39 -13.24 1.81
N GLY E 54 -32.12 -12.44 2.85
CA GLY E 54 -32.75 -12.63 4.16
C GLY E 54 -32.18 -13.85 4.85
N ASN E 55 -33.05 -14.83 5.12
CA ASN E 55 -32.63 -16.08 5.77
C ASN E 55 -31.87 -17.04 4.84
N CYS E 56 -31.98 -16.82 3.53
CA CYS E 56 -31.30 -17.64 2.53
C CYS E 56 -29.79 -17.36 2.45
N HIS E 57 -28.98 -18.43 2.51
CA HIS E 57 -27.53 -18.36 2.31
C HIS E 57 -27.24 -18.53 0.81
N PRO E 58 -26.24 -17.78 0.26
CA PRO E 58 -25.91 -17.86 -1.17
C PRO E 58 -25.76 -19.25 -1.78
N ILE E 59 -25.13 -20.18 -1.06
CA ILE E 59 -24.97 -21.57 -1.51
C ILE E 59 -26.32 -22.29 -1.65
N GLY E 60 -27.27 -21.94 -0.77
CA GLY E 60 -28.65 -22.46 -0.85
C GLY E 60 -29.41 -22.13 -2.12
N MET E 61 -29.01 -21.06 -2.82
CA MET E 61 -29.58 -20.73 -4.14
C MET E 61 -29.23 -21.77 -5.20
N LEU E 62 -28.04 -22.35 -5.12
CA LEU E 62 -27.56 -23.33 -6.11
C LEU E 62 -28.15 -24.72 -5.90
N ILE E 63 -28.28 -25.14 -4.64
CA ILE E 63 -28.81 -26.48 -4.31
C ILE E 63 -30.32 -26.48 -4.09
N GLY E 64 -30.88 -25.38 -3.61
CA GLY E 64 -32.33 -25.17 -3.53
C GLY E 64 -32.95 -25.54 -2.19
N THR E 65 -32.44 -24.92 -1.13
CA THR E 65 -32.99 -25.09 0.23
C THR E 65 -34.36 -24.38 0.30
N PRO E 66 -35.31 -24.90 1.10
CA PRO E 66 -36.63 -24.27 1.28
C PRO E 66 -36.64 -22.76 1.61
N ALA E 67 -35.65 -22.29 2.37
CA ALA E 67 -35.48 -20.86 2.65
C ALA E 67 -35.16 -20.04 1.40
N CYS E 68 -34.50 -20.67 0.42
CA CYS E 68 -34.12 -20.03 -0.84
C CYS E 68 -35.10 -20.30 -2.02
N ASP E 69 -36.38 -20.54 -1.73
CA ASP E 69 -37.37 -20.85 -2.77
C ASP E 69 -37.73 -19.66 -3.68
N LEU E 70 -37.53 -18.43 -3.20
CA LEU E 70 -37.72 -17.22 -4.01
C LEU E 70 -36.40 -16.68 -4.60
N HIS E 71 -35.31 -17.43 -4.48
CA HIS E 71 -33.98 -17.00 -4.92
C HIS E 71 -33.24 -18.05 -5.77
N LEU E 72 -33.98 -18.92 -6.47
CA LEU E 72 -33.37 -19.91 -7.37
C LEU E 72 -32.86 -19.26 -8.65
N THR E 73 -33.58 -18.27 -9.14
CA THR E 73 -33.27 -17.58 -10.41
C THR E 73 -33.47 -16.08 -10.22
N GLY E 74 -32.72 -15.28 -10.98
CA GLY E 74 -32.88 -13.84 -10.99
C GLY E 74 -31.67 -13.10 -11.54
N THR E 75 -31.84 -11.78 -11.70
CA THR E 75 -30.74 -10.88 -12.06
C THR E 75 -30.68 -9.76 -11.03
N TRP E 76 -29.48 -9.24 -10.82
CA TRP E 76 -29.25 -8.16 -9.84
C TRP E 76 -27.91 -7.47 -10.08
N ASP E 77 -27.81 -6.23 -9.62
CA ASP E 77 -26.51 -5.51 -9.55
C ASP E 77 -25.91 -5.55 -8.14
N THR E 78 -26.75 -5.74 -7.12
CA THR E 78 -26.34 -5.82 -5.72
C THR E 78 -26.99 -7.04 -5.06
N LEU E 79 -26.21 -7.78 -4.26
CA LEU E 79 -26.70 -8.96 -3.54
C LEU E 79 -26.34 -8.86 -2.06
N ILE E 80 -27.35 -8.94 -1.20
CA ILE E 80 -27.17 -8.75 0.25
C ILE E 80 -27.26 -10.10 0.97
N GLU E 81 -26.22 -10.41 1.76
CA GLU E 81 -26.17 -11.62 2.59
C GLU E 81 -26.34 -11.24 4.06
N ARG E 82 -26.98 -12.11 4.83
CA ARG E 82 -27.27 -11.87 6.26
C ARG E 82 -26.56 -12.86 7.17
N LYS E 83 -26.57 -12.54 8.46
CA LYS E 83 -25.97 -13.39 9.50
C LYS E 83 -26.86 -14.60 9.79
N ASN E 84 -26.24 -15.73 10.10
CA ASN E 84 -26.93 -16.99 10.43
C ASN E 84 -27.89 -17.46 9.33
N ALA E 85 -27.48 -17.26 8.07
CA ALA E 85 -28.30 -17.64 6.92
C ALA E 85 -28.23 -19.15 6.70
N ILE E 86 -29.37 -19.75 6.36
CA ILE E 86 -29.48 -21.20 6.22
C ILE E 86 -29.08 -21.62 4.81
N ALA E 87 -27.96 -22.35 4.73
CA ALA E 87 -27.51 -22.98 3.48
C ALA E 87 -28.00 -24.41 3.34
N TYR E 88 -28.02 -25.14 4.46
CA TYR E 88 -28.35 -26.57 4.47
C TYR E 88 -29.50 -26.85 5.46
N CYS E 89 -30.59 -27.43 4.95
CA CYS E 89 -31.69 -27.90 5.79
C CYS E 89 -31.32 -29.23 6.44
N TYR E 90 -30.81 -30.16 5.63
CA TYR E 90 -30.27 -31.43 6.10
C TYR E 90 -28.84 -31.19 6.64
N PRO E 91 -28.38 -31.99 7.64
CA PRO E 91 -26.99 -31.86 8.08
C PRO E 91 -25.95 -32.15 7.00
N GLY E 92 -24.81 -31.46 7.08
CA GLY E 92 -23.73 -31.60 6.10
C GLY E 92 -23.07 -30.27 5.78
N ALA E 93 -22.06 -30.31 4.92
CA ALA E 93 -21.32 -29.11 4.52
C ALA E 93 -20.65 -29.30 3.16
N THR E 94 -20.48 -28.19 2.44
CA THR E 94 -19.85 -28.20 1.11
C THR E 94 -18.33 -28.17 1.22
N VAL E 95 -17.66 -28.94 0.36
CA VAL E 95 -16.20 -28.91 0.25
C VAL E 95 -15.82 -27.67 -0.56
N ASN E 96 -14.83 -26.92 -0.07
CA ASN E 96 -14.41 -25.63 -0.66
C ASN E 96 -15.59 -24.65 -0.63
N GLU E 97 -16.15 -24.47 0.58
CA GLU E 97 -17.38 -23.71 0.80
C GLU E 97 -17.22 -22.21 0.56
N GLU E 98 -16.12 -21.65 1.09
CA GLU E 98 -15.89 -20.20 1.04
C GLU E 98 -15.67 -19.69 -0.39
N ALA E 99 -14.91 -20.44 -1.19
CA ALA E 99 -14.68 -20.11 -2.60
C ALA E 99 -15.97 -20.09 -3.42
N LEU E 100 -16.89 -21.01 -3.10
CA LEU E 100 -18.21 -21.05 -3.75
C LEU E 100 -19.08 -19.85 -3.36
N ARG E 101 -19.09 -19.51 -2.07
CA ARG E 101 -19.85 -18.36 -1.57
C ARG E 101 -19.36 -17.05 -2.19
N GLN E 102 -18.05 -16.87 -2.25
CA GLN E 102 -17.44 -15.67 -2.85
C GLN E 102 -17.80 -15.50 -4.32
N LYS E 103 -17.74 -16.60 -5.07
CA LYS E 103 -18.07 -16.59 -6.51
C LYS E 103 -19.52 -16.20 -6.77
N ILE E 104 -20.44 -16.65 -5.90
CA ILE E 104 -21.87 -16.30 -6.01
C ILE E 104 -22.12 -14.83 -5.67
N MET E 105 -21.46 -14.33 -4.62
CA MET E 105 -21.63 -12.93 -4.19
C MET E 105 -21.05 -11.90 -5.17
N GLU E 106 -20.09 -12.32 -6.00
CA GLU E 106 -19.58 -11.46 -7.09
C GLU E 106 -20.49 -11.39 -8.31
N SER E 107 -21.37 -12.39 -8.49
CA SER E 107 -22.21 -12.49 -9.69
C SER E 107 -23.32 -11.44 -9.73
N GLY E 108 -23.85 -11.22 -10.94
CA GLY E 108 -24.98 -10.34 -11.17
C GLY E 108 -26.25 -11.07 -11.57
N GLY E 109 -26.44 -12.28 -11.05
CA GLY E 109 -27.60 -13.11 -11.38
C GLY E 109 -27.28 -14.59 -11.46
N ILE E 110 -28.33 -15.40 -11.37
CA ILE E 110 -28.25 -16.86 -11.54
C ILE E 110 -29.37 -17.32 -12.47
N SER E 111 -29.04 -18.24 -13.37
CA SER E 111 -30.04 -18.94 -14.18
C SER E 111 -29.77 -20.46 -14.09
N LYS E 112 -30.83 -21.24 -14.20
CA LYS E 112 -30.77 -22.69 -14.04
C LYS E 112 -31.02 -23.41 -15.37
N ILE E 113 -30.32 -24.54 -15.56
CA ILE E 113 -30.44 -25.39 -16.75
C ILE E 113 -30.63 -26.83 -16.29
N ASN E 114 -31.56 -27.55 -16.94
CA ASN E 114 -31.84 -28.93 -16.59
C ASN E 114 -30.71 -29.85 -17.02
N THR E 115 -30.35 -30.80 -16.15
CA THR E 115 -29.39 -31.85 -16.49
C THR E 115 -30.01 -32.88 -17.44
N GLY E 116 -31.30 -33.14 -17.27
CA GLY E 116 -32.03 -34.11 -18.08
C GLY E 116 -31.74 -35.55 -17.70
N PHE E 117 -31.39 -35.81 -16.44
CA PHE E 117 -31.10 -37.16 -15.97
C PHE E 117 -32.41 -37.92 -15.73
N THR E 118 -32.49 -39.13 -16.28
CA THR E 118 -33.63 -40.03 -16.08
C THR E 118 -33.12 -41.35 -15.50
N TYR E 119 -33.84 -41.87 -14.52
CA TYR E 119 -33.42 -43.05 -13.75
C TYR E 119 -34.40 -44.20 -13.99
N GLY E 120 -33.88 -45.42 -13.99
CA GLY E 120 -34.69 -46.62 -14.24
C GLY E 120 -35.71 -46.94 -13.16
N SER E 121 -36.54 -47.96 -13.42
CA SER E 121 -37.61 -48.36 -12.50
C SER E 121 -37.12 -48.88 -11.14
N SER E 122 -35.90 -49.41 -11.11
CA SER E 122 -35.28 -49.87 -9.85
C SER E 122 -35.02 -48.74 -8.85
N ILE E 123 -34.70 -47.55 -9.37
CA ILE E 123 -34.32 -46.39 -8.54
C ILE E 123 -35.54 -45.56 -8.16
N ASN E 124 -35.54 -45.07 -6.91
CA ASN E 124 -36.52 -44.11 -6.41
C ASN E 124 -35.84 -42.74 -6.29
N SER E 125 -36.09 -41.87 -7.27
CA SER E 125 -35.48 -40.54 -7.33
C SER E 125 -36.16 -39.48 -6.46
N ALA E 126 -37.33 -39.79 -5.88
CA ALA E 126 -38.08 -38.86 -5.04
C ALA E 126 -37.84 -39.10 -3.54
N GLY E 127 -36.57 -39.21 -3.16
CA GLY E 127 -36.19 -39.35 -1.75
C GLY E 127 -36.37 -38.03 -1.01
N THR E 128 -36.95 -38.11 0.19
CA THR E 128 -37.35 -36.92 0.95
C THR E 128 -36.92 -37.04 2.41
N THR E 129 -37.16 -36.01 3.21
CA THR E 129 -36.80 -36.00 4.64
C THR E 129 -37.52 -34.89 5.42
N LYS E 130 -37.62 -35.09 6.73
CA LYS E 130 -38.27 -34.12 7.63
C LYS E 130 -37.42 -32.88 7.94
N ALA E 131 -36.12 -32.93 7.65
CA ALA E 131 -35.23 -31.78 7.83
C ALA E 131 -35.58 -30.64 6.87
N CYS E 132 -35.83 -30.98 5.61
CA CYS E 132 -36.18 -30.02 4.56
C CYS E 132 -37.69 -30.01 4.31
N MET E 133 -38.41 -29.20 5.10
CA MET E 133 -39.87 -29.10 4.98
C MET E 133 -40.26 -28.05 3.95
N ARG E 134 -41.21 -28.41 3.09
CA ARG E 134 -41.73 -27.51 2.04
C ARG E 134 -43.23 -27.73 1.86
N ASN E 135 -44.00 -26.63 1.97
CA ASN E 135 -45.46 -26.62 1.77
C ASN E 135 -46.23 -27.53 2.75
N GLY E 136 -45.74 -27.66 3.98
CA GLY E 136 -46.40 -28.45 5.02
C GLY E 136 -45.82 -29.84 5.22
N GLY E 137 -45.64 -30.58 4.13
CA GLY E 137 -45.09 -31.94 4.16
C GLY E 137 -43.58 -31.99 4.01
N ASN E 138 -43.04 -33.21 3.98
CA ASN E 138 -41.61 -33.43 3.81
C ASN E 138 -41.18 -33.17 2.36
N SER E 139 -39.90 -32.82 2.20
CA SER E 139 -39.34 -32.49 0.87
C SER E 139 -37.81 -32.67 0.85
N PHE E 140 -37.17 -32.21 -0.23
CA PHE E 140 -35.72 -32.29 -0.41
C PHE E 140 -35.22 -31.04 -1.16
N TYR E 141 -33.90 -30.87 -1.20
CA TYR E 141 -33.24 -29.81 -1.99
C TYR E 141 -33.79 -29.78 -3.42
N ALA E 142 -34.35 -28.63 -3.80
CA ALA E 142 -35.09 -28.47 -5.07
C ALA E 142 -34.30 -28.80 -6.34
N GLU E 143 -32.99 -28.51 -6.33
CA GLU E 143 -32.14 -28.70 -7.50
C GLU E 143 -31.34 -30.02 -7.48
N LEU E 144 -31.60 -30.88 -6.49
CA LEU E 144 -30.94 -32.18 -6.36
C LEU E 144 -31.96 -33.31 -6.14
N LYS E 145 -31.51 -34.55 -6.30
CA LYS E 145 -32.38 -35.73 -6.14
C LYS E 145 -31.69 -36.80 -5.30
N TRP E 146 -32.29 -37.15 -4.16
CA TRP E 146 -31.82 -38.24 -3.31
C TRP E 146 -32.23 -39.58 -3.94
N LEU E 147 -31.25 -40.28 -4.50
CA LEU E 147 -31.50 -41.54 -5.20
C LEU E 147 -31.33 -42.73 -4.25
N VAL E 148 -32.39 -43.53 -4.11
CA VAL E 148 -32.37 -44.76 -3.31
C VAL E 148 -33.04 -45.89 -4.09
N SER E 149 -32.88 -47.13 -3.62
CA SER E 149 -33.53 -48.28 -4.24
C SER E 149 -35.03 -48.28 -3.95
N LYS E 150 -35.83 -48.68 -4.94
CA LYS E 150 -37.29 -48.72 -4.81
C LYS E 150 -37.73 -49.80 -3.83
N ASN E 151 -37.12 -50.99 -3.96
CA ASN E 151 -37.32 -52.09 -3.01
C ASN E 151 -36.27 -51.97 -1.91
N LYS E 152 -36.73 -51.96 -0.65
CA LYS E 152 -35.84 -51.78 0.51
C LYS E 152 -34.99 -53.04 0.73
N GLY E 153 -33.67 -52.86 0.78
CA GLY E 153 -32.72 -53.96 0.93
C GLY E 153 -32.03 -54.38 -0.36
N GLN E 154 -32.64 -54.08 -1.51
CA GLN E 154 -32.13 -54.48 -2.82
C GLN E 154 -30.91 -53.63 -3.22
N ASN E 155 -30.06 -54.20 -4.07
CA ASN E 155 -28.87 -53.51 -4.59
C ASN E 155 -29.25 -52.39 -5.55
N PHE E 156 -28.69 -51.21 -5.31
CA PHE E 156 -28.87 -50.05 -6.20
C PHE E 156 -28.08 -50.31 -7.49
N PRO E 157 -28.74 -50.17 -8.67
CA PRO E 157 -28.10 -50.58 -9.93
C PRO E 157 -26.97 -49.65 -10.39
N GLN E 158 -26.06 -50.19 -11.21
CA GLN E 158 -24.92 -49.44 -11.73
C GLN E 158 -25.40 -48.40 -12.75
N THR E 159 -25.59 -47.16 -12.29
CA THR E 159 -26.18 -46.09 -13.08
C THR E 159 -25.12 -45.14 -13.63
N THR E 160 -25.36 -44.63 -14.84
CA THR E 160 -24.48 -43.68 -15.51
C THR E 160 -25.29 -42.49 -16.01
N ASN E 161 -24.91 -41.27 -15.61
CA ASN E 161 -25.60 -40.03 -15.99
C ASN E 161 -24.59 -38.99 -16.47
N THR E 162 -24.80 -38.46 -17.67
CA THR E 162 -23.86 -37.52 -18.29
C THR E 162 -24.54 -36.20 -18.65
N TYR E 163 -24.11 -35.12 -18.00
CA TYR E 163 -24.54 -33.77 -18.38
C TYR E 163 -23.61 -33.21 -19.45
N ARG E 164 -24.18 -32.51 -20.42
CA ARG E 164 -23.44 -31.93 -21.54
C ARG E 164 -23.70 -30.43 -21.56
N ASN E 165 -22.61 -29.63 -21.52
CA ASN E 165 -22.71 -28.17 -21.55
C ASN E 165 -22.85 -27.69 -23.00
N ALA E 166 -24.06 -27.32 -23.39
CA ALA E 166 -24.36 -26.82 -24.74
C ALA E 166 -24.21 -25.29 -24.88
N ASP E 167 -23.99 -24.59 -23.77
CA ASP E 167 -23.87 -23.13 -23.75
C ASP E 167 -22.46 -22.69 -24.17
N THR E 168 -22.31 -21.40 -24.46
CA THR E 168 -20.99 -20.79 -24.75
C THR E 168 -20.26 -20.25 -23.50
N ALA E 169 -20.87 -20.38 -22.32
CA ALA E 169 -20.25 -20.01 -21.04
C ALA E 169 -20.26 -21.20 -20.09
N GLU E 170 -19.36 -21.18 -19.11
CA GLU E 170 -19.20 -22.29 -18.16
C GLU E 170 -20.39 -22.40 -17.20
N HIS E 171 -20.64 -23.63 -16.74
CA HIS E 171 -21.74 -23.92 -15.82
C HIS E 171 -21.21 -24.53 -14.54
N LEU E 172 -21.85 -24.16 -13.43
CA LEU E 172 -21.50 -24.66 -12.10
C LEU E 172 -22.41 -25.84 -11.79
N ILE E 173 -21.81 -27.00 -11.54
CA ILE E 173 -22.55 -28.23 -11.22
C ILE E 173 -22.21 -28.69 -9.80
N MET E 174 -23.25 -28.99 -9.02
CA MET E 174 -23.10 -29.44 -7.64
C MET E 174 -23.73 -30.82 -7.45
N TRP E 175 -23.11 -31.62 -6.59
CA TRP E 175 -23.68 -32.92 -6.19
C TRP E 175 -23.36 -33.19 -4.73
N GLY E 176 -24.06 -34.18 -4.16
CA GLY E 176 -23.88 -34.58 -2.76
C GLY E 176 -23.49 -36.04 -2.63
N ILE E 177 -22.89 -36.37 -1.49
CA ILE E 177 -22.54 -37.76 -1.15
C ILE E 177 -23.11 -38.07 0.23
N HIS E 178 -24.08 -38.99 0.28
CA HIS E 178 -24.67 -39.42 1.54
C HIS E 178 -23.72 -40.38 2.24
N HIS E 179 -23.33 -40.03 3.47
CA HIS E 179 -22.51 -40.89 4.33
C HIS E 179 -23.42 -41.46 5.43
N PRO E 180 -23.94 -42.70 5.26
CA PRO E 180 -24.97 -43.21 6.18
C PRO E 180 -24.54 -43.31 7.65
N SER E 181 -25.51 -43.20 8.56
CA SER E 181 -25.25 -43.24 10.00
C SER E 181 -24.90 -44.63 10.49
N SER E 182 -25.66 -45.64 10.05
CA SER E 182 -25.44 -47.04 10.41
C SER E 182 -25.44 -47.95 9.18
N THR E 183 -24.92 -49.17 9.36
CA THR E 183 -24.85 -50.17 8.30
C THR E 183 -26.25 -50.68 7.91
N GLN E 184 -27.15 -50.78 8.89
CA GLN E 184 -28.55 -51.13 8.64
C GLN E 184 -29.24 -50.06 7.77
N GLU E 185 -28.96 -48.80 8.06
CA GLU E 185 -29.46 -47.68 7.25
C GLU E 185 -28.88 -47.67 5.84
N LYS E 186 -27.60 -48.01 5.73
CA LYS E 186 -26.91 -48.12 4.43
C LYS E 186 -27.49 -49.24 3.57
N ASN E 187 -27.74 -50.41 4.17
CA ASN E 187 -28.25 -51.58 3.45
C ASN E 187 -29.70 -51.43 2.98
N ASP E 188 -30.54 -50.74 3.77
CA ASP E 188 -31.94 -50.51 3.40
C ASP E 188 -32.10 -49.65 2.13
N LEU E 189 -31.22 -48.66 1.96
CA LEU E 189 -31.30 -47.73 0.83
C LEU E 189 -30.53 -48.21 -0.40
N TYR E 190 -29.28 -48.62 -0.21
CA TYR E 190 -28.37 -48.93 -1.33
C TYR E 190 -27.94 -50.39 -1.46
N GLY E 191 -28.40 -51.26 -0.55
CA GLY E 191 -28.08 -52.69 -0.58
C GLY E 191 -26.74 -53.05 0.07
N THR E 192 -26.39 -54.33 -0.02
CA THR E 192 -25.20 -54.88 0.64
C THR E 192 -23.88 -54.56 -0.08
N GLN E 193 -23.94 -54.41 -1.40
CA GLN E 193 -22.76 -54.15 -2.26
C GLN E 193 -21.89 -52.95 -1.81
N SER E 194 -20.62 -52.98 -2.20
CA SER E 194 -19.68 -51.90 -1.90
C SER E 194 -19.93 -50.70 -2.83
N LEU E 195 -20.10 -49.52 -2.23
CA LEU E 195 -20.47 -48.31 -2.96
C LEU E 195 -19.25 -47.57 -3.50
N SER E 196 -19.40 -46.98 -4.68
CA SER E 196 -18.31 -46.23 -5.33
C SER E 196 -18.84 -45.28 -6.41
N ILE E 197 -18.70 -43.98 -6.16
CA ILE E 197 -19.14 -42.93 -7.09
C ILE E 197 -17.92 -42.33 -7.81
N SER E 198 -18.00 -42.23 -9.14
CA SER E 198 -16.96 -41.60 -9.96
C SER E 198 -17.55 -40.40 -10.70
N VAL E 199 -16.87 -39.24 -10.60
CA VAL E 199 -17.25 -38.02 -11.31
C VAL E 199 -16.08 -37.64 -12.23
N GLY E 200 -16.36 -37.44 -13.51
CA GLY E 200 -15.31 -37.22 -14.51
C GLY E 200 -15.68 -36.31 -15.67
N SER E 201 -14.87 -35.28 -15.88
CA SER E 201 -14.94 -34.42 -17.07
C SER E 201 -13.53 -34.30 -17.67
N SER E 202 -13.37 -33.43 -18.67
CA SER E 202 -12.05 -33.20 -19.28
C SER E 202 -11.07 -32.44 -18.37
N THR E 203 -11.60 -31.67 -17.39
CA THR E 203 -10.78 -30.89 -16.46
C THR E 203 -11.02 -31.27 -14.98
N TYR E 204 -11.50 -32.48 -14.73
CA TYR E 204 -11.86 -32.93 -13.38
C TYR E 204 -11.99 -34.45 -13.33
N LYS E 205 -11.43 -35.07 -12.29
CA LYS E 205 -11.60 -36.51 -12.07
C LYS E 205 -11.42 -36.83 -10.57
N ASN E 206 -12.44 -37.46 -9.99
CA ASN E 206 -12.47 -37.73 -8.54
C ASN E 206 -13.39 -38.90 -8.22
N ASN E 207 -13.00 -39.70 -7.22
CA ASN E 207 -13.82 -40.79 -6.69
C ASN E 207 -14.33 -40.44 -5.30
N PHE E 208 -15.55 -40.87 -4.99
CA PHE E 208 -16.19 -40.60 -3.69
C PHE E 208 -16.79 -41.89 -3.13
N VAL E 209 -16.38 -42.25 -1.92
CA VAL E 209 -16.84 -43.46 -1.24
C VAL E 209 -17.62 -43.06 0.01
N PRO E 210 -18.90 -43.50 0.12
CA PRO E 210 -19.63 -43.33 1.39
C PRO E 210 -18.97 -44.09 2.55
N VAL E 211 -19.04 -43.51 3.75
CA VAL E 211 -18.43 -44.09 4.94
C VAL E 211 -19.47 -44.19 6.06
N VAL E 212 -19.58 -45.38 6.64
CA VAL E 212 -20.64 -45.68 7.62
C VAL E 212 -20.20 -45.22 9.00
N GLY E 213 -20.86 -44.20 9.53
CA GLY E 213 -20.56 -43.65 10.85
C GLY E 213 -21.31 -42.38 11.16
N GLY E 220 -31.51 -38.30 15.31
CA GLY E 220 -30.65 -39.38 14.82
C GLY E 220 -30.56 -39.44 13.32
N LEU E 221 -30.00 -38.37 12.73
CA LEU E 221 -29.87 -38.23 11.28
C LEU E 221 -28.45 -38.52 10.79
N SER E 222 -28.32 -38.71 9.47
CA SER E 222 -27.02 -38.86 8.80
C SER E 222 -26.53 -37.48 8.34
N ARG E 223 -25.65 -37.44 7.33
CA ARG E 223 -25.25 -36.16 6.71
C ARG E 223 -24.90 -36.31 5.23
N ILE E 224 -25.11 -35.22 4.48
CA ILE E 224 -24.87 -35.18 3.03
C ILE E 224 -23.86 -34.07 2.74
N ASP E 225 -22.62 -34.45 2.45
CA ASP E 225 -21.55 -33.51 2.10
C ASP E 225 -21.57 -33.23 0.61
N PHE E 226 -21.47 -31.94 0.26
CA PHE E 226 -21.56 -31.49 -1.13
C PHE E 226 -20.18 -31.21 -1.74
N HIS E 227 -20.11 -31.35 -3.06
CA HIS E 227 -18.94 -31.01 -3.85
C HIS E 227 -19.38 -30.19 -5.07
N TRP E 228 -18.44 -29.50 -5.71
CA TRP E 228 -18.75 -28.71 -6.91
C TRP E 228 -17.57 -28.55 -7.85
N THR E 229 -17.88 -28.24 -9.11
CA THR E 229 -16.89 -27.96 -10.14
C THR E 229 -17.50 -27.16 -11.27
N LEU E 230 -16.66 -26.66 -12.18
CA LEU E 230 -17.10 -25.90 -13.34
C LEU E 230 -17.00 -26.76 -14.60
N VAL E 231 -18.11 -26.85 -15.34
CA VAL E 231 -18.15 -27.57 -16.62
C VAL E 231 -17.99 -26.55 -17.74
N GLN E 232 -16.93 -26.69 -18.54
CA GLN E 232 -16.60 -25.72 -19.59
C GLN E 232 -17.55 -25.87 -20.80
N PRO E 233 -17.60 -24.83 -21.68
CA PRO E 233 -18.37 -24.92 -22.94
C PRO E 233 -17.91 -26.06 -23.85
N GLY E 234 -18.87 -26.85 -24.35
CA GLY E 234 -18.58 -28.00 -25.20
C GLY E 234 -18.04 -29.22 -24.49
N ASP E 235 -18.06 -29.21 -23.16
CA ASP E 235 -17.52 -30.31 -22.33
C ASP E 235 -18.69 -31.06 -21.69
N LYS E 236 -18.41 -32.30 -21.25
CA LYS E 236 -19.40 -33.12 -20.54
C LYS E 236 -18.84 -33.62 -19.22
N ILE E 237 -19.74 -33.90 -18.28
CA ILE E 237 -19.38 -34.43 -16.95
C ILE E 237 -20.21 -35.68 -16.67
N THR E 238 -19.52 -36.79 -16.39
CA THR E 238 -20.15 -38.10 -16.26
C THR E 238 -20.16 -38.57 -14.81
N PHE E 239 -21.34 -38.91 -14.30
CA PHE E 239 -21.52 -39.47 -12.97
C PHE E 239 -21.79 -40.98 -13.06
N SER E 240 -20.81 -41.79 -12.66
CA SER E 240 -20.99 -43.24 -12.53
C SER E 240 -21.15 -43.55 -11.04
N HIS E 241 -22.17 -44.33 -10.69
CA HIS E 241 -22.50 -44.58 -9.28
C HIS E 241 -23.40 -45.81 -9.09
N ASN E 242 -23.46 -46.29 -7.85
CA ASN E 242 -24.30 -47.43 -7.47
C ASN E 242 -24.85 -47.26 -6.04
N GLY E 243 -25.33 -46.05 -5.73
CA GLY E 243 -25.89 -45.72 -4.42
C GLY E 243 -25.01 -44.76 -3.64
N GLY E 244 -25.64 -43.77 -3.00
CA GLY E 244 -24.94 -42.75 -2.22
C GLY E 244 -24.94 -41.36 -2.84
N LEU E 245 -25.03 -41.30 -4.17
CA LEU E 245 -25.01 -40.03 -4.89
C LEU E 245 -26.33 -39.26 -4.75
N ILE E 246 -26.23 -37.99 -4.33
CA ILE E 246 -27.32 -37.03 -4.44
C ILE E 246 -27.02 -36.26 -5.74
N ALA E 247 -27.75 -36.61 -6.80
CA ALA E 247 -27.44 -36.15 -8.16
C ALA E 247 -28.17 -34.84 -8.50
N PRO E 248 -27.55 -34.00 -9.36
CA PRO E 248 -28.19 -32.74 -9.76
C PRO E 248 -29.27 -32.94 -10.82
N SER E 249 -30.46 -32.39 -10.57
CA SER E 249 -31.51 -32.28 -11.57
C SER E 249 -31.32 -31.02 -12.42
N ARG E 250 -30.71 -29.98 -11.84
CA ARG E 250 -30.36 -28.75 -12.56
C ARG E 250 -28.94 -28.28 -12.21
N VAL E 251 -28.30 -27.60 -13.16
CA VAL E 251 -27.02 -26.92 -12.93
C VAL E 251 -27.23 -25.41 -12.93
N SER E 252 -26.23 -24.68 -12.44
CA SER E 252 -26.30 -23.22 -12.32
C SER E 252 -25.37 -22.53 -13.31
N LYS E 253 -25.74 -21.31 -13.69
CA LYS E 253 -24.91 -20.43 -14.51
C LYS E 253 -24.89 -19.06 -13.84
N LEU E 254 -23.69 -18.58 -13.50
CA LEU E 254 -23.54 -17.26 -12.88
C LEU E 254 -23.47 -16.20 -13.97
N ILE E 255 -24.38 -15.22 -13.92
CA ILE E 255 -24.53 -14.20 -14.95
C ILE E 255 -23.81 -12.92 -14.52
N GLY E 256 -22.93 -12.41 -15.38
CA GLY E 256 -22.32 -11.09 -15.22
C GLY E 256 -21.61 -10.85 -13.89
N ARG E 257 -21.67 -9.61 -13.41
CA ARG E 257 -21.05 -9.22 -12.13
C ARG E 257 -21.98 -8.33 -11.31
N GLY E 258 -21.71 -8.26 -10.01
CA GLY E 258 -22.49 -7.45 -9.07
C GLY E 258 -21.78 -7.24 -7.75
N LEU E 259 -22.35 -6.35 -6.93
CA LEU E 259 -21.75 -5.98 -5.64
C LEU E 259 -22.30 -6.84 -4.50
N GLY E 260 -21.44 -7.68 -3.91
CA GLY E 260 -21.79 -8.48 -2.74
C GLY E 260 -21.64 -7.69 -1.46
N ILE E 261 -22.70 -7.66 -0.65
CA ILE E 261 -22.70 -6.95 0.64
C ILE E 261 -23.08 -7.92 1.76
N GLN E 262 -22.34 -7.87 2.87
CA GLN E 262 -22.65 -8.63 4.07
C GLN E 262 -22.94 -7.65 5.21
N SER E 263 -24.21 -7.58 5.61
CA SER E 263 -24.66 -6.61 6.61
C SER E 263 -25.91 -7.07 7.35
N GLU E 264 -26.16 -6.44 8.50
CA GLU E 264 -27.36 -6.69 9.32
C GLU E 264 -28.40 -5.56 9.25
N ALA E 265 -28.10 -4.49 8.53
CA ALA E 265 -28.98 -3.31 8.45
C ALA E 265 -30.16 -3.56 7.50
N PRO E 266 -31.34 -2.98 7.80
CA PRO E 266 -32.52 -3.16 6.93
C PRO E 266 -32.44 -2.33 5.64
N ILE E 267 -33.24 -2.73 4.64
CA ILE E 267 -33.29 -2.06 3.33
C ILE E 267 -33.99 -0.71 3.45
N ASP E 268 -33.55 0.25 2.63
CA ASP E 268 -34.23 1.53 2.46
C ASP E 268 -34.15 1.95 0.98
N ASN E 269 -35.30 1.99 0.30
CA ASN E 269 -35.37 2.30 -1.13
C ASN E 269 -35.52 3.80 -1.45
N SER E 270 -35.67 4.64 -0.43
CA SER E 270 -35.84 6.09 -0.63
C SER E 270 -34.53 6.87 -0.82
N CYS E 271 -33.41 6.32 -0.34
CA CYS E 271 -32.10 7.00 -0.39
C CYS E 271 -31.06 6.21 -1.18
N GLU E 272 -30.10 6.94 -1.75
CA GLU E 272 -29.01 6.38 -2.57
C GLU E 272 -27.71 6.27 -1.77
N SER E 273 -26.84 5.34 -2.18
CA SER E 273 -25.49 5.22 -1.63
C SER E 273 -24.57 4.39 -2.52
N LYS E 274 -23.27 4.64 -2.42
CA LYS E 274 -22.23 3.89 -3.14
C LYS E 274 -21.19 3.23 -2.23
N CYS E 275 -21.39 3.28 -0.91
CA CYS E 275 -20.45 2.73 0.06
C CYS E 275 -21.20 2.03 1.20
N PHE E 276 -20.84 0.78 1.48
CA PHE E 276 -21.53 -0.06 2.45
C PHE E 276 -20.57 -0.80 3.37
N TRP E 277 -21.07 -1.16 4.55
CA TRP E 277 -20.32 -1.96 5.52
C TRP E 277 -21.30 -2.76 6.40
N ARG E 278 -20.76 -3.55 7.33
CA ARG E 278 -21.57 -4.43 8.20
C ARG E 278 -22.72 -3.70 8.91
N GLY E 279 -22.44 -2.49 9.39
CA GLY E 279 -23.40 -1.66 10.12
C GLY E 279 -24.41 -0.88 9.28
N GLY E 280 -24.10 -0.64 8.00
CA GLY E 280 -25.04 0.05 7.11
C GLY E 280 -24.38 0.73 5.91
N SER E 281 -24.78 1.97 5.65
CA SER E 281 -24.30 2.77 4.53
C SER E 281 -23.54 4.01 4.99
N ILE E 282 -22.62 4.48 4.15
CA ILE E 282 -21.84 5.69 4.41
C ILE E 282 -22.04 6.65 3.23
N ASN E 283 -22.77 7.74 3.49
CA ASN E 283 -23.14 8.72 2.45
C ASN E 283 -22.39 10.05 2.55
N THR E 284 -21.26 10.06 3.25
CA THR E 284 -20.48 11.28 3.45
C THR E 284 -19.78 11.76 2.17
N ARG E 285 -19.58 13.07 2.08
CA ARG E 285 -18.76 13.67 1.03
C ARG E 285 -17.28 13.78 1.42
N LEU E 286 -16.96 13.49 2.68
CA LEU E 286 -15.61 13.66 3.21
C LEU E 286 -14.65 12.59 2.67
N PRO E 287 -13.34 12.93 2.56
CA PRO E 287 -12.36 12.00 1.97
C PRO E 287 -11.98 10.80 2.83
N PHE E 288 -12.07 10.94 4.16
CA PHE E 288 -11.64 9.90 5.09
C PHE E 288 -12.78 9.49 6.00
N GLN E 289 -12.55 8.42 6.77
CA GLN E 289 -13.59 7.77 7.56
C GLN E 289 -12.94 6.79 8.55
N ASN E 290 -13.54 6.61 9.74
CA ASN E 290 -12.98 5.72 10.77
C ASN E 290 -13.98 4.75 11.42
N LEU E 291 -15.06 4.43 10.70
CA LEU E 291 -16.06 3.47 11.15
C LEU E 291 -15.53 2.03 11.13
N SER E 292 -15.16 1.55 9.95
CA SER E 292 -14.60 0.21 9.77
C SER E 292 -13.56 0.16 8.64
N PRO E 293 -12.52 -0.69 8.79
CA PRO E 293 -11.59 -0.94 7.68
C PRO E 293 -12.17 -1.86 6.57
N ARG E 294 -13.24 -2.60 6.86
CA ARG E 294 -13.88 -3.49 5.89
C ARG E 294 -15.12 -2.85 5.28
N THR E 295 -14.94 -2.24 4.11
CA THR E 295 -16.03 -1.62 3.35
C THR E 295 -16.05 -2.14 1.93
N VAL E 296 -17.16 -1.92 1.23
CA VAL E 296 -17.29 -2.26 -0.19
C VAL E 296 -17.96 -1.12 -0.96
N GLY E 297 -17.67 -1.04 -2.26
CA GLY E 297 -18.18 0.01 -3.14
C GLY E 297 -17.18 1.13 -3.33
N GLN E 298 -17.68 2.33 -3.62
CA GLN E 298 -16.86 3.54 -3.77
C GLN E 298 -16.84 4.29 -2.44
N CYS E 299 -15.78 4.07 -1.65
CA CYS E 299 -15.74 4.44 -0.23
C CYS E 299 -14.74 5.56 0.06
N PRO E 300 -14.96 6.32 1.16
CA PRO E 300 -13.86 7.11 1.71
C PRO E 300 -12.84 6.17 2.35
N LYS E 301 -11.58 6.60 2.38
CA LYS E 301 -10.48 5.75 2.84
C LYS E 301 -10.45 5.67 4.37
N TYR E 302 -10.23 4.47 4.89
CA TYR E 302 -10.17 4.24 6.34
C TYR E 302 -8.85 4.76 6.92
N VAL E 303 -8.95 5.52 8.01
CA VAL E 303 -7.77 6.05 8.72
C VAL E 303 -7.89 5.81 10.21
N ASN E 304 -6.74 5.68 10.89
CA ASN E 304 -6.68 5.50 12.34
C ASN E 304 -6.69 6.88 13.03
N LYS E 305 -7.80 7.59 12.91
CA LYS E 305 -7.94 8.95 13.46
C LYS E 305 -9.39 9.22 13.86
N LYS E 306 -9.57 9.82 15.03
CA LYS E 306 -10.89 10.30 15.47
C LYS E 306 -11.31 11.54 14.71
N SER E 307 -10.38 12.48 14.56
CA SER E 307 -10.64 13.77 13.92
C SER E 307 -9.42 14.32 13.18
N LEU E 308 -9.67 15.00 12.06
CA LEU E 308 -8.66 15.78 11.34
C LEU E 308 -9.29 17.05 10.81
N MET E 309 -9.07 18.16 11.51
CA MET E 309 -9.72 19.44 11.20
C MET E 309 -8.91 20.21 10.16
N LEU E 310 -9.57 20.55 9.06
CA LEU E 310 -8.99 21.36 7.99
C LEU E 310 -9.37 22.82 8.23
N ALA E 311 -8.37 23.70 8.29
CA ALA E 311 -8.60 25.11 8.58
C ALA E 311 -9.25 25.81 7.39
N THR E 312 -10.29 26.58 7.65
CA THR E 312 -10.99 27.35 6.63
C THR E 312 -10.96 28.84 7.00
N GLY E 313 -9.82 29.27 7.54
CA GLY E 313 -9.67 30.64 7.99
C GLY E 313 -8.30 30.93 8.60
N MET E 314 -8.03 32.22 8.78
CA MET E 314 -6.78 32.72 9.36
C MET E 314 -6.57 32.34 10.83
N ARG E 315 -5.39 32.65 11.35
CA ARG E 315 -5.11 32.58 12.80
C ARG E 315 -6.11 33.45 13.57
N ASN E 316 -6.70 32.90 14.61
CA ASN E 316 -7.60 33.66 15.48
C ASN E 316 -6.77 34.33 16.56
N VAL E 317 -6.68 35.66 16.49
CA VAL E 317 -5.94 36.46 17.48
C VAL E 317 -6.96 37.37 18.18
N PRO E 318 -7.56 36.88 19.28
CA PRO E 318 -8.68 37.60 19.90
C PRO E 318 -8.26 38.83 20.71
N GLU E 319 -9.23 39.70 20.96
CA GLU E 319 -9.02 40.92 21.75
C GLU E 319 -8.95 40.58 23.24
N GLY F 1 4.26 34.91 12.13
CA GLY F 1 4.16 34.03 10.93
C GLY F 1 4.99 34.50 9.75
N LEU F 2 4.83 33.81 8.62
CA LEU F 2 5.70 34.01 7.44
C LEU F 2 5.77 35.44 6.92
N PHE F 3 4.61 36.07 6.76
CA PHE F 3 4.55 37.43 6.21
C PHE F 3 4.49 38.54 7.26
N GLY F 4 4.41 38.14 8.53
CA GLY F 4 4.67 39.04 9.65
C GLY F 4 3.56 40.00 10.07
N ALA F 5 2.37 39.88 9.46
CA ALA F 5 1.27 40.80 9.74
C ALA F 5 0.29 40.22 10.77
N ILE F 6 -0.39 39.14 10.41
CA ILE F 6 -1.38 38.51 11.30
C ILE F 6 -0.64 37.73 12.37
N ALA F 7 -1.01 37.97 13.63
CA ALA F 7 -0.24 37.52 14.80
C ALA F 7 1.22 38.01 14.76
N GLY F 8 1.42 39.22 14.23
CA GLY F 8 2.74 39.81 14.04
C GLY F 8 2.72 41.28 14.40
N PHE F 9 3.02 42.17 13.46
CA PHE F 9 3.01 43.62 13.73
C PHE F 9 1.60 44.18 13.99
N ILE F 10 0.58 43.55 13.40
CA ILE F 10 -0.81 43.81 13.81
C ILE F 10 -1.05 43.01 15.09
N GLU F 11 -1.31 43.72 16.19
CA GLU F 11 -1.32 43.15 17.54
C GLU F 11 -2.44 42.14 17.77
N ASN F 12 -3.63 42.43 17.24
CA ASN F 12 -4.76 41.50 17.35
C ASN F 12 -5.82 41.74 16.28
N GLY F 13 -6.73 40.79 16.14
CA GLY F 13 -7.87 40.91 15.23
C GLY F 13 -9.01 41.71 15.84
N TRP F 14 -9.98 42.06 15.00
CA TRP F 14 -11.15 42.83 15.40
C TRP F 14 -12.41 41.95 15.37
N GLU F 15 -12.94 41.64 16.54
CA GLU F 15 -14.19 40.88 16.66
C GLU F 15 -15.42 41.66 16.17
N GLY F 16 -15.34 43.00 16.20
CA GLY F 16 -16.40 43.87 15.68
C GLY F 16 -16.59 43.85 14.18
N MET F 17 -15.56 43.45 13.43
CA MET F 17 -15.64 43.33 11.97
C MET F 17 -16.26 41.98 11.59
N VAL F 18 -17.57 42.00 11.29
CA VAL F 18 -18.33 40.80 10.93
C VAL F 18 -18.77 40.75 9.46
N ASP F 19 -18.38 41.76 8.66
CA ASP F 19 -18.77 41.88 7.26
C ASP F 19 -17.58 41.71 6.30
N GLY F 20 -16.52 41.05 6.76
CA GLY F 20 -15.30 40.88 5.97
C GLY F 20 -14.14 40.34 6.78
N TRP F 21 -13.11 39.88 6.08
CA TRP F 21 -11.92 39.27 6.69
C TRP F 21 -10.87 40.31 7.01
N TYR F 22 -10.66 41.24 6.07
CA TYR F 22 -9.70 42.33 6.21
C TYR F 22 -10.44 43.67 6.06
N GLY F 23 -9.93 44.71 6.70
CA GLY F 23 -10.54 46.03 6.60
C GLY F 23 -9.75 47.18 7.20
N PHE F 24 -10.37 48.36 7.18
CA PHE F 24 -9.76 49.60 7.62
C PHE F 24 -10.47 50.15 8.86
N ARG F 25 -9.72 50.88 9.69
CA ARG F 25 -10.29 51.69 10.77
C ARG F 25 -9.60 53.05 10.76
N HIS F 26 -10.38 54.12 10.60
CA HIS F 26 -9.81 55.47 10.49
C HIS F 26 -10.11 56.35 11.72
N GLN F 27 -9.43 57.48 11.78
CA GLN F 27 -9.66 58.49 12.81
C GLN F 27 -9.29 59.88 12.28
N ASN F 28 -10.29 60.76 12.21
CA ASN F 28 -10.11 62.14 11.75
C ASN F 28 -10.91 63.10 12.63
N ALA F 29 -10.93 64.38 12.27
CA ALA F 29 -11.73 65.40 13.00
C ALA F 29 -13.22 65.06 13.07
N GLN F 30 -13.76 64.51 11.98
CA GLN F 30 -15.17 64.10 11.92
C GLN F 30 -15.53 62.93 12.84
N GLY F 31 -14.56 62.08 13.16
CA GLY F 31 -14.76 60.96 14.10
C GLY F 31 -13.98 59.72 13.72
N THR F 32 -14.52 58.56 14.08
CA THR F 32 -13.94 57.26 13.74
C THR F 32 -14.92 56.42 12.92
N GLY F 33 -14.40 55.39 12.25
CA GLY F 33 -15.22 54.50 11.43
C GLY F 33 -14.56 53.17 11.14
N GLN F 34 -15.32 52.28 10.50
CA GLN F 34 -14.85 50.94 10.14
C GLN F 34 -15.44 50.51 8.79
N ALA F 35 -14.62 49.85 7.97
CA ALA F 35 -15.06 49.36 6.66
C ALA F 35 -14.22 48.17 6.20
N ALA F 36 -14.89 47.11 5.74
CA ALA F 36 -14.23 45.91 5.24
C ALA F 36 -13.74 46.12 3.81
N ASP F 37 -12.67 45.42 3.44
CA ASP F 37 -12.14 45.42 2.08
C ASP F 37 -12.64 44.16 1.37
N TYR F 38 -13.39 44.36 0.28
CA TYR F 38 -14.03 43.25 -0.44
C TYR F 38 -13.04 42.41 -1.26
N LYS F 39 -12.10 43.06 -1.94
CA LYS F 39 -11.17 42.38 -2.85
C LYS F 39 -10.26 41.38 -2.14
N SER F 40 -9.63 41.83 -1.05
CA SER F 40 -8.73 40.97 -0.27
C SER F 40 -9.47 39.87 0.49
N THR F 41 -10.69 40.18 0.96
CA THR F 41 -11.56 39.19 1.62
C THR F 41 -11.90 38.03 0.68
N GLN F 42 -12.37 38.36 -0.52
CA GLN F 42 -12.75 37.34 -1.52
C GLN F 42 -11.54 36.57 -2.06
N ALA F 43 -10.39 37.23 -2.19
CA ALA F 43 -9.16 36.55 -2.61
C ALA F 43 -8.76 35.43 -1.66
N ALA F 44 -8.92 35.66 -0.36
CA ALA F 44 -8.67 34.65 0.67
C ALA F 44 -9.74 33.56 0.68
N ILE F 45 -11.00 33.94 0.56
CA ILE F 45 -12.13 33.00 0.57
C ILE F 45 -12.13 32.08 -0.67
N ASP F 46 -11.87 32.66 -1.84
CA ASP F 46 -11.81 31.89 -3.09
C ASP F 46 -10.71 30.83 -3.10
N GLN F 47 -9.57 31.12 -2.47
CA GLN F 47 -8.47 30.16 -2.33
C GLN F 47 -8.83 29.01 -1.39
N ILE F 48 -9.49 29.33 -0.28
CA ILE F 48 -9.97 28.31 0.67
C ILE F 48 -11.10 27.45 0.08
N THR F 49 -11.98 28.07 -0.72
CA THR F 49 -13.00 27.34 -1.47
C THR F 49 -12.36 26.34 -2.46
N GLY F 50 -11.26 26.75 -3.10
CA GLY F 50 -10.48 25.89 -3.99
C GLY F 50 -9.86 24.69 -3.29
N LYS F 51 -9.37 24.88 -2.07
CA LYS F 51 -8.86 23.77 -1.24
C LYS F 51 -9.94 22.75 -0.91
N LEU F 52 -11.11 23.25 -0.51
CA LEU F 52 -12.25 22.39 -0.16
C LEU F 52 -12.77 21.58 -1.34
N ASN F 53 -12.81 22.19 -2.53
CA ASN F 53 -13.24 21.50 -3.75
C ASN F 53 -12.29 20.35 -4.14
N ARG F 54 -10.99 20.55 -3.94
CA ARG F 54 -9.99 19.53 -4.22
C ARG F 54 -9.93 18.45 -3.14
N ILE F 55 -9.98 18.85 -1.87
CA ILE F 55 -9.79 17.93 -0.74
C ILE F 55 -11.06 17.10 -0.42
N ILE F 56 -12.22 17.75 -0.39
CA ILE F 56 -13.47 17.09 0.00
C ILE F 56 -14.02 16.25 -1.17
N LYS F 57 -13.45 15.05 -1.33
CA LYS F 57 -13.86 14.11 -2.37
C LYS F 57 -13.34 12.70 -2.08
N LYS F 58 -13.96 11.71 -2.72
CA LYS F 58 -13.50 10.32 -2.67
C LYS F 58 -13.23 9.81 -4.08
N THR F 59 -12.52 8.70 -4.19
CA THR F 59 -12.23 8.09 -5.50
C THR F 59 -13.46 7.34 -6.01
N ASN F 60 -13.51 7.12 -7.32
CA ASN F 60 -14.60 6.37 -7.96
C ASN F 60 -14.31 4.86 -8.14
N THR F 61 -13.24 4.35 -7.51
CA THR F 61 -12.84 2.95 -7.66
C THR F 61 -13.78 2.03 -6.87
N GLU F 62 -14.35 1.05 -7.55
CA GLU F 62 -15.25 0.06 -6.95
C GLU F 62 -14.43 -1.03 -6.27
N PHE F 63 -14.50 -1.10 -4.94
CA PHE F 63 -13.84 -2.16 -4.16
C PHE F 63 -14.85 -3.23 -3.74
N GLU F 64 -14.47 -4.50 -3.96
CA GLU F 64 -15.29 -5.64 -3.55
C GLU F 64 -14.72 -6.27 -2.29
N SER F 65 -15.50 -7.16 -1.68
CA SER F 65 -15.14 -7.80 -0.42
C SER F 65 -14.06 -8.87 -0.60
N ILE F 66 -13.02 -8.79 0.22
CA ILE F 66 -12.00 -9.86 0.33
C ILE F 66 -11.92 -10.49 1.72
N GLU F 67 -12.82 -10.09 2.63
CA GLU F 67 -12.91 -10.63 3.99
C GLU F 67 -14.38 -10.90 4.32
N SER F 68 -14.68 -12.12 4.76
CA SER F 68 -16.04 -12.51 5.10
C SER F 68 -16.42 -11.99 6.49
N GLU F 69 -17.60 -11.37 6.58
CA GLU F 69 -18.14 -10.86 7.85
C GLU F 69 -18.67 -11.98 8.76
N PHE F 70 -19.28 -13.01 8.16
CA PHE F 70 -20.02 -14.04 8.91
C PHE F 70 -19.38 -15.44 8.95
N SER F 71 -18.32 -15.67 8.16
CA SER F 71 -17.67 -16.98 8.11
C SER F 71 -16.15 -16.87 8.13
N GLU F 72 -15.47 -18.01 8.29
CA GLU F 72 -14.01 -18.06 8.33
C GLU F 72 -13.40 -17.96 6.93
N ILE F 73 -12.17 -17.46 6.88
CA ILE F 73 -11.38 -17.37 5.66
C ILE F 73 -10.14 -18.24 5.89
N ASP F 74 -9.52 -18.70 4.80
CA ASP F 74 -8.25 -19.44 4.88
C ASP F 74 -7.20 -18.64 5.67
N HIS F 75 -6.42 -19.34 6.49
CA HIS F 75 -5.53 -18.70 7.47
C HIS F 75 -4.36 -17.95 6.85
N GLN F 76 -3.72 -18.57 5.85
CA GLN F 76 -2.55 -17.99 5.20
C GLN F 76 -2.89 -16.72 4.43
N ILE F 77 -3.92 -16.78 3.60
CA ILE F 77 -4.38 -15.62 2.81
C ILE F 77 -4.98 -14.52 3.72
N GLY F 78 -5.64 -14.93 4.81
CA GLY F 78 -6.17 -13.98 5.81
C GLY F 78 -5.09 -13.14 6.49
N ASN F 79 -3.94 -13.76 6.75
CA ASN F 79 -2.77 -13.05 7.30
C ASN F 79 -2.18 -12.06 6.30
N VAL F 80 -2.09 -12.47 5.03
CA VAL F 80 -1.59 -11.59 3.96
C VAL F 80 -2.53 -10.40 3.77
N ILE F 81 -3.84 -10.65 3.79
CA ILE F 81 -4.85 -9.59 3.68
C ILE F 81 -4.76 -8.61 4.87
N ASN F 82 -4.63 -9.14 6.08
CA ASN F 82 -4.48 -8.33 7.28
C ASN F 82 -3.22 -7.45 7.25
N TRP F 83 -2.10 -8.01 6.81
CA TRP F 83 -0.85 -7.26 6.64
C TRP F 83 -1.02 -6.15 5.59
N THR F 84 -1.63 -6.50 4.46
CA THR F 84 -1.84 -5.56 3.35
C THR F 84 -2.79 -4.41 3.73
N LYS F 85 -3.93 -4.74 4.34
CA LYS F 85 -4.90 -3.73 4.77
C LYS F 85 -4.33 -2.77 5.82
N ASP F 86 -3.59 -3.31 6.78
CA ASP F 86 -2.93 -2.49 7.82
C ASP F 86 -1.83 -1.60 7.24
N SER F 87 -1.10 -2.10 6.24
CA SER F 87 -0.10 -1.30 5.53
C SER F 87 -0.74 -0.15 4.74
N ILE F 88 -1.84 -0.43 4.05
CA ILE F 88 -2.58 0.60 3.29
C ILE F 88 -3.22 1.64 4.23
N THR F 89 -3.71 1.19 5.38
CA THR F 89 -4.29 2.09 6.38
C THR F 89 -3.23 3.01 7.04
N ASP F 90 -2.03 2.47 7.28
CA ASP F 90 -0.90 3.30 7.76
C ASP F 90 -0.52 4.38 6.74
N ILE F 91 -0.57 4.04 5.45
CA ILE F 91 -0.28 4.99 4.37
C ILE F 91 -1.32 6.11 4.34
N TRP F 92 -2.60 5.74 4.29
CA TRP F 92 -3.69 6.73 4.23
C TRP F 92 -3.80 7.61 5.47
N THR F 93 -3.57 7.02 6.64
CA THR F 93 -3.54 7.79 7.90
C THR F 93 -2.39 8.80 7.88
N TYR F 94 -1.23 8.36 7.41
CA TYR F 94 -0.07 9.24 7.25
C TYR F 94 -0.32 10.35 6.21
N GLN F 95 -0.90 9.96 5.08
CA GLN F 95 -1.25 10.93 4.01
C GLN F 95 -2.27 11.97 4.45
N ALA F 96 -3.28 11.53 5.21
CA ALA F 96 -4.33 12.42 5.70
C ALA F 96 -3.79 13.42 6.73
N GLU F 97 -2.91 12.96 7.60
CA GLU F 97 -2.25 13.84 8.59
C GLU F 97 -1.32 14.86 7.94
N LEU F 98 -0.54 14.43 6.94
CA LEU F 98 0.37 15.31 6.22
C LEU F 98 -0.38 16.33 5.36
N LEU F 99 -1.40 15.86 4.65
CA LEU F 99 -2.26 16.73 3.83
C LEU F 99 -2.82 17.88 4.66
N VAL F 100 -3.50 17.54 5.75
CA VAL F 100 -4.20 18.51 6.58
C VAL F 100 -3.20 19.47 7.26
N ALA F 101 -2.08 18.93 7.75
CA ALA F 101 -1.04 19.76 8.38
C ALA F 101 -0.39 20.74 7.39
N MET F 102 -0.12 20.26 6.16
CA MET F 102 0.45 21.09 5.10
C MET F 102 -0.53 22.17 4.62
N GLU F 103 -1.78 21.77 4.38
CA GLU F 103 -2.81 22.70 3.91
C GLU F 103 -3.15 23.78 4.95
N ASN F 104 -3.20 23.39 6.22
CA ASN F 104 -3.44 24.34 7.32
C ASN F 104 -2.31 25.36 7.42
N GLN F 105 -1.07 24.91 7.27
CA GLN F 105 0.10 25.80 7.24
C GLN F 105 -0.01 26.82 6.10
N HIS F 106 -0.38 26.34 4.92
CA HIS F 106 -0.52 27.20 3.73
C HIS F 106 -1.69 28.18 3.86
N THR F 107 -2.84 27.71 4.34
CA THR F 107 -4.03 28.55 4.54
C THR F 107 -3.75 29.74 5.49
N ILE F 108 -3.08 29.43 6.60
CA ILE F 108 -2.71 30.44 7.61
C ILE F 108 -1.74 31.48 7.03
N ASP F 109 -0.71 31.02 6.34
CA ASP F 109 0.29 31.93 5.73
C ASP F 109 -0.26 32.67 4.49
N MET F 110 -1.19 32.05 3.77
CA MET F 110 -1.90 32.70 2.67
C MET F 110 -2.73 33.89 3.18
N ALA F 111 -3.45 33.67 4.26
CA ALA F 111 -4.27 34.72 4.88
C ALA F 111 -3.40 35.87 5.40
N ASP F 112 -2.23 35.53 5.93
CA ASP F 112 -1.22 36.50 6.39
C ASP F 112 -0.71 37.35 5.21
N SER F 113 -0.47 36.71 4.07
CA SER F 113 0.01 37.41 2.88
C SER F 113 -0.99 38.43 2.32
N GLU F 114 -2.27 38.07 2.32
CA GLU F 114 -3.33 38.97 1.85
C GLU F 114 -3.43 40.23 2.70
N MET F 115 -3.26 40.08 4.01
CA MET F 115 -3.18 41.22 4.92
C MET F 115 -2.02 42.15 4.55
N LEU F 116 -0.84 41.56 4.35
CA LEU F 116 0.37 42.32 4.00
C LEU F 116 0.24 43.04 2.65
N ASN F 117 -0.38 42.38 1.67
CA ASN F 117 -0.56 42.97 0.33
C ASN F 117 -1.52 44.16 0.35
N LEU F 118 -2.54 44.10 1.22
CA LEU F 118 -3.43 45.24 1.45
C LEU F 118 -2.67 46.39 2.15
N TYR F 119 -1.85 46.03 3.14
CA TYR F 119 -1.02 46.99 3.86
C TYR F 119 -0.01 47.68 2.93
N GLU F 120 0.67 46.89 2.10
CA GLU F 120 1.63 47.43 1.12
C GLU F 120 0.99 48.29 0.04
N ARG F 121 -0.23 47.93 -0.37
CA ARG F 121 -0.99 48.72 -1.34
C ARG F 121 -1.31 50.12 -0.78
N VAL F 122 -1.76 50.16 0.47
CA VAL F 122 -2.09 51.43 1.15
C VAL F 122 -0.83 52.30 1.36
N ARG F 123 0.28 51.68 1.75
CA ARG F 123 1.56 52.38 1.92
C ARG F 123 1.99 53.14 0.66
N LYS F 124 1.86 52.48 -0.49
CA LYS F 124 2.28 53.07 -1.77
C LYS F 124 1.32 54.13 -2.31
N GLN F 125 0.02 54.00 -2.01
CA GLN F 125 -0.96 55.06 -2.30
C GLN F 125 -0.58 56.37 -1.61
N LEU F 126 -0.39 56.27 -0.29
CA LEU F 126 -0.09 57.43 0.56
C LEU F 126 1.26 58.07 0.23
N ARG F 127 2.20 57.25 -0.24
CA ARG F 127 3.49 57.73 -0.76
C ARG F 127 4.25 58.51 0.33
N GLN F 128 4.47 59.82 0.16
CA GLN F 128 5.23 60.62 1.14
C GLN F 128 4.32 61.43 2.06
N ASN F 129 3.00 61.18 2.02
CA ASN F 129 2.04 61.93 2.83
C ASN F 129 1.73 61.29 4.19
N ALA F 130 2.31 60.11 4.45
CA ALA F 130 2.09 59.40 5.71
C ALA F 130 3.33 58.60 6.13
N GLU F 131 3.30 58.12 7.38
CA GLU F 131 4.37 57.30 7.94
C GLU F 131 3.77 56.13 8.73
N GLU F 132 4.52 55.02 8.75
CA GLU F 132 4.08 53.80 9.44
C GLU F 132 4.36 53.92 10.93
N ASP F 133 3.41 53.49 11.77
CA ASP F 133 3.58 53.52 13.23
C ASP F 133 4.06 52.19 13.84
N GLY F 134 4.21 51.15 13.00
CA GLY F 134 4.68 49.85 13.46
C GLY F 134 3.62 48.88 13.94
N LYS F 135 2.38 49.35 14.08
CA LYS F 135 1.26 48.53 14.57
C LYS F 135 0.23 48.23 13.48
N GLY F 136 0.58 48.48 12.22
CA GLY F 136 -0.35 48.32 11.10
C GLY F 136 -1.10 49.57 10.69
N CYS F 137 -0.86 50.70 11.36
CA CYS F 137 -1.52 51.97 11.04
C CYS F 137 -0.57 52.94 10.33
N PHE F 138 -1.18 53.88 9.60
CA PHE F 138 -0.46 54.95 8.93
C PHE F 138 -0.89 56.28 9.53
N GLU F 139 0.07 57.03 10.07
CA GLU F 139 -0.18 58.38 10.56
C GLU F 139 -0.09 59.36 9.39
N ILE F 140 -1.24 59.90 8.98
CA ILE F 140 -1.35 60.76 7.82
C ILE F 140 -1.10 62.21 8.25
N TYR F 141 -0.16 62.89 7.59
CA TYR F 141 0.24 64.25 7.96
C TYR F 141 -0.52 65.35 7.20
N HIS F 142 -1.83 65.16 7.04
CA HIS F 142 -2.71 66.20 6.49
C HIS F 142 -4.15 65.93 6.89
N ALA F 143 -4.99 66.97 6.79
CA ALA F 143 -6.41 66.84 7.08
C ALA F 143 -7.06 65.90 6.08
N CYS F 144 -7.56 64.77 6.56
CA CYS F 144 -8.15 63.74 5.71
C CYS F 144 -9.58 63.42 6.20
N ASP F 145 -10.55 64.08 5.57
CA ASP F 145 -11.98 63.89 5.88
C ASP F 145 -12.51 62.52 5.41
N ASP F 146 -13.79 62.24 5.69
CA ASP F 146 -14.42 60.96 5.30
C ASP F 146 -14.36 60.64 3.80
N SER F 147 -14.40 61.67 2.96
CA SER F 147 -14.22 61.50 1.51
C SER F 147 -12.77 61.17 1.14
N CYS F 148 -11.82 61.78 1.84
CA CYS F 148 -10.39 61.46 1.69
C CYS F 148 -10.09 60.02 2.12
N MET F 149 -10.67 59.60 3.24
CA MET F 149 -10.53 58.22 3.74
C MET F 149 -11.15 57.20 2.79
N GLU F 150 -12.31 57.53 2.21
CA GLU F 150 -12.96 56.68 1.22
C GLU F 150 -12.12 56.50 -0.05
N SER F 151 -11.40 57.56 -0.46
CA SER F 151 -10.51 57.49 -1.61
C SER F 151 -9.27 56.61 -1.38
N ILE F 152 -8.83 56.51 -0.12
CA ILE F 152 -7.75 55.59 0.28
C ILE F 152 -8.25 54.14 0.22
N ARG F 153 -9.44 53.88 0.75
CA ARG F 153 -10.06 52.55 0.74
C ARG F 153 -10.45 52.08 -0.67
N ASN F 154 -10.92 53.01 -1.50
CA ASN F 154 -11.36 52.70 -2.88
C ASN F 154 -10.24 52.80 -3.93
N ASN F 155 -9.01 53.12 -3.49
CA ASN F 155 -7.83 53.17 -4.36
C ASN F 155 -7.89 54.30 -5.40
N THR F 156 -8.41 55.45 -4.98
CA THR F 156 -8.48 56.66 -5.83
C THR F 156 -7.85 57.88 -5.14
N TYR F 157 -7.01 57.64 -4.14
CA TYR F 157 -6.31 58.70 -3.40
C TYR F 157 -5.13 59.19 -4.24
N ASP F 158 -5.19 60.45 -4.67
CA ASP F 158 -4.09 61.08 -5.40
C ASP F 158 -3.20 61.83 -4.41
N HIS F 159 -1.97 61.32 -4.23
CA HIS F 159 -1.02 61.86 -3.23
C HIS F 159 -0.57 63.29 -3.52
N SER F 160 -0.46 63.63 -4.81
CA SER F 160 0.07 64.93 -5.24
C SER F 160 -0.81 66.13 -4.84
N GLN F 161 -2.09 65.88 -4.57
CA GLN F 161 -3.01 66.92 -4.08
C GLN F 161 -2.67 67.33 -2.64
N TYR F 162 -2.32 66.35 -1.79
CA TYR F 162 -2.00 66.60 -0.38
C TYR F 162 -0.50 66.66 -0.06
N ARG F 163 0.35 66.59 -1.09
CA ARG F 163 1.81 66.46 -0.89
C ARG F 163 2.43 67.68 -0.20
N GLU F 164 2.02 68.88 -0.61
CA GLU F 164 2.61 70.12 -0.09
C GLU F 164 2.26 70.37 1.38
N GLU F 165 1.02 70.06 1.77
CA GLU F 165 0.60 70.12 3.18
C GLU F 165 1.38 69.10 4.03
N ALA F 166 1.60 67.90 3.48
CA ALA F 166 2.21 66.80 4.23
C ALA F 166 3.71 66.97 4.48
N LEU F 167 4.44 67.40 3.46
CA LEU F 167 5.88 67.63 3.60
C LEU F 167 6.23 68.75 4.59
N LEU F 168 5.36 69.76 4.70
CA LEU F 168 5.54 70.82 5.71
C LEU F 168 5.32 70.30 7.13
N ASN F 169 4.26 69.52 7.32
CA ASN F 169 3.93 68.93 8.63
C ASN F 169 4.96 67.88 9.08
N ARG F 170 5.48 67.09 8.14
CA ARG F 170 6.48 66.05 8.45
C ARG F 170 7.84 66.63 8.86
N LEU F 171 8.29 67.68 8.15
CA LEU F 171 9.59 68.31 8.42
C LEU F 171 9.58 69.31 9.60
N ASN F 172 8.40 69.61 10.15
CA ASN F 172 8.30 70.42 11.38
C ASN F 172 6.97 70.15 12.10
C1 GAL G . 17.13 -52.00 12.74
C2 GAL G . 18.12 -52.74 13.64
C3 GAL G . 17.41 -53.39 14.81
C4 GAL G . 16.53 -52.37 15.54
C5 GAL G . 15.61 -51.64 14.57
C6 GAL G . 14.79 -50.53 15.23
O1 GAL G . 17.84 -51.31 11.72
O2 GAL G . 18.79 -53.75 12.87
O3 GAL G . 18.36 -53.96 15.72
O4 GAL G . 17.36 -51.42 16.23
O5 GAL G . 16.39 -51.04 13.52
O6 GAL G . 14.19 -51.01 16.45
C1 SIA G . 13.43 -48.84 17.23
C2 SIA G . 13.06 -50.30 16.98
C3 SIA G . 12.67 -51.03 18.27
C4 SIA G . 11.30 -50.58 18.80
C5 SIA G . 10.23 -50.73 17.72
C6 SIA G . 10.67 -49.98 16.46
C7 SIA G . 9.70 -50.14 15.27
C8 SIA G . 10.23 -49.52 13.98
C9 SIA G . 9.14 -49.43 12.94
C10 SIA G . 7.78 -50.47 18.01
C11 SIA G . 6.71 -49.64 18.67
N5 SIA G . 9.04 -50.07 18.25
O1A SIA G . 13.13 -47.99 16.38
O1B SIA G . 14.05 -48.54 18.28
O4 SIA G . 10.95 -51.37 19.94
O6 SIA G . 11.97 -50.41 16.04
O7 SIA G . 9.44 -51.53 15.03
O8 SIA G . 10.76 -48.20 14.23
O9 SIA G . 9.68 -48.89 11.73
O10 SIA G . 7.51 -51.43 17.31
C1 NAG H . 10.81 -12.88 -2.75
C2 NAG H . 11.28 -14.05 -3.59
C3 NAG H . 12.52 -14.71 -2.99
C4 NAG H . 13.58 -13.67 -2.63
C5 NAG H . 12.98 -12.56 -1.78
C6 NAG H . 13.98 -11.45 -1.44
C7 NAG H . 9.81 -15.59 -4.86
C8 NAG H . 8.70 -16.59 -4.74
N2 NAG H . 10.22 -15.05 -3.71
O3 NAG H . 13.06 -15.65 -3.92
O4 NAG H . 14.64 -14.32 -1.89
O5 NAG H . 11.89 -11.98 -2.49
O6 NAG H . 14.34 -10.74 -2.64
O7 NAG H . 10.29 -15.32 -5.95
C1 NAG H . 15.91 -14.27 -2.56
C2 NAG H . 17.02 -14.58 -1.56
C3 NAG H . 18.38 -14.54 -2.26
C4 NAG H . 18.40 -15.39 -3.52
C5 NAG H . 17.17 -15.13 -4.41
C6 NAG H . 17.08 -16.14 -5.56
C7 NAG H . 16.37 -13.81 0.70
C8 NAG H . 16.50 -12.68 1.68
N2 NAG H . 17.01 -13.62 -0.47
O3 NAG H . 19.39 -15.01 -1.35
O4 NAG H . 19.60 -15.08 -4.25
O5 NAG H . 15.97 -15.19 -3.65
O6 NAG H . 16.80 -15.45 -6.79
O7 NAG H . 15.72 -14.81 0.97
C1 NAG I . -12.31 -41.36 -26.37
C2 NAG I . -10.83 -41.03 -26.50
C3 NAG I . -10.27 -41.59 -27.80
C4 NAG I . -10.59 -43.08 -27.94
C5 NAG I . -12.09 -43.33 -27.72
C6 NAG I . -12.43 -44.81 -27.75
C7 NAG I . -9.85 -38.78 -25.97
C8 NAG I . -8.80 -39.39 -25.07
N2 NAG I . -10.73 -39.57 -26.59
O1 NAG I . -12.83 -40.89 -25.13
O3 NAG I . -8.85 -41.41 -27.85
O4 NAG I . -10.22 -43.52 -29.26
O5 NAG I . -12.50 -42.78 -26.46
O6 NAG I . -11.78 -45.50 -26.67
O7 NAG I . -9.88 -37.57 -26.14
C1 GAL I . -9.34 -44.65 -29.28
C2 GAL I . -9.34 -45.26 -30.67
C3 GAL I . -8.33 -46.39 -30.80
C4 GAL I . -6.96 -45.92 -30.31
C5 GAL I . -7.04 -45.29 -28.92
C6 GAL I . -5.73 -44.66 -28.46
O2 GAL I . -10.65 -45.75 -30.98
O3 GAL I . -8.24 -46.84 -32.14
O4 GAL I . -6.41 -44.97 -31.24
O5 GAL I . -8.03 -44.24 -28.91
O6 GAL I . -4.60 -45.53 -28.73
C1 SIA I . -2.93 -43.82 -28.33
C2 SIA I . -3.37 -45.24 -28.05
C3 SIA I . -2.34 -46.27 -28.53
C4 SIA I . -1.07 -46.26 -27.69
C5 SIA I . -1.41 -46.45 -26.21
C6 SIA I . -2.45 -45.41 -25.76
C7 SIA I . -2.95 -45.56 -24.31
C8 SIA I . -4.21 -44.75 -24.05
C9 SIA I . -4.49 -44.63 -22.56
C10 SIA I . 0.17 -46.77 -24.33
C11 SIA I . 1.50 -46.37 -23.76
N5 SIA I . -0.16 -46.19 -25.48
O1A SIA I . -3.23 -42.91 -27.53
O1B SIA I . -2.29 -43.57 -29.38
O4 SIA I . -0.18 -47.28 -28.12
O6 SIA I . -3.58 -45.45 -26.64
O7 SIA I . -3.22 -46.94 -24.03
O8 SIA I . -4.09 -43.43 -24.59
O9 SIA I . -5.79 -44.05 -22.37
O10 SIA I . -0.55 -47.56 -23.74
C1 NAG J . -9.72 -8.74 -11.52
C2 NAG J . -10.83 -9.73 -11.86
C3 NAG J . -10.92 -9.96 -13.38
C4 NAG J . -10.93 -8.65 -14.17
C5 NAG J . -9.80 -7.73 -13.70
C6 NAG J . -9.83 -6.37 -14.39
C7 NAG J . -11.32 -11.51 -10.21
C8 NAG J . -10.88 -12.85 -9.71
N2 NAG J . -10.59 -11.01 -11.22
O3 NAG J . -12.11 -10.70 -13.68
O4 NAG J . -10.77 -8.93 -15.56
O5 NAG J . -9.88 -7.54 -12.30
O6 NAG J . -10.97 -5.61 -13.95
O7 NAG J . -12.28 -10.94 -9.71
C1 NAG J . -11.91 -8.56 -16.38
C2 NAG J . -11.48 -8.43 -17.83
C3 NAG J . -12.68 -8.07 -18.71
C4 NAG J . -13.85 -9.01 -18.48
C5 NAG J . -14.16 -9.18 -16.98
C6 NAG J . -15.20 -10.26 -16.73
C7 NAG J . -9.13 -7.69 -18.08
C8 NAG J . -8.25 -6.49 -18.23
N2 NAG J . -10.44 -7.41 -17.98
O3 NAG J . -12.29 -8.13 -20.09
O4 NAG J . -15.00 -8.49 -19.16
O5 NAG J . -12.96 -9.53 -16.26
O6 NAG J . -16.23 -9.77 -15.85
O7 NAG J . -8.67 -8.81 -18.06
C1 GAL K . -34.71 -42.39 12.80
C2 GAL K . -36.02 -42.95 13.36
C3 GAL K . -36.99 -43.28 12.23
C4 GAL K . -37.15 -42.09 11.28
C5 GAL K . -35.77 -41.61 10.81
C6 GAL K . -35.85 -40.38 9.89
O1 GAL K . -33.88 -41.98 13.88
O2 GAL K . -35.75 -44.13 14.13
O3 GAL K . -38.27 -43.63 12.77
O4 GAL K . -37.84 -41.03 11.95
O5 GAL K . -34.98 -41.28 11.95
O6 GAL K . -36.76 -40.64 8.81
C1 SIA K . -36.31 -38.63 7.56
C2 SIA K . -36.42 -40.14 7.51
C3 SIA K . -37.55 -40.61 6.57
C4 SIA K . -37.19 -40.48 5.09
C5 SIA K . -35.86 -41.17 4.79
C6 SIA K . -34.78 -40.60 5.73
C7 SIA K . -33.40 -41.23 5.55
C8 SIA K . -32.43 -40.86 6.68
C9 SIA K . -31.00 -41.18 6.30
C10 SIA K . -34.90 -41.60 2.55
C11 SIA K . -34.63 -41.01 1.20
N5 SIA K . -35.50 -40.79 3.43
O1A SIA K . -37.35 -37.92 7.55
O1B SIA K . -35.18 -38.10 7.63
O4 SIA K . -38.23 -41.05 4.29
O6 SIA K . -35.19 -40.75 7.10
O7 SIA K . -33.50 -42.66 5.49
O8 SIA K . -32.54 -39.46 7.00
O9 SIA K . -30.13 -40.77 7.37
O10 SIA K . -34.58 -42.75 2.81
CA CA L . -3.19 -12.99 12.05
CA CA M . 9.92 -13.64 -7.52
C1 NAG N . -16.49 28.19 8.81
C2 NAG N . -17.19 27.24 7.83
C3 NAG N . -18.71 27.41 7.86
C4 NAG N . -19.10 28.84 7.48
C5 NAG N . -18.05 29.87 7.94
C6 NAG N . -18.72 31.18 8.37
C7 NAG N . -16.77 26.43 5.54
C8 NAG N . -16.22 26.77 4.19
N2 NAG N . -16.70 27.39 6.46
O3 NAG N . -19.20 27.12 9.17
O4 NAG N . -19.24 28.92 6.06
O5 NAG N . -17.29 29.38 9.04
O6 NAG N . -19.46 31.75 7.29
O7 NAG N . -17.25 25.32 5.76
C1 NAG O . -7.21 -10.70 10.75
C2 NAG O . -7.03 -11.99 11.56
C3 NAG O . -8.20 -12.25 12.50
C4 NAG O . -8.58 -11.00 13.29
C5 NAG O . -8.84 -9.85 12.32
C6 NAG O . -9.26 -8.55 13.01
C7 NAG O . -5.97 -14.10 10.83
C8 NAG O . -5.98 -15.18 9.78
N2 NAG O . -6.87 -13.13 10.66
O3 NAG O . -7.87 -13.31 13.41
O4 NAG O . -9.74 -11.26 14.09
O5 NAG O . -7.64 -9.61 11.57
O6 NAG O . -8.20 -8.11 13.88
O7 NAG O . -5.19 -14.16 11.76
#